data_2M0U
#
_entry.id   2M0U
#
loop_
_entity.id
_entity.type
_entity.pdbx_description
1 polymer 'Na(+)/H(+) exchange regulatory cofactor NHE-RF1'
2 polymer 'C-terminal CFTR peptide'
#
loop_
_entity_poly.entity_id
_entity_poly.type
_entity_poly.pdbx_seq_one_letter_code
_entity_poly.pdbx_strand_id
1 'polypeptide(L)'
;GIDPFTMLPRLCCLEKGPNGYGFHLHGEKGKLGQYIRLVEPGSPAEKAGLLAGDRLVEVNGENVEKETHQQVVSRIRAAL
NAVRLLVVDPETDEQLQKLGVQVREELLRAQEAPGQA
;
A
2 'polypeptide(L)' QDTRL B
#
# COMPACT_ATOMS: atom_id res chain seq x y z
N GLY A 1 12.69 17.39 19.46
CA GLY A 1 11.31 17.38 20.01
C GLY A 1 10.82 15.97 20.22
N ILE A 2 9.51 15.82 20.41
CA ILE A 2 8.92 14.50 20.58
C ILE A 2 8.33 14.00 19.27
N ASP A 3 8.79 12.84 18.84
CA ASP A 3 8.25 12.18 17.66
C ASP A 3 7.26 11.10 18.08
N PRO A 4 6.09 11.07 17.43
CA PRO A 4 5.05 10.06 17.70
C PRO A 4 5.49 8.68 17.24
N PHE A 5 4.58 7.71 17.34
CA PHE A 5 4.89 6.34 16.99
C PHE A 5 4.85 6.16 15.47
N THR A 6 5.95 6.49 14.82
CA THR A 6 6.07 6.31 13.38
C THR A 6 6.28 4.84 13.05
N MET A 7 5.18 4.13 12.91
CA MET A 7 5.19 2.74 12.48
C MET A 7 3.76 2.32 12.21
N LEU A 8 3.18 2.89 11.16
CA LEU A 8 1.76 2.72 10.89
C LEU A 8 1.43 2.68 9.39
N PRO A 9 1.98 1.72 8.65
CA PRO A 9 1.58 1.46 7.26
C PRO A 9 0.07 1.31 7.15
N ARG A 10 -0.55 2.18 6.36
CA ARG A 10 -1.99 2.24 6.28
C ARG A 10 -2.53 1.26 5.26
N LEU A 11 -3.50 0.48 5.68
CA LEU A 11 -4.14 -0.49 4.80
C LEU A 11 -5.35 0.15 4.14
N CYS A 12 -5.27 0.27 2.84
CA CYS A 12 -6.34 0.88 2.07
C CYS A 12 -7.11 -0.18 1.29
N CYS A 13 -8.34 -0.45 1.70
CA CYS A 13 -9.19 -1.36 0.95
C CYS A 13 -9.79 -0.64 -0.24
N LEU A 14 -9.28 -0.95 -1.42
CA LEU A 14 -9.71 -0.27 -2.65
C LEU A 14 -10.86 -1.03 -3.29
N GLU A 15 -11.92 -0.29 -3.57
CA GLU A 15 -13.12 -0.83 -4.18
C GLU A 15 -13.01 -0.80 -5.70
N LYS A 16 -13.49 -1.86 -6.33
CA LYS A 16 -13.59 -1.90 -7.78
C LYS A 16 -14.63 -0.90 -8.26
N GLY A 17 -14.16 0.22 -8.76
CA GLY A 17 -15.04 1.26 -9.26
C GLY A 17 -15.54 0.95 -10.65
N PRO A 18 -15.47 1.92 -11.57
CA PRO A 18 -15.96 1.75 -12.95
C PRO A 18 -15.27 0.60 -13.67
N ASN A 19 -13.95 0.65 -13.75
CA ASN A 19 -13.19 -0.37 -14.47
C ASN A 19 -11.83 -0.60 -13.82
N GLY A 20 -11.75 -0.31 -12.53
CA GLY A 20 -10.50 -0.39 -11.82
C GLY A 20 -10.58 0.29 -10.48
N TYR A 21 -9.51 0.97 -10.08
CA TYR A 21 -9.45 1.58 -8.76
C TYR A 21 -9.14 3.07 -8.84
N GLY A 22 -8.46 3.47 -9.90
CA GLY A 22 -8.33 4.89 -10.20
C GLY A 22 -7.01 5.50 -9.78
N PHE A 23 -5.91 4.78 -9.94
CA PHE A 23 -4.61 5.36 -9.70
C PHE A 23 -3.60 4.86 -10.73
N HIS A 24 -2.55 5.64 -10.93
CA HIS A 24 -1.49 5.29 -11.86
C HIS A 24 -0.26 4.92 -11.05
N LEU A 25 0.18 3.69 -11.17
CA LEU A 25 1.33 3.24 -10.40
C LEU A 25 2.56 3.23 -11.29
N HIS A 26 3.65 3.81 -10.82
CA HIS A 26 4.89 3.80 -11.56
C HIS A 26 5.87 2.87 -10.88
N GLY A 27 6.60 2.12 -11.66
CA GLY A 27 7.51 1.16 -11.10
C GLY A 27 8.84 1.19 -11.80
N GLU A 28 9.90 1.05 -11.04
CA GLU A 28 11.22 1.03 -11.61
C GLU A 28 11.47 -0.36 -12.16
N LYS A 29 12.18 -0.43 -13.27
CA LYS A 29 12.30 -1.67 -14.03
C LYS A 29 13.29 -2.64 -13.40
N GLY A 30 12.94 -3.10 -12.21
CA GLY A 30 13.69 -4.13 -11.54
C GLY A 30 12.73 -5.07 -10.82
N LYS A 31 12.62 -4.91 -9.51
CA LYS A 31 11.62 -5.63 -8.74
C LYS A 31 11.05 -4.74 -7.67
N LEU A 32 11.86 -4.44 -6.68
CA LEU A 32 11.44 -3.62 -5.56
C LEU A 32 11.52 -2.15 -5.90
N GLY A 33 10.36 -1.52 -5.89
CA GLY A 33 10.27 -0.12 -6.22
C GLY A 33 8.99 0.22 -6.95
N GLN A 34 7.87 -0.01 -6.29
CA GLN A 34 6.57 0.30 -6.86
C GLN A 34 5.94 1.47 -6.10
N TYR A 35 5.71 2.58 -6.79
CA TYR A 35 5.22 3.80 -6.15
C TYR A 35 4.03 4.36 -6.92
N ILE A 36 3.15 5.06 -6.23
CA ILE A 36 1.99 5.67 -6.87
C ILE A 36 2.41 6.94 -7.58
N ARG A 37 2.03 7.06 -8.83
CA ARG A 37 2.48 8.14 -9.69
C ARG A 37 1.45 9.26 -9.73
N LEU A 38 0.19 8.87 -9.80
CA LEU A 38 -0.90 9.83 -9.89
C LEU A 38 -2.21 9.17 -9.46
N VAL A 39 -3.05 9.91 -8.76
CA VAL A 39 -4.33 9.39 -8.30
C VAL A 39 -5.47 10.14 -8.98
N GLU A 40 -6.50 9.40 -9.35
CA GLU A 40 -7.68 9.99 -9.96
C GLU A 40 -8.57 10.54 -8.84
N PRO A 41 -8.89 11.85 -8.91
CA PRO A 41 -9.74 12.50 -7.90
C PRO A 41 -11.11 11.83 -7.79
N GLY A 42 -11.52 11.16 -8.85
CA GLY A 42 -12.78 10.45 -8.84
C GLY A 42 -12.58 8.94 -8.72
N SER A 43 -11.73 8.53 -7.79
CA SER A 43 -11.46 7.12 -7.58
C SER A 43 -11.79 6.70 -6.15
N PRO A 44 -12.08 5.41 -5.93
CA PRO A 44 -12.21 4.84 -4.59
C PRO A 44 -10.84 4.73 -3.92
N ALA A 45 -9.78 4.88 -4.70
CA ALA A 45 -8.42 4.79 -4.21
C ALA A 45 -8.09 5.94 -3.27
N GLU A 46 -8.43 7.16 -3.69
CA GLU A 46 -8.08 8.34 -2.92
C GLU A 46 -8.80 8.39 -1.56
N LYS A 47 -10.05 7.93 -1.53
CA LYS A 47 -10.80 7.93 -0.28
C LYS A 47 -10.31 6.85 0.67
N ALA A 48 -9.68 5.82 0.10
CA ALA A 48 -9.11 4.74 0.89
C ALA A 48 -7.88 5.23 1.64
N GLY A 49 -7.40 6.40 1.25
CA GLY A 49 -6.23 6.97 1.90
C GLY A 49 -4.96 6.74 1.10
N LEU A 50 -5.12 6.33 -0.15
CA LEU A 50 -3.99 6.13 -1.03
C LEU A 50 -3.60 7.46 -1.69
N LEU A 51 -2.35 7.84 -1.54
CA LEU A 51 -1.86 9.13 -2.03
C LEU A 51 -0.99 8.95 -3.27
N ALA A 52 -0.79 10.03 -4.00
CA ALA A 52 -0.02 10.00 -5.24
C ALA A 52 1.47 10.10 -4.95
N GLY A 53 1.91 9.46 -3.88
CA GLY A 53 3.30 9.46 -3.50
C GLY A 53 3.61 8.40 -2.49
N ASP A 54 2.86 7.30 -2.54
CA ASP A 54 3.04 6.21 -1.61
C ASP A 54 3.72 5.04 -2.30
N ARG A 55 4.23 4.10 -1.52
CA ARG A 55 4.80 2.88 -2.08
C ARG A 55 3.99 1.67 -1.65
N LEU A 56 3.74 0.77 -2.59
CA LEU A 56 2.98 -0.44 -2.31
C LEU A 56 3.93 -1.54 -1.86
N VAL A 57 3.69 -2.04 -0.66
CA VAL A 57 4.53 -3.09 -0.11
C VAL A 57 3.82 -4.45 -0.14
N GLU A 58 2.55 -4.47 0.24
CA GLU A 58 1.82 -5.73 0.34
C GLU A 58 0.46 -5.62 -0.32
N VAL A 59 -0.02 -6.76 -0.81
CA VAL A 59 -1.38 -6.85 -1.34
C VAL A 59 -2.16 -7.88 -0.55
N ASN A 60 -3.19 -7.42 0.16
CA ASN A 60 -4.08 -8.29 0.92
C ASN A 60 -3.39 -8.96 2.11
N GLY A 61 -2.12 -8.65 2.32
CA GLY A 61 -1.40 -9.18 3.46
C GLY A 61 -0.10 -9.84 3.09
N GLU A 62 0.12 -10.05 1.79
CA GLU A 62 1.36 -10.68 1.32
C GLU A 62 2.21 -9.68 0.55
N ASN A 63 3.52 -9.79 0.70
CA ASN A 63 4.44 -8.82 0.10
C ASN A 63 4.54 -9.00 -1.40
N VAL A 64 4.50 -7.89 -2.11
CA VAL A 64 4.55 -7.92 -3.57
C VAL A 64 5.75 -7.13 -4.11
N GLU A 65 6.78 -6.96 -3.29
CA GLU A 65 7.95 -6.19 -3.70
C GLU A 65 8.88 -7.03 -4.59
N LYS A 66 8.89 -8.33 -4.40
CA LYS A 66 9.84 -9.17 -5.12
C LYS A 66 9.22 -9.70 -6.40
N GLU A 67 8.05 -9.18 -6.74
CA GLU A 67 7.35 -9.54 -7.97
C GLU A 67 7.92 -8.75 -9.13
N THR A 68 7.18 -8.67 -10.22
CA THR A 68 7.53 -7.77 -11.31
C THR A 68 6.50 -6.65 -11.37
N HIS A 69 6.80 -5.58 -12.09
CA HIS A 69 5.88 -4.45 -12.16
C HIS A 69 4.51 -4.92 -12.65
N GLN A 70 4.52 -5.78 -13.66
CA GLN A 70 3.30 -6.38 -14.19
C GLN A 70 2.57 -7.17 -13.12
N GLN A 71 3.31 -8.01 -12.39
CA GLN A 71 2.71 -8.89 -11.40
C GLN A 71 2.11 -8.09 -10.24
N VAL A 72 2.77 -7.00 -9.87
CA VAL A 72 2.26 -6.12 -8.82
C VAL A 72 0.91 -5.55 -9.21
N VAL A 73 0.82 -5.03 -10.43
CA VAL A 73 -0.43 -4.49 -10.93
C VAL A 73 -1.49 -5.59 -11.05
N SER A 74 -1.04 -6.77 -11.46
CA SER A 74 -1.92 -7.92 -11.61
C SER A 74 -2.51 -8.35 -10.27
N ARG A 75 -1.72 -8.19 -9.19
CA ARG A 75 -2.18 -8.52 -7.84
C ARG A 75 -3.45 -7.74 -7.50
N ILE A 76 -3.41 -6.46 -7.79
CA ILE A 76 -4.51 -5.56 -7.51
C ILE A 76 -5.70 -5.85 -8.43
N ARG A 77 -5.40 -6.14 -9.69
CA ARG A 77 -6.43 -6.41 -10.69
C ARG A 77 -7.13 -7.75 -10.44
N ALA A 78 -6.44 -8.66 -9.77
CA ALA A 78 -6.98 -9.99 -9.51
C ALA A 78 -8.15 -9.96 -8.55
N ALA A 79 -8.36 -8.81 -7.91
CA ALA A 79 -9.44 -8.65 -6.97
C ALA A 79 -10.73 -8.31 -7.68
N LEU A 80 -11.79 -9.02 -7.31
CA LEU A 80 -13.10 -8.82 -7.91
C LEU A 80 -13.72 -7.52 -7.44
N ASN A 81 -13.97 -7.43 -6.14
CA ASN A 81 -14.63 -6.25 -5.57
C ASN A 81 -13.64 -5.42 -4.75
N ALA A 82 -13.12 -6.00 -3.68
CA ALA A 82 -12.27 -5.26 -2.76
C ALA A 82 -10.92 -5.93 -2.61
N VAL A 83 -9.89 -5.11 -2.53
CA VAL A 83 -8.53 -5.57 -2.31
C VAL A 83 -7.85 -4.67 -1.27
N ARG A 84 -7.09 -5.27 -0.36
CA ARG A 84 -6.44 -4.50 0.69
C ARG A 84 -5.04 -4.10 0.26
N LEU A 85 -4.86 -2.81 0.00
CA LEU A 85 -3.57 -2.29 -0.43
C LEU A 85 -2.83 -1.71 0.76
N LEU A 86 -1.71 -2.29 1.13
CA LEU A 86 -0.93 -1.75 2.22
C LEU A 86 0.08 -0.77 1.65
N VAL A 87 -0.05 0.49 2.05
CA VAL A 87 0.80 1.53 1.49
C VAL A 87 1.45 2.35 2.60
N VAL A 88 2.61 2.91 2.28
CA VAL A 88 3.34 3.73 3.23
C VAL A 88 4.11 4.81 2.48
N ASP A 89 4.28 5.95 3.12
CA ASP A 89 5.05 7.04 2.56
C ASP A 89 6.51 6.62 2.50
N PRO A 90 7.16 6.78 1.33
CA PRO A 90 8.56 6.40 1.13
C PRO A 90 9.49 7.12 2.11
N GLU A 91 9.09 8.31 2.51
CA GLU A 91 9.83 9.09 3.49
C GLU A 91 9.71 8.42 4.87
N THR A 92 8.50 7.99 5.19
CA THR A 92 8.23 7.34 6.46
C THR A 92 8.83 5.94 6.47
N ASP A 93 8.91 5.33 5.29
CA ASP A 93 9.45 3.96 5.14
C ASP A 93 10.90 3.91 5.65
N GLU A 94 11.61 5.01 5.46
CA GLU A 94 12.98 5.14 5.94
C GLU A 94 13.04 4.94 7.46
N GLN A 95 12.10 5.56 8.16
CA GLN A 95 12.00 5.41 9.60
C GLN A 95 11.49 4.02 9.98
N LEU A 96 10.50 3.54 9.23
CA LEU A 96 9.82 2.29 9.54
C LEU A 96 10.74 1.08 9.42
N GLN A 97 11.54 1.06 8.36
CA GLN A 97 12.44 -0.05 8.09
C GLN A 97 13.44 -0.24 9.25
N LYS A 98 13.83 0.87 9.87
CA LYS A 98 14.76 0.83 11.00
C LYS A 98 14.11 0.21 12.24
N LEU A 99 12.78 0.18 12.27
CA LEU A 99 12.07 -0.42 13.38
C LEU A 99 11.86 -1.90 13.11
N GLY A 100 11.37 -2.20 11.91
CA GLY A 100 11.30 -3.57 11.42
C GLY A 100 10.42 -4.49 12.23
N VAL A 101 9.53 -3.92 13.03
CA VAL A 101 8.63 -4.73 13.86
C VAL A 101 7.50 -5.32 13.03
N GLN A 102 6.73 -6.20 13.66
CA GLN A 102 5.60 -6.86 13.03
C GLN A 102 4.41 -5.92 12.86
N VAL A 103 4.65 -4.84 12.15
CA VAL A 103 3.62 -3.85 11.88
C VAL A 103 2.75 -4.28 10.69
N ARG A 104 3.08 -5.43 10.13
CA ARG A 104 2.50 -5.88 8.88
C ARG A 104 0.99 -6.05 9.01
N GLU A 105 0.55 -6.71 10.07
CA GLU A 105 -0.87 -6.81 10.39
C GLU A 105 -1.08 -6.83 11.90
N GLU A 106 -0.09 -7.32 12.63
CA GLU A 106 -0.17 -7.38 14.10
C GLU A 106 -0.45 -5.99 14.69
N LEU A 107 0.31 -4.99 14.27
CA LEU A 107 0.10 -3.63 14.74
C LEU A 107 -1.18 -3.05 14.12
N LEU A 108 -1.37 -3.34 12.84
CA LEU A 108 -2.50 -2.82 12.08
C LEU A 108 -3.83 -3.25 12.69
N ARG A 109 -3.87 -4.49 13.17
CA ARG A 109 -5.07 -5.03 13.79
C ARG A 109 -5.08 -4.71 15.28
N ALA A 110 -5.20 -3.43 15.58
CA ALA A 110 -5.34 -2.95 16.96
C ALA A 110 -6.75 -3.20 17.46
N GLN A 111 -7.20 -2.41 18.44
CA GLN A 111 -8.55 -2.57 18.97
C GLN A 111 -9.59 -2.29 17.90
N GLU A 112 -10.82 -2.68 18.19
CA GLU A 112 -11.90 -2.60 17.23
C GLU A 112 -12.71 -1.33 17.44
N ALA A 113 -13.24 -0.79 16.35
CA ALA A 113 -14.08 0.40 16.42
C ALA A 113 -15.41 0.15 15.71
N PRO A 114 -16.41 -0.36 16.46
CA PRO A 114 -17.73 -0.62 15.93
C PRO A 114 -18.58 0.65 15.84
N GLY A 115 -18.96 1.02 14.62
CA GLY A 115 -19.77 2.19 14.43
C GLY A 115 -19.82 2.64 12.99
N GLN A 116 -18.76 3.32 12.56
CA GLN A 116 -18.71 3.87 11.21
C GLN A 116 -18.18 2.83 10.22
N ALA A 117 -18.46 3.06 8.94
CA ALA A 117 -18.02 2.14 7.90
C ALA A 117 -16.89 2.76 7.08
N GLN B 1 4.39 4.80 -19.94
CA GLN B 1 3.52 5.95 -19.64
C GLN B 1 2.73 5.67 -18.36
N ASP B 2 3.46 5.22 -17.34
CA ASP B 2 2.86 4.80 -16.07
C ASP B 2 1.98 3.57 -16.30
N THR B 3 1.23 3.19 -15.28
CA THR B 3 0.31 2.08 -15.40
C THR B 3 -1.00 2.39 -14.68
N ARG B 4 -2.09 2.38 -15.43
CA ARG B 4 -3.39 2.74 -14.86
C ARG B 4 -4.08 1.51 -14.28
N LEU B 5 -4.62 1.67 -13.09
CA LEU B 5 -5.38 0.63 -12.44
C LEU B 5 -6.83 1.06 -12.30
N GLY A 1 21.15 9.15 16.18
CA GLY A 1 19.70 9.39 16.04
C GLY A 1 18.91 8.12 15.88
N ILE A 2 17.92 7.93 16.75
CA ILE A 2 17.05 6.77 16.65
C ILE A 2 15.65 7.18 16.24
N ASP A 3 14.80 6.22 15.94
CA ASP A 3 13.44 6.50 15.53
C ASP A 3 12.44 5.71 16.36
N PRO A 4 11.31 6.35 16.71
CA PRO A 4 10.28 5.73 17.53
C PRO A 4 9.30 4.89 16.73
N PHE A 5 8.57 4.03 17.42
CA PHE A 5 7.54 3.21 16.80
C PHE A 5 6.32 4.08 16.51
N THR A 6 6.35 4.77 15.38
CA THR A 6 5.32 5.73 15.04
C THR A 6 4.76 5.45 13.64
N MET A 7 4.04 6.44 13.09
CA MET A 7 3.41 6.36 11.76
C MET A 7 2.18 5.45 11.79
N LEU A 8 2.41 4.17 12.04
CA LEU A 8 1.34 3.17 12.04
C LEU A 8 0.60 3.21 10.69
N PRO A 9 1.13 2.49 9.69
CA PRO A 9 0.60 2.53 8.32
C PRO A 9 -0.88 2.21 8.24
N ARG A 10 -1.56 2.83 7.29
CA ARG A 10 -3.00 2.62 7.13
C ARG A 10 -3.24 1.62 6.00
N LEU A 11 -4.27 0.80 6.19
CA LEU A 11 -4.64 -0.19 5.20
C LEU A 11 -5.68 0.42 4.27
N CYS A 12 -5.37 0.46 2.99
CA CYS A 12 -6.26 1.05 2.02
C CYS A 12 -7.05 -0.01 1.30
N CYS A 13 -8.34 -0.07 1.58
CA CYS A 13 -9.22 -0.98 0.89
C CYS A 13 -9.66 -0.36 -0.42
N LEU A 14 -9.14 -0.87 -1.52
CA LEU A 14 -9.49 -0.36 -2.83
C LEU A 14 -10.70 -1.11 -3.38
N GLU A 15 -11.74 -0.36 -3.67
CA GLU A 15 -12.96 -0.91 -4.22
C GLU A 15 -12.89 -0.90 -5.74
N LYS A 16 -13.40 -1.95 -6.36
CA LYS A 16 -13.45 -2.03 -7.81
C LYS A 16 -14.38 -0.96 -8.38
N GLY A 17 -13.78 0.06 -8.97
CA GLY A 17 -14.55 1.13 -9.57
C GLY A 17 -14.97 0.82 -10.99
N PRO A 18 -14.93 1.82 -11.89
CA PRO A 18 -15.37 1.67 -13.28
C PRO A 18 -14.59 0.61 -14.04
N ASN A 19 -13.27 0.58 -13.84
CA ASN A 19 -12.41 -0.37 -14.54
C ASN A 19 -11.12 -0.59 -13.78
N GLY A 20 -11.21 -0.53 -12.46
CA GLY A 20 -10.03 -0.66 -11.64
C GLY A 20 -10.16 0.11 -10.34
N TYR A 21 -9.11 0.82 -9.97
CA TYR A 21 -9.05 1.46 -8.67
C TYR A 21 -8.71 2.94 -8.78
N GLY A 22 -8.24 3.36 -9.95
CA GLY A 22 -8.17 4.77 -10.27
C GLY A 22 -6.90 5.45 -9.79
N PHE A 23 -5.81 4.71 -9.70
CA PHE A 23 -4.52 5.33 -9.39
C PHE A 23 -3.46 4.80 -10.32
N HIS A 24 -2.40 5.57 -10.48
CA HIS A 24 -1.32 5.22 -11.38
C HIS A 24 -0.14 4.66 -10.62
N LEU A 25 0.19 3.42 -10.90
CA LEU A 25 1.35 2.77 -10.32
C LEU A 25 2.44 2.70 -11.39
N HIS A 26 3.57 3.33 -11.13
CA HIS A 26 4.68 3.27 -12.07
C HIS A 26 5.80 2.44 -11.49
N GLY A 27 6.42 1.64 -12.34
CA GLY A 27 7.47 0.77 -11.89
C GLY A 27 8.57 0.64 -12.91
N GLU A 28 9.79 0.78 -12.45
CA GLU A 28 10.96 0.64 -13.31
C GLU A 28 11.32 -0.83 -13.50
N LYS A 29 12.09 -1.10 -14.56
CA LYS A 29 12.43 -2.48 -14.94
C LYS A 29 13.25 -3.18 -13.87
N GLY A 30 12.55 -3.96 -13.04
CA GLY A 30 13.20 -4.72 -12.00
C GLY A 30 12.19 -5.26 -11.01
N LYS A 31 12.51 -5.18 -9.74
CA LYS A 31 11.60 -5.62 -8.69
C LYS A 31 11.16 -4.43 -7.87
N LEU A 32 12.12 -3.79 -7.24
CA LEU A 32 11.86 -2.65 -6.38
C LEU A 32 11.84 -1.37 -7.19
N GLY A 33 10.71 -0.69 -7.18
CA GLY A 33 10.58 0.55 -7.92
C GLY A 33 9.14 0.88 -8.26
N GLN A 34 8.21 0.34 -7.48
CA GLN A 34 6.79 0.60 -7.70
C GLN A 34 6.29 1.69 -6.75
N TYR A 35 5.83 2.78 -7.35
CA TYR A 35 5.38 3.96 -6.60
C TYR A 35 4.13 4.54 -7.24
N ILE A 36 3.27 5.13 -6.42
CA ILE A 36 2.04 5.75 -6.92
C ILE A 36 2.35 7.12 -7.52
N ARG A 37 1.81 7.36 -8.70
CA ARG A 37 2.04 8.62 -9.40
C ARG A 37 0.91 9.61 -9.16
N LEU A 38 -0.30 9.18 -9.46
CA LEU A 38 -1.44 10.07 -9.47
C LEU A 38 -2.70 9.32 -9.04
N VAL A 39 -3.53 9.98 -8.27
CA VAL A 39 -4.79 9.41 -7.82
C VAL A 39 -5.95 10.21 -8.43
N GLU A 40 -6.82 9.54 -9.14
CA GLU A 40 -7.95 10.18 -9.79
C GLU A 40 -8.94 10.69 -8.74
N PRO A 41 -9.38 11.95 -8.86
CA PRO A 41 -10.31 12.57 -7.92
C PRO A 41 -11.65 11.84 -7.86
N GLY A 42 -11.91 11.04 -8.88
CA GLY A 42 -13.13 10.26 -8.91
C GLY A 42 -12.86 8.77 -8.78
N SER A 43 -11.88 8.41 -7.96
CA SER A 43 -11.56 7.02 -7.72
C SER A 43 -12.03 6.62 -6.33
N PRO A 44 -11.86 5.36 -5.93
CA PRO A 44 -11.98 4.93 -4.55
C PRO A 44 -10.65 5.06 -3.80
N ALA A 45 -9.56 5.26 -4.55
CA ALA A 45 -8.20 5.26 -4.00
C ALA A 45 -7.99 6.36 -2.97
N GLU A 46 -8.37 7.59 -3.31
CA GLU A 46 -8.16 8.73 -2.42
C GLU A 46 -8.99 8.60 -1.15
N LYS A 47 -10.18 8.03 -1.26
CA LYS A 47 -11.03 7.78 -0.12
C LYS A 47 -10.50 6.60 0.70
N ALA A 48 -9.84 5.66 0.04
CA ALA A 48 -9.21 4.54 0.71
C ALA A 48 -8.05 5.02 1.57
N GLY A 49 -7.51 6.18 1.22
CA GLY A 49 -6.42 6.78 1.97
C GLY A 49 -5.12 6.74 1.22
N LEU A 50 -5.17 6.20 0.01
CA LEU A 50 -3.98 6.05 -0.82
C LEU A 50 -3.64 7.40 -1.48
N LEU A 51 -2.40 7.83 -1.34
CA LEU A 51 -1.99 9.13 -1.83
C LEU A 51 -1.08 9.01 -3.05
N ALA A 52 -0.96 10.11 -3.78
CA ALA A 52 -0.14 10.15 -4.98
C ALA A 52 1.34 10.28 -4.60
N GLY A 53 1.97 9.14 -4.36
CA GLY A 53 3.37 9.13 -3.99
C GLY A 53 3.72 7.97 -3.09
N ASP A 54 2.70 7.24 -2.63
CA ASP A 54 2.89 6.13 -1.70
C ASP A 54 3.70 5.00 -2.30
N ARG A 55 4.34 4.24 -1.43
CA ARG A 55 5.03 3.02 -1.78
C ARG A 55 4.19 1.81 -1.38
N LEU A 56 3.94 0.91 -2.31
CA LEU A 56 3.12 -0.28 -2.03
C LEU A 56 3.96 -1.37 -1.37
N VAL A 57 3.47 -1.89 -0.25
CA VAL A 57 4.21 -2.90 0.51
C VAL A 57 3.63 -4.31 0.32
N GLU A 58 2.35 -4.48 0.60
CA GLU A 58 1.73 -5.79 0.52
C GLU A 58 0.39 -5.73 -0.19
N VAL A 59 0.03 -6.85 -0.81
CA VAL A 59 -1.27 -7.01 -1.44
C VAL A 59 -1.91 -8.30 -0.95
N ASN A 60 -2.99 -8.17 -0.20
CA ASN A 60 -3.75 -9.31 0.32
C ASN A 60 -2.95 -10.11 1.35
N GLY A 61 -2.02 -9.45 2.02
CA GLY A 61 -1.33 -10.08 3.12
C GLY A 61 0.07 -10.58 2.78
N GLU A 62 0.45 -10.49 1.52
CA GLU A 62 1.75 -10.97 1.11
C GLU A 62 2.59 -9.82 0.55
N ASN A 63 3.87 -9.81 0.92
CA ASN A 63 4.81 -8.78 0.50
C ASN A 63 5.00 -8.81 -1.02
N VAL A 64 4.67 -7.71 -1.68
CA VAL A 64 4.72 -7.68 -3.14
C VAL A 64 5.78 -6.71 -3.65
N GLU A 65 6.52 -6.09 -2.74
CA GLU A 65 7.56 -5.13 -3.11
C GLU A 65 8.60 -5.76 -4.01
N LYS A 66 8.92 -7.02 -3.74
CA LYS A 66 9.99 -7.71 -4.44
C LYS A 66 9.46 -8.50 -5.62
N GLU A 67 8.22 -8.23 -6.01
CA GLU A 67 7.65 -8.82 -7.22
C GLU A 67 7.97 -7.92 -8.40
N THR A 68 7.68 -8.41 -9.61
CA THR A 68 7.89 -7.60 -10.79
C THR A 68 6.78 -6.55 -10.90
N HIS A 69 7.03 -5.46 -11.60
CA HIS A 69 6.02 -4.43 -11.77
C HIS A 69 4.73 -5.02 -12.35
N GLN A 70 4.88 -5.87 -13.36
CA GLN A 70 3.73 -6.49 -13.99
C GLN A 70 2.96 -7.37 -13.02
N GLN A 71 3.68 -8.13 -12.19
CA GLN A 71 3.04 -9.01 -11.22
C GLN A 71 2.32 -8.21 -10.16
N VAL A 72 2.95 -7.15 -9.65
CA VAL A 72 2.37 -6.32 -8.61
C VAL A 72 1.04 -5.74 -9.07
N VAL A 73 1.02 -5.19 -10.27
CA VAL A 73 -0.20 -4.60 -10.82
C VAL A 73 -1.29 -5.67 -10.99
N SER A 74 -0.91 -6.80 -11.58
CA SER A 74 -1.85 -7.87 -11.88
C SER A 74 -2.48 -8.44 -10.61
N ARG A 75 -1.72 -8.51 -9.53
CA ARG A 75 -2.23 -9.00 -8.25
C ARG A 75 -3.41 -8.16 -7.79
N ILE A 76 -3.29 -6.84 -7.95
CA ILE A 76 -4.35 -5.93 -7.58
C ILE A 76 -5.53 -6.08 -8.54
N ARG A 77 -5.22 -6.35 -9.81
CA ARG A 77 -6.23 -6.56 -10.84
C ARG A 77 -7.02 -7.85 -10.56
N ALA A 78 -6.39 -8.76 -9.84
CA ALA A 78 -6.97 -10.07 -9.55
C ALA A 78 -8.18 -9.97 -8.63
N ALA A 79 -8.18 -8.97 -7.77
CA ALA A 79 -9.27 -8.77 -6.82
C ALA A 79 -10.57 -8.46 -7.55
N LEU A 80 -11.64 -9.10 -7.09
CA LEU A 80 -12.95 -8.96 -7.71
C LEU A 80 -13.57 -7.61 -7.36
N ASN A 81 -13.60 -7.30 -6.07
CA ASN A 81 -14.19 -6.05 -5.62
C ASN A 81 -13.26 -5.32 -4.66
N ALA A 82 -12.91 -5.98 -3.57
CA ALA A 82 -12.12 -5.33 -2.53
C ALA A 82 -10.75 -5.96 -2.42
N VAL A 83 -9.73 -5.12 -2.33
CA VAL A 83 -8.36 -5.57 -2.18
C VAL A 83 -7.64 -4.69 -1.16
N ARG A 84 -6.77 -5.29 -0.36
CA ARG A 84 -6.04 -4.56 0.65
C ARG A 84 -4.71 -4.05 0.10
N LEU A 85 -4.57 -2.74 0.03
CA LEU A 85 -3.33 -2.11 -0.39
C LEU A 85 -2.66 -1.46 0.80
N LEU A 86 -1.56 -2.02 1.25
CA LEU A 86 -0.78 -1.40 2.31
C LEU A 86 0.23 -0.48 1.70
N VAL A 87 0.20 0.78 2.13
CA VAL A 87 1.04 1.81 1.54
C VAL A 87 1.62 2.71 2.61
N VAL A 88 2.78 3.27 2.32
CA VAL A 88 3.45 4.19 3.23
C VAL A 88 4.26 5.20 2.42
N ASP A 89 4.45 6.41 2.98
CA ASP A 89 5.33 7.40 2.38
C ASP A 89 6.72 6.80 2.26
N PRO A 90 7.32 6.84 1.06
CA PRO A 90 8.70 6.37 0.84
C PRO A 90 9.70 7.05 1.77
N GLU A 91 9.35 8.25 2.24
CA GLU A 91 10.15 8.97 3.21
C GLU A 91 10.01 8.30 4.58
N THR A 92 8.78 8.00 4.96
CA THR A 92 8.47 7.37 6.23
C THR A 92 8.94 5.91 6.25
N ASP A 93 8.99 5.31 5.07
CA ASP A 93 9.43 3.91 4.91
C ASP A 93 10.85 3.73 5.45
N GLU A 94 11.65 4.79 5.34
CA GLU A 94 13.02 4.76 5.86
C GLU A 94 13.00 4.50 7.36
N GLN A 95 12.07 5.14 8.05
CA GLN A 95 11.87 4.93 9.47
C GLN A 95 11.24 3.56 9.73
N LEU A 96 10.28 3.20 8.89
CA LEU A 96 9.50 1.99 9.09
C LEU A 96 10.35 0.72 8.95
N GLN A 97 11.32 0.75 8.05
CA GLN A 97 12.24 -0.36 7.88
C GLN A 97 13.04 -0.57 9.17
N LYS A 98 13.33 0.53 9.85
CA LYS A 98 14.07 0.50 11.10
C LYS A 98 13.24 -0.15 12.20
N LEU A 99 11.92 -0.03 12.07
CA LEU A 99 10.99 -0.64 13.03
C LEU A 99 10.82 -2.12 12.70
N GLY A 100 10.36 -2.40 11.48
CA GLY A 100 10.31 -3.77 10.97
C GLY A 100 9.12 -4.57 11.48
N VAL A 101 8.84 -4.47 12.77
CA VAL A 101 7.83 -5.29 13.41
C VAL A 101 6.49 -4.54 13.54
N GLN A 102 5.40 -5.30 13.40
CA GLN A 102 4.03 -4.80 13.63
C GLN A 102 3.54 -3.89 12.50
N VAL A 103 4.35 -2.88 12.15
CA VAL A 103 3.96 -1.86 11.18
C VAL A 103 3.73 -2.43 9.79
N ARG A 104 4.02 -3.72 9.60
CA ARG A 104 3.79 -4.37 8.32
C ARG A 104 2.29 -4.42 8.02
N GLU A 105 1.49 -4.71 9.07
CA GLU A 105 0.03 -4.81 8.94
C GLU A 105 -0.57 -5.28 10.27
N GLU A 106 0.18 -6.12 10.98
CA GLU A 106 -0.27 -6.74 12.22
C GLU A 106 -0.73 -5.71 13.25
N LEU A 107 -0.05 -4.55 13.25
CA LEU A 107 -0.32 -3.49 14.22
C LEU A 107 -1.77 -3.02 14.14
N LEU A 108 -2.34 -3.01 12.94
CA LEU A 108 -3.69 -2.51 12.73
C LEU A 108 -4.73 -3.34 13.47
N ARG A 109 -4.44 -4.62 13.65
CA ARG A 109 -5.33 -5.49 14.40
C ARG A 109 -4.57 -6.13 15.55
N ALA A 110 -3.90 -5.27 16.29
CA ALA A 110 -3.21 -5.66 17.50
C ALA A 110 -3.92 -5.05 18.70
N GLN A 111 -4.00 -5.80 19.79
CA GLN A 111 -4.73 -5.36 20.97
C GLN A 111 -3.91 -4.40 21.81
N GLU A 112 -4.45 -4.06 22.98
CA GLU A 112 -3.83 -3.12 23.93
C GLU A 112 -4.00 -1.69 23.47
N ALA A 113 -4.66 -0.91 24.32
CA ALA A 113 -4.92 0.50 24.06
C ALA A 113 -5.03 1.25 25.38
N PRO A 114 -4.21 2.30 25.55
CA PRO A 114 -4.19 3.11 26.79
C PRO A 114 -5.43 4.00 26.94
N GLY A 115 -6.60 3.40 26.83
CA GLY A 115 -7.84 4.14 27.00
C GLY A 115 -8.17 5.01 25.81
N GLN A 116 -7.82 6.29 25.91
CA GLN A 116 -8.10 7.29 24.87
C GLN A 116 -9.62 7.43 24.68
N ALA A 117 -10.33 7.38 25.79
CA ALA A 117 -11.78 7.53 25.79
C ALA A 117 -12.22 8.28 27.03
N GLN B 1 3.98 3.89 -20.46
CA GLN B 1 4.61 3.80 -19.13
C GLN B 1 3.65 4.36 -18.09
N ASP B 2 3.93 4.11 -16.80
CA ASP B 2 3.11 4.63 -15.71
C ASP B 2 1.70 4.04 -15.79
N THR B 3 1.58 2.82 -15.28
CA THR B 3 0.38 2.01 -15.47
C THR B 3 -0.77 2.49 -14.56
N ARG B 4 -2.00 2.27 -14.99
CA ARG B 4 -3.17 2.61 -14.19
C ARG B 4 -3.76 1.34 -13.59
N LEU B 5 -4.17 1.42 -12.33
CA LEU B 5 -4.83 0.32 -11.66
C LEU B 5 -6.34 0.47 -11.76
N GLY A 1 17.88 -0.27 23.42
CA GLY A 1 16.71 0.62 23.65
C GLY A 1 15.69 0.49 22.55
N ILE A 2 14.41 0.64 22.91
CA ILE A 2 13.34 0.49 21.96
C ILE A 2 12.93 1.84 21.37
N ASP A 3 12.02 1.78 20.42
CA ASP A 3 11.45 2.97 19.80
C ASP A 3 9.93 2.86 19.84
N PRO A 4 9.22 3.99 19.85
CA PRO A 4 7.76 4.00 19.83
C PRO A 4 7.22 3.61 18.46
N PHE A 5 6.01 3.08 18.45
CA PHE A 5 5.40 2.62 17.22
C PHE A 5 4.68 3.79 16.53
N THR A 6 5.48 4.78 16.17
CA THR A 6 4.98 6.03 15.62
C THR A 6 4.77 5.93 14.12
N MET A 7 3.66 6.50 13.65
CA MET A 7 3.36 6.60 12.22
C MET A 7 3.34 5.22 11.55
N LEU A 8 2.80 4.23 12.23
CA LEU A 8 2.71 2.87 11.70
C LEU A 8 1.90 2.84 10.40
N PRO A 9 2.08 1.80 9.57
CA PRO A 9 1.44 1.70 8.24
C PRO A 9 -0.08 1.62 8.32
N ARG A 10 -0.73 1.83 7.19
CA ARG A 10 -2.17 1.76 7.10
C ARG A 10 -2.59 0.93 5.90
N LEU A 11 -3.62 0.11 6.09
CA LEU A 11 -4.15 -0.70 5.01
C LEU A 11 -5.29 0.05 4.34
N CYS A 12 -5.22 0.18 3.04
CA CYS A 12 -6.23 0.89 2.28
C CYS A 12 -6.98 -0.08 1.39
N CYS A 13 -8.23 -0.34 1.72
CA CYS A 13 -9.06 -1.20 0.90
C CYS A 13 -9.69 -0.38 -0.22
N LEU A 14 -9.20 -0.58 -1.43
CA LEU A 14 -9.71 0.15 -2.58
C LEU A 14 -10.90 -0.60 -3.17
N GLU A 15 -11.89 0.17 -3.61
CA GLU A 15 -13.13 -0.38 -4.13
C GLU A 15 -13.17 -0.27 -5.65
N LYS A 16 -13.76 -1.26 -6.29
CA LYS A 16 -13.98 -1.23 -7.73
C LYS A 16 -14.86 -0.03 -8.10
N GLY A 17 -14.24 0.92 -8.76
CA GLY A 17 -14.96 2.09 -9.25
C GLY A 17 -15.43 1.91 -10.68
N PRO A 18 -15.20 2.90 -11.55
CA PRO A 18 -15.65 2.87 -12.95
C PRO A 18 -15.16 1.63 -13.70
N ASN A 19 -13.84 1.42 -13.68
CA ASN A 19 -13.26 0.26 -14.35
C ASN A 19 -11.97 -0.17 -13.65
N GLY A 20 -11.94 0.01 -12.34
CA GLY A 20 -10.72 -0.23 -11.59
C GLY A 20 -10.74 0.47 -10.26
N TYR A 21 -9.66 1.16 -9.93
CA TYR A 21 -9.52 1.80 -8.62
C TYR A 21 -9.11 3.26 -8.76
N GLY A 22 -8.53 3.62 -9.91
CA GLY A 22 -8.33 5.02 -10.23
C GLY A 22 -6.95 5.56 -9.91
N PHE A 23 -5.94 4.70 -9.93
CA PHE A 23 -4.57 5.16 -9.74
C PHE A 23 -3.65 4.56 -10.78
N HIS A 24 -2.55 5.26 -11.04
CA HIS A 24 -1.56 4.81 -12.01
C HIS A 24 -0.29 4.39 -11.28
N LEU A 25 0.10 3.14 -11.44
CA LEU A 25 1.31 2.65 -10.78
C LEU A 25 2.48 2.62 -11.75
N HIS A 26 3.63 3.04 -11.27
CA HIS A 26 4.86 2.97 -12.04
C HIS A 26 5.76 1.89 -11.46
N GLY A 27 6.46 1.18 -12.33
CA GLY A 27 7.39 0.18 -11.85
C GLY A 27 8.77 0.41 -12.43
N GLU A 28 9.77 0.47 -11.56
CA GLU A 28 11.13 0.70 -11.98
C GLU A 28 11.91 -0.61 -12.01
N LYS A 29 12.85 -0.73 -12.94
CA LYS A 29 13.72 -1.90 -13.04
C LYS A 29 12.94 -3.19 -13.20
N GLY A 30 11.71 -3.08 -13.68
CA GLY A 30 10.88 -4.26 -13.90
C GLY A 30 10.22 -4.75 -12.64
N LYS A 31 10.96 -4.75 -11.53
CA LYS A 31 10.46 -5.32 -10.28
C LYS A 31 10.52 -4.28 -9.17
N LEU A 32 11.73 -3.91 -8.77
CA LEU A 32 11.92 -3.09 -7.59
C LEU A 32 11.65 -1.62 -7.87
N GLY A 33 10.64 -1.09 -7.20
CA GLY A 33 10.34 0.32 -7.33
C GLY A 33 8.96 0.58 -7.89
N GLN A 34 7.95 0.09 -7.21
CA GLN A 34 6.57 0.35 -7.60
C GLN A 34 5.98 1.47 -6.74
N TYR A 35 5.64 2.57 -7.40
CA TYR A 35 5.12 3.75 -6.72
C TYR A 35 3.84 4.21 -7.39
N ILE A 36 3.02 4.91 -6.62
CA ILE A 36 1.80 5.50 -7.16
C ILE A 36 2.16 6.80 -7.87
N ARG A 37 1.91 6.85 -9.16
CA ARG A 37 2.30 8.02 -9.95
C ARG A 37 1.24 9.11 -9.86
N LEU A 38 -0.02 8.71 -9.92
CA LEU A 38 -1.11 9.66 -9.89
C LEU A 38 -2.42 8.97 -9.54
N VAL A 39 -3.21 9.60 -8.67
CA VAL A 39 -4.55 9.12 -8.36
C VAL A 39 -5.57 10.15 -8.83
N GLU A 40 -6.66 9.67 -9.40
CA GLU A 40 -7.71 10.54 -9.88
C GLU A 40 -8.49 11.11 -8.69
N PRO A 41 -8.78 12.43 -8.71
CA PRO A 41 -9.46 13.13 -7.61
C PRO A 41 -10.84 12.54 -7.32
N GLY A 42 -11.39 11.83 -8.30
CA GLY A 42 -12.65 11.15 -8.10
C GLY A 42 -12.50 9.64 -8.19
N SER A 43 -11.55 9.10 -7.43
CA SER A 43 -11.31 7.67 -7.42
C SER A 43 -11.30 7.13 -5.99
N PRO A 44 -11.67 5.85 -5.82
CA PRO A 44 -11.64 5.16 -4.52
C PRO A 44 -10.25 5.10 -3.91
N ALA A 45 -9.22 5.39 -4.71
CA ALA A 45 -7.84 5.33 -4.22
C ALA A 45 -7.61 6.39 -3.14
N GLU A 46 -7.94 7.63 -3.46
CA GLU A 46 -7.72 8.73 -2.54
C GLU A 46 -8.69 8.65 -1.35
N LYS A 47 -9.86 8.07 -1.60
CA LYS A 47 -10.86 7.90 -0.55
C LYS A 47 -10.45 6.79 0.42
N ALA A 48 -9.55 5.92 -0.02
CA ALA A 48 -9.04 4.86 0.83
C ALA A 48 -7.84 5.34 1.63
N GLY A 49 -7.28 6.46 1.20
CA GLY A 49 -6.10 7.01 1.86
C GLY A 49 -4.85 6.82 1.02
N LEU A 50 -5.01 6.26 -0.17
CA LEU A 50 -3.90 6.03 -1.08
C LEU A 50 -3.66 7.28 -1.93
N LEU A 51 -2.43 7.77 -1.91
CA LEU A 51 -2.10 9.01 -2.59
C LEU A 51 -0.97 8.79 -3.60
N ALA A 52 -0.80 9.75 -4.49
CA ALA A 52 0.23 9.69 -5.52
C ALA A 52 1.61 9.95 -4.92
N GLY A 53 2.24 8.89 -4.47
CA GLY A 53 3.56 9.01 -3.86
C GLY A 53 3.79 7.95 -2.80
N ASP A 54 2.75 7.19 -2.49
CA ASP A 54 2.87 6.12 -1.50
C ASP A 54 3.58 4.91 -2.09
N ARG A 55 4.25 4.17 -1.23
CA ARG A 55 4.88 2.92 -1.62
C ARG A 55 3.89 1.78 -1.49
N LEU A 56 3.73 1.00 -2.54
CA LEU A 56 2.89 -0.17 -2.48
C LEU A 56 3.70 -1.34 -1.96
N VAL A 57 3.49 -1.66 -0.69
CA VAL A 57 4.29 -2.68 -0.02
C VAL A 57 3.70 -4.06 -0.22
N GLU A 58 2.43 -4.21 0.12
CA GLU A 58 1.77 -5.50 0.01
C GLU A 58 0.40 -5.36 -0.64
N VAL A 59 -0.03 -6.43 -1.30
CA VAL A 59 -1.36 -6.48 -1.90
C VAL A 59 -2.13 -7.65 -1.30
N ASN A 60 -3.16 -7.33 -0.54
CA ASN A 60 -4.02 -8.33 0.10
C ASN A 60 -3.27 -9.15 1.15
N GLY A 61 -2.11 -8.65 1.60
CA GLY A 61 -1.39 -9.32 2.66
C GLY A 61 -0.12 -10.00 2.21
N GLU A 62 0.20 -9.88 0.93
CA GLU A 62 1.45 -10.44 0.42
C GLU A 62 2.36 -9.32 -0.10
N ASN A 63 3.64 -9.41 0.23
CA ASN A 63 4.61 -8.39 -0.16
C ASN A 63 4.81 -8.40 -1.66
N VAL A 64 4.68 -7.23 -2.27
CA VAL A 64 4.80 -7.12 -3.72
C VAL A 64 5.96 -6.22 -4.13
N GLU A 65 6.74 -5.78 -3.14
CA GLU A 65 7.88 -4.90 -3.42
C GLU A 65 8.89 -5.55 -4.35
N LYS A 66 9.09 -6.85 -4.20
CA LYS A 66 10.16 -7.52 -4.94
C LYS A 66 9.60 -8.23 -6.15
N GLU A 67 8.30 -8.08 -6.37
CA GLU A 67 7.63 -8.69 -7.51
C GLU A 67 7.74 -7.77 -8.71
N THR A 68 7.43 -8.29 -9.90
CA THR A 68 7.50 -7.48 -11.10
C THR A 68 6.31 -6.52 -11.16
N HIS A 69 6.46 -5.43 -11.89
CA HIS A 69 5.39 -4.47 -12.06
C HIS A 69 4.13 -5.17 -12.60
N GLN A 70 4.33 -6.10 -13.51
CA GLN A 70 3.23 -6.89 -14.06
C GLN A 70 2.57 -7.71 -12.96
N GLN A 71 3.37 -8.35 -12.12
CA GLN A 71 2.87 -9.17 -11.04
C GLN A 71 2.01 -8.35 -10.08
N VAL A 72 2.54 -7.19 -9.69
CA VAL A 72 1.86 -6.33 -8.72
C VAL A 72 0.50 -5.89 -9.24
N VAL A 73 0.46 -5.40 -10.48
CA VAL A 73 -0.76 -4.87 -11.06
C VAL A 73 -1.81 -5.97 -11.24
N SER A 74 -1.35 -7.15 -11.65
CA SER A 74 -2.24 -8.26 -11.88
C SER A 74 -2.96 -8.68 -10.60
N ARG A 75 -2.24 -8.65 -9.49
CA ARG A 75 -2.79 -9.03 -8.19
C ARG A 75 -3.84 -8.02 -7.73
N ILE A 76 -3.60 -6.74 -8.01
CA ILE A 76 -4.56 -5.69 -7.69
C ILE A 76 -5.83 -5.87 -8.54
N ARG A 77 -5.63 -6.15 -9.83
CA ARG A 77 -6.74 -6.37 -10.75
C ARG A 77 -7.45 -7.69 -10.47
N ALA A 78 -6.74 -8.62 -9.86
CA ALA A 78 -7.28 -9.93 -9.51
C ALA A 78 -8.43 -9.81 -8.51
N ALA A 79 -8.48 -8.68 -7.81
CA ALA A 79 -9.56 -8.41 -6.87
C ALA A 79 -10.85 -8.10 -7.63
N LEU A 80 -11.92 -8.73 -7.20
CA LEU A 80 -13.22 -8.58 -7.87
C LEU A 80 -13.82 -7.22 -7.60
N ASN A 81 -13.76 -6.76 -6.35
CA ASN A 81 -14.31 -5.46 -5.99
C ASN A 81 -13.47 -4.80 -4.91
N ALA A 82 -12.93 -5.61 -4.00
CA ALA A 82 -12.14 -5.08 -2.90
C ALA A 82 -10.74 -5.66 -2.92
N VAL A 83 -9.77 -4.78 -2.76
CA VAL A 83 -8.37 -5.18 -2.73
C VAL A 83 -7.65 -4.41 -1.61
N ARG A 84 -6.81 -5.12 -0.88
CA ARG A 84 -6.12 -4.51 0.25
C ARG A 84 -4.78 -3.94 -0.20
N LEU A 85 -4.69 -2.62 -0.23
CA LEU A 85 -3.46 -1.96 -0.63
C LEU A 85 -2.70 -1.50 0.61
N LEU A 86 -1.57 -2.12 0.88
CA LEU A 86 -0.74 -1.67 1.99
C LEU A 86 0.24 -0.65 1.46
N VAL A 87 0.20 0.54 2.05
CA VAL A 87 0.97 1.65 1.55
C VAL A 87 1.64 2.41 2.69
N VAL A 88 2.76 3.04 2.39
CA VAL A 88 3.49 3.84 3.36
C VAL A 88 4.22 4.98 2.67
N ASP A 89 4.27 6.14 3.32
CA ASP A 89 5.03 7.27 2.81
C ASP A 89 6.51 6.92 2.81
N PRO A 90 7.23 7.29 1.74
CA PRO A 90 8.67 6.99 1.62
C PRO A 90 9.47 7.42 2.84
N GLU A 91 9.16 8.61 3.36
CA GLU A 91 9.86 9.14 4.53
C GLU A 91 9.43 8.40 5.79
N THR A 92 8.13 8.16 5.91
CA THR A 92 7.58 7.45 7.05
C THR A 92 8.13 6.03 7.12
N ASP A 93 8.34 5.44 5.95
CA ASP A 93 8.84 4.07 5.84
C ASP A 93 10.19 3.93 6.51
N GLU A 94 11.04 4.93 6.34
CA GLU A 94 12.39 4.91 6.90
C GLU A 94 12.35 4.79 8.42
N GLN A 95 11.38 5.46 9.03
CA GLN A 95 11.18 5.38 10.46
C GLN A 95 10.63 4.02 10.85
N LEU A 96 9.73 3.50 10.02
CA LEU A 96 9.08 2.21 10.27
C LEU A 96 10.08 1.07 10.18
N GLN A 97 10.93 1.13 9.16
CA GLN A 97 11.98 0.12 8.95
C GLN A 97 12.97 0.14 10.10
N LYS A 98 13.20 1.33 10.66
CA LYS A 98 14.04 1.49 11.83
C LYS A 98 13.47 0.70 13.01
N LEU A 99 12.15 0.64 13.08
CA LEU A 99 11.48 -0.14 14.13
C LEU A 99 11.65 -1.62 13.83
N GLY A 100 11.22 -2.00 12.61
CA GLY A 100 11.52 -3.31 12.07
C GLY A 100 11.01 -4.48 12.88
N VAL A 101 10.02 -4.24 13.74
CA VAL A 101 9.48 -5.32 14.55
C VAL A 101 7.94 -5.33 14.52
N GLN A 102 7.39 -6.23 13.70
CA GLN A 102 5.95 -6.45 13.64
C GLN A 102 5.20 -5.19 13.20
N VAL A 103 5.87 -4.33 12.47
CA VAL A 103 5.32 -3.03 12.12
C VAL A 103 4.41 -3.10 10.89
N ARG A 104 4.68 -4.05 10.00
CA ARG A 104 4.06 -4.03 8.68
C ARG A 104 2.54 -4.18 8.75
N GLU A 105 2.07 -5.13 9.54
CA GLU A 105 0.63 -5.33 9.71
C GLU A 105 0.32 -5.81 11.11
N GLU A 106 1.28 -6.48 11.72
CA GLU A 106 1.13 -7.02 13.06
C GLU A 106 0.80 -5.92 14.08
N LEU A 107 1.35 -4.72 13.84
CA LEU A 107 1.02 -3.56 14.66
C LEU A 107 -0.31 -2.96 14.26
N LEU A 108 -0.60 -3.00 12.96
CA LEU A 108 -1.85 -2.45 12.44
C LEU A 108 -3.02 -3.26 12.95
N ARG A 109 -2.76 -4.53 13.23
CA ARG A 109 -3.74 -5.42 13.82
C ARG A 109 -3.20 -6.01 15.11
N ALA A 110 -2.62 -5.15 15.94
CA ALA A 110 -2.03 -5.53 17.22
C ALA A 110 -2.95 -6.47 18.00
N GLN A 111 -2.54 -7.73 18.06
CA GLN A 111 -3.30 -8.75 18.78
C GLN A 111 -2.41 -9.48 19.76
N GLU A 112 -1.17 -8.99 19.84
CA GLU A 112 -0.13 -9.56 20.69
C GLU A 112 0.28 -10.96 20.27
N ALA A 113 1.55 -11.11 19.94
CA ALA A 113 2.10 -12.39 19.56
C ALA A 113 2.49 -13.19 20.80
N PRO A 114 1.82 -14.33 21.03
CA PRO A 114 2.11 -15.22 22.16
C PRO A 114 3.55 -15.72 22.14
N GLY A 115 4.32 -15.35 23.15
CA GLY A 115 5.70 -15.78 23.21
C GLY A 115 6.29 -15.58 24.59
N GLN A 116 7.61 -15.58 24.66
CA GLN A 116 8.32 -15.43 25.93
C GLN A 116 9.81 -15.22 25.69
N ALA A 117 10.22 -15.38 24.42
CA ALA A 117 11.63 -15.27 24.03
C ALA A 117 12.46 -16.32 24.75
N GLN B 1 3.51 2.97 -20.39
CA GLN B 1 4.33 2.18 -19.45
C GLN B 1 3.78 2.30 -18.04
N ASP B 2 3.01 3.37 -17.80
CA ASP B 2 2.28 3.51 -16.55
C ASP B 2 0.97 2.73 -16.67
N THR B 3 0.58 2.07 -15.60
CA THR B 3 -0.62 1.26 -15.64
C THR B 3 -1.71 1.85 -14.75
N ARG B 4 -2.82 2.23 -15.37
CA ARG B 4 -3.98 2.70 -14.62
C ARG B 4 -4.78 1.51 -14.13
N LEU B 5 -5.09 1.51 -12.86
CA LEU B 5 -5.92 0.47 -12.29
C LEU B 5 -7.39 0.83 -12.47
N GLY A 1 18.15 2.23 24.53
CA GLY A 1 17.45 2.98 23.47
C GLY A 1 16.47 2.11 22.71
N ILE A 2 15.27 2.63 22.48
CA ILE A 2 14.25 1.88 21.76
C ILE A 2 13.61 2.75 20.68
N ASP A 3 12.73 2.17 19.90
CA ASP A 3 12.03 2.88 18.86
C ASP A 3 10.53 2.72 19.03
N PRO A 4 9.81 3.83 19.31
CA PRO A 4 8.37 3.82 19.55
C PRO A 4 7.56 3.37 18.34
N PHE A 5 6.29 3.11 18.57
CA PHE A 5 5.38 2.70 17.52
C PHE A 5 4.86 3.91 16.78
N THR A 6 5.74 4.53 16.02
CA THR A 6 5.40 5.73 15.29
C THR A 6 4.83 5.39 13.91
N MET A 7 4.26 6.40 13.25
CA MET A 7 3.63 6.27 11.93
C MET A 7 2.32 5.51 12.03
N LEU A 8 2.41 4.19 12.21
CA LEU A 8 1.23 3.32 12.25
C LEU A 8 0.45 3.43 10.93
N PRO A 9 0.75 2.54 9.98
CA PRO A 9 0.23 2.63 8.61
C PRO A 9 -1.29 2.50 8.52
N ARG A 10 -1.79 2.70 7.30
CA ARG A 10 -3.21 2.66 7.04
C ARG A 10 -3.53 1.53 6.07
N LEU A 11 -4.54 0.74 6.39
CA LEU A 11 -4.96 -0.35 5.52
C LEU A 11 -6.03 0.16 4.57
N CYS A 12 -5.65 0.35 3.32
CA CYS A 12 -6.54 0.94 2.35
C CYS A 12 -7.24 -0.15 1.54
N CYS A 13 -8.54 -0.31 1.78
CA CYS A 13 -9.34 -1.23 1.00
C CYS A 13 -9.91 -0.52 -0.21
N LEU A 14 -9.36 -0.83 -1.38
CA LEU A 14 -9.78 -0.17 -2.60
C LEU A 14 -10.93 -0.93 -3.26
N GLU A 15 -11.90 -0.18 -3.77
CA GLU A 15 -13.05 -0.75 -4.44
C GLU A 15 -12.82 -0.76 -5.95
N LYS A 16 -13.18 -1.84 -6.60
CA LYS A 16 -13.10 -1.92 -8.04
C LYS A 16 -14.18 -1.05 -8.67
N GLY A 17 -13.75 -0.01 -9.36
CA GLY A 17 -14.69 0.86 -10.04
C GLY A 17 -14.90 0.45 -11.49
N PRO A 18 -15.38 1.37 -12.33
CA PRO A 18 -15.60 1.09 -13.76
C PRO A 18 -14.30 0.72 -14.47
N ASN A 19 -13.26 1.49 -14.19
CA ASN A 19 -11.97 1.27 -14.83
C ASN A 19 -10.86 1.16 -13.77
N GLY A 20 -10.92 0.13 -12.94
CA GLY A 20 -9.87 -0.10 -11.98
C GLY A 20 -10.13 0.57 -10.66
N TYR A 21 -9.19 1.38 -10.20
CA TYR A 21 -9.27 1.99 -8.89
C TYR A 21 -9.04 3.50 -8.96
N GLY A 22 -8.29 3.94 -9.96
CA GLY A 22 -8.19 5.36 -10.24
C GLY A 22 -6.85 5.95 -9.86
N PHE A 23 -5.79 5.16 -9.86
CA PHE A 23 -4.46 5.70 -9.57
C PHE A 23 -3.45 5.18 -10.58
N HIS A 24 -2.33 5.86 -10.68
CA HIS A 24 -1.29 5.45 -11.60
C HIS A 24 -0.18 4.77 -10.84
N LEU A 25 0.02 3.50 -11.13
CA LEU A 25 1.08 2.74 -10.50
C LEU A 25 2.23 2.60 -11.48
N HIS A 26 3.40 3.10 -11.11
CA HIS A 26 4.55 2.99 -11.97
C HIS A 26 5.60 2.09 -11.35
N GLY A 27 6.03 1.11 -12.12
CA GLY A 27 7.01 0.18 -11.66
C GLY A 27 8.24 0.23 -12.53
N GLU A 28 9.40 0.39 -11.91
CA GLU A 28 10.63 0.62 -12.66
C GLU A 28 11.70 -0.37 -12.26
N LYS A 29 12.70 -0.52 -13.14
CA LYS A 29 13.86 -1.39 -12.90
C LYS A 29 13.51 -2.87 -13.05
N GLY A 30 12.23 -3.19 -12.92
CA GLY A 30 11.78 -4.55 -13.13
C GLY A 30 10.88 -5.03 -12.02
N LYS A 31 11.48 -5.27 -10.86
CA LYS A 31 10.74 -5.76 -9.71
C LYS A 31 10.68 -4.68 -8.63
N LEU A 32 11.84 -4.20 -8.23
CA LEU A 32 11.91 -3.26 -7.13
C LEU A 32 11.60 -1.85 -7.60
N GLY A 33 10.52 -1.30 -7.08
CA GLY A 33 10.18 0.08 -7.38
C GLY A 33 8.74 0.26 -7.80
N GLN A 34 7.81 0.01 -6.89
CA GLN A 34 6.39 0.27 -7.16
C GLN A 34 5.96 1.52 -6.40
N TYR A 35 5.56 2.56 -7.13
CA TYR A 35 5.17 3.82 -6.51
C TYR A 35 3.92 4.38 -7.18
N ILE A 36 3.18 5.21 -6.45
CA ILE A 36 2.00 5.86 -6.99
C ILE A 36 2.39 7.15 -7.70
N ARG A 37 1.97 7.29 -8.94
CA ARG A 37 2.29 8.47 -9.75
C ARG A 37 1.23 9.56 -9.55
N LEU A 38 -0.04 9.18 -9.62
CA LEU A 38 -1.13 10.14 -9.51
C LEU A 38 -2.43 9.44 -9.13
N VAL A 39 -3.23 10.10 -8.32
CA VAL A 39 -4.54 9.59 -7.92
C VAL A 39 -5.62 10.59 -8.32
N GLU A 40 -6.62 10.11 -9.06
CA GLU A 40 -7.65 10.98 -9.59
C GLU A 40 -8.71 11.25 -8.52
N PRO A 41 -9.18 12.50 -8.39
CA PRO A 41 -10.13 12.91 -7.34
C PRO A 41 -11.28 11.92 -7.14
N GLY A 42 -11.95 11.56 -8.22
CA GLY A 42 -13.10 10.67 -8.14
C GLY A 42 -12.73 9.21 -8.25
N SER A 43 -11.76 8.77 -7.44
CA SER A 43 -11.36 7.38 -7.42
C SER A 43 -11.56 6.79 -6.03
N PRO A 44 -11.90 5.49 -5.95
CA PRO A 44 -11.97 4.76 -4.68
C PRO A 44 -10.60 4.69 -4.00
N ALA A 45 -9.55 4.94 -4.77
CA ALA A 45 -8.19 4.92 -4.25
C ALA A 45 -7.98 6.03 -3.22
N GLU A 46 -8.33 7.26 -3.59
CA GLU A 46 -8.15 8.39 -2.70
C GLU A 46 -9.10 8.32 -1.51
N LYS A 47 -10.26 7.71 -1.74
CA LYS A 47 -11.23 7.50 -0.67
C LYS A 47 -10.73 6.45 0.32
N ALA A 48 -9.83 5.60 -0.14
CA ALA A 48 -9.23 4.58 0.71
C ALA A 48 -8.06 5.17 1.50
N GLY A 49 -7.59 6.32 1.07
CA GLY A 49 -6.48 6.96 1.74
C GLY A 49 -5.17 6.75 1.02
N LEU A 50 -5.25 6.36 -0.25
CA LEU A 50 -4.06 6.17 -1.07
C LEU A 50 -3.70 7.47 -1.76
N LEU A 51 -2.46 7.90 -1.60
CA LEU A 51 -2.02 9.20 -2.10
C LEU A 51 -1.07 9.05 -3.27
N ALA A 52 -1.00 10.08 -4.09
CA ALA A 52 -0.14 10.10 -5.27
C ALA A 52 1.32 10.34 -4.87
N GLY A 53 1.95 9.32 -4.35
CA GLY A 53 3.33 9.43 -3.91
C GLY A 53 3.74 8.31 -2.99
N ASP A 54 2.75 7.59 -2.46
CA ASP A 54 3.02 6.46 -1.57
C ASP A 54 3.67 5.32 -2.35
N ARG A 55 4.33 4.44 -1.64
CA ARG A 55 4.89 3.25 -2.25
C ARG A 55 4.07 2.03 -1.81
N LEU A 56 3.94 1.08 -2.70
CA LEU A 56 3.15 -0.11 -2.43
C LEU A 56 4.05 -1.21 -1.87
N VAL A 57 3.78 -1.63 -0.65
CA VAL A 57 4.58 -2.65 0.00
C VAL A 57 3.90 -4.02 -0.02
N GLU A 58 2.61 -4.05 0.30
CA GLU A 58 1.89 -5.32 0.39
C GLU A 58 0.56 -5.23 -0.35
N VAL A 59 0.10 -6.37 -0.84
CA VAL A 59 -1.23 -6.49 -1.44
C VAL A 59 -1.98 -7.65 -0.80
N ASN A 60 -3.07 -7.34 -0.12
CA ASN A 60 -3.92 -8.36 0.53
C ASN A 60 -3.18 -9.13 1.61
N GLY A 61 -2.04 -8.61 2.06
CA GLY A 61 -1.33 -9.23 3.16
C GLY A 61 -0.02 -9.88 2.74
N GLU A 62 0.25 -9.90 1.44
CA GLU A 62 1.49 -10.47 0.94
C GLU A 62 2.35 -9.38 0.32
N ASN A 63 3.66 -9.45 0.57
CA ASN A 63 4.58 -8.41 0.13
C ASN A 63 4.76 -8.45 -1.38
N VAL A 64 4.64 -7.29 -2.01
CA VAL A 64 4.74 -7.20 -3.46
C VAL A 64 5.92 -6.34 -3.90
N GLU A 65 6.80 -6.01 -2.95
CA GLU A 65 7.97 -5.19 -3.26
C GLU A 65 8.91 -5.93 -4.21
N LYS A 66 8.95 -7.25 -4.07
CA LYS A 66 9.92 -8.05 -4.81
C LYS A 66 9.30 -8.60 -6.10
N GLU A 67 8.05 -8.24 -6.34
CA GLU A 67 7.35 -8.67 -7.53
C GLU A 67 7.56 -7.64 -8.65
N THR A 68 7.48 -8.09 -9.89
CA THR A 68 7.66 -7.20 -11.03
C THR A 68 6.45 -6.28 -11.16
N HIS A 69 6.55 -5.26 -12.00
CA HIS A 69 5.43 -4.35 -12.21
C HIS A 69 4.19 -5.12 -12.63
N GLN A 70 4.36 -6.07 -13.54
CA GLN A 70 3.25 -6.89 -14.01
C GLN A 70 2.74 -7.79 -12.89
N GLN A 71 3.66 -8.38 -12.12
CA GLN A 71 3.30 -9.27 -11.02
C GLN A 71 2.41 -8.55 -10.01
N VAL A 72 2.84 -7.35 -9.61
CA VAL A 72 2.11 -6.59 -8.60
C VAL A 72 0.75 -6.13 -9.13
N VAL A 73 0.75 -5.53 -10.30
CA VAL A 73 -0.45 -4.95 -10.87
C VAL A 73 -1.50 -6.02 -11.17
N SER A 74 -1.06 -7.19 -11.61
CA SER A 74 -1.98 -8.29 -11.86
C SER A 74 -2.66 -8.74 -10.57
N ARG A 75 -1.94 -8.67 -9.45
CA ARG A 75 -2.52 -9.05 -8.15
C ARG A 75 -3.62 -8.06 -7.76
N ILE A 76 -3.38 -6.79 -8.05
CA ILE A 76 -4.34 -5.74 -7.74
C ILE A 76 -5.55 -5.84 -8.65
N ARG A 77 -5.32 -6.11 -9.93
CA ARG A 77 -6.39 -6.26 -10.91
C ARG A 77 -7.19 -7.54 -10.64
N ALA A 78 -6.54 -8.49 -9.98
CA ALA A 78 -7.14 -9.78 -9.66
C ALA A 78 -8.40 -9.61 -8.83
N ALA A 79 -8.40 -8.63 -7.95
CA ALA A 79 -9.54 -8.36 -7.08
C ALA A 79 -10.79 -8.06 -7.91
N LEU A 80 -11.89 -8.68 -7.50
CA LEU A 80 -13.13 -8.58 -8.24
C LEU A 80 -13.98 -7.44 -7.72
N ASN A 81 -13.79 -7.08 -6.46
CA ASN A 81 -14.55 -5.99 -5.86
C ASN A 81 -13.70 -5.20 -4.88
N ALA A 82 -13.07 -5.89 -3.94
CA ALA A 82 -12.28 -5.23 -2.91
C ALA A 82 -10.89 -5.86 -2.79
N VAL A 83 -9.92 -5.03 -2.41
CA VAL A 83 -8.55 -5.48 -2.26
C VAL A 83 -7.85 -4.61 -1.21
N ARG A 84 -7.01 -5.21 -0.37
CA ARG A 84 -6.30 -4.47 0.67
C ARG A 84 -4.95 -3.98 0.15
N LEU A 85 -4.86 -2.68 -0.03
CA LEU A 85 -3.63 -2.04 -0.47
C LEU A 85 -2.92 -1.40 0.72
N LEU A 86 -1.71 -1.83 0.99
CA LEU A 86 -0.94 -1.21 2.05
C LEU A 86 0.08 -0.26 1.45
N VAL A 87 0.01 1.00 1.86
CA VAL A 87 0.87 2.02 1.29
C VAL A 87 1.54 2.82 2.39
N VAL A 88 2.72 3.33 2.08
CA VAL A 88 3.49 4.14 2.99
C VAL A 88 4.34 5.13 2.19
N ASP A 89 4.61 6.30 2.75
CA ASP A 89 5.47 7.26 2.10
C ASP A 89 6.93 6.87 2.28
N PRO A 90 7.66 6.77 1.15
CA PRO A 90 9.04 6.25 1.11
C PRO A 90 9.98 6.93 2.10
N GLU A 91 9.67 8.15 2.49
CA GLU A 91 10.50 8.89 3.43
C GLU A 91 10.35 8.35 4.85
N THR A 92 9.13 8.00 5.21
CA THR A 92 8.84 7.40 6.51
C THR A 92 9.36 5.96 6.57
N ASP A 93 9.48 5.31 5.42
CA ASP A 93 9.98 3.93 5.36
C ASP A 93 11.33 3.82 6.05
N GLU A 94 12.10 4.90 5.98
CA GLU A 94 13.39 4.97 6.64
C GLU A 94 13.21 4.83 8.15
N GLN A 95 12.24 5.55 8.68
CA GLN A 95 11.91 5.48 10.11
C GLN A 95 11.36 4.11 10.45
N LEU A 96 10.52 3.58 9.57
CA LEU A 96 9.89 2.27 9.78
C LEU A 96 10.93 1.17 9.91
N GLN A 97 11.91 1.18 9.02
CA GLN A 97 12.97 0.18 9.04
C GLN A 97 13.83 0.34 10.29
N LYS A 98 13.99 1.58 10.75
CA LYS A 98 14.72 1.85 11.98
C LYS A 98 14.01 1.22 13.17
N LEU A 99 12.68 1.29 13.17
CA LEU A 99 11.88 0.76 14.27
C LEU A 99 12.09 -0.75 14.41
N GLY A 100 11.80 -1.48 13.35
CA GLY A 100 11.92 -2.92 13.37
C GLY A 100 10.59 -3.60 13.66
N VAL A 101 9.69 -2.86 14.30
CA VAL A 101 8.38 -3.37 14.65
C VAL A 101 7.50 -3.48 13.41
N GLN A 102 6.81 -4.60 13.27
CA GLN A 102 6.02 -4.87 12.07
C GLN A 102 4.66 -4.18 12.15
N VAL A 103 4.68 -2.86 12.16
CA VAL A 103 3.45 -2.07 12.23
C VAL A 103 2.61 -2.20 10.96
N ARG A 104 3.24 -2.71 9.90
CA ARG A 104 2.59 -2.75 8.58
C ARG A 104 1.38 -3.69 8.54
N GLU A 105 1.34 -4.68 9.40
CA GLU A 105 0.25 -5.65 9.36
C GLU A 105 -0.14 -6.09 10.76
N GLU A 106 0.87 -6.49 11.54
CA GLU A 106 0.67 -6.96 12.91
C GLU A 106 -0.08 -5.93 13.76
N LEU A 107 0.38 -4.69 13.72
CA LEU A 107 -0.19 -3.63 14.53
C LEU A 107 -1.63 -3.34 14.12
N LEU A 108 -1.91 -3.46 12.83
CA LEU A 108 -3.22 -3.10 12.29
C LEU A 108 -4.29 -4.08 12.77
N ARG A 109 -3.89 -5.31 13.05
CA ARG A 109 -4.84 -6.32 13.48
C ARG A 109 -4.52 -6.79 14.89
N ALA A 110 -4.16 -5.83 15.74
CA ALA A 110 -3.97 -6.10 17.15
C ALA A 110 -5.33 -6.25 17.82
N GLN A 111 -5.99 -7.36 17.55
CA GLN A 111 -7.35 -7.58 18.00
C GLN A 111 -7.42 -8.74 18.98
N GLU A 112 -8.61 -9.00 19.50
CA GLU A 112 -8.81 -10.06 20.47
C GLU A 112 -10.19 -10.69 20.29
N ALA A 113 -10.25 -12.01 20.41
CA ALA A 113 -11.50 -12.73 20.31
C ALA A 113 -11.84 -13.40 21.64
N PRO A 114 -12.43 -12.64 22.58
CA PRO A 114 -12.71 -13.12 23.93
C PRO A 114 -14.05 -13.84 24.01
N GLY A 115 -14.20 -14.91 23.23
CA GLY A 115 -15.42 -15.69 23.27
C GLY A 115 -15.18 -17.06 23.87
N GLN A 116 -15.07 -18.05 23.01
CA GLN A 116 -14.79 -19.40 23.45
C GLN A 116 -13.72 -20.03 22.56
N ALA A 117 -13.60 -21.35 22.60
CA ALA A 117 -12.67 -22.07 21.76
C ALA A 117 -13.32 -22.42 20.43
N GLN B 1 6.50 1.61 -17.94
CA GLN B 1 6.77 2.30 -16.66
C GLN B 1 5.49 2.51 -15.85
N ASP B 2 4.60 3.35 -16.36
CA ASP B 2 3.40 3.72 -15.62
C ASP B 2 2.19 2.99 -16.17
N THR B 3 1.26 2.68 -15.31
CA THR B 3 0.02 2.02 -15.71
C THR B 3 -1.12 2.50 -14.83
N ARG B 4 -2.21 2.93 -15.45
CA ARG B 4 -3.37 3.39 -14.71
C ARG B 4 -4.15 2.21 -14.14
N LEU B 5 -4.29 2.22 -12.83
CA LEU B 5 -5.05 1.20 -12.14
C LEU B 5 -6.33 1.82 -11.59
N GLY A 1 17.58 7.55 20.04
CA GLY A 1 17.78 6.10 20.27
C GLY A 1 16.59 5.30 19.76
N ILE A 2 15.59 5.12 20.62
CA ILE A 2 14.36 4.46 20.23
C ILE A 2 13.39 5.47 19.65
N ASP A 3 12.33 5.00 19.03
CA ASP A 3 11.32 5.88 18.46
C ASP A 3 9.93 5.29 18.65
N PRO A 4 8.94 6.16 18.92
CA PRO A 4 7.54 5.76 18.99
C PRO A 4 7.04 5.17 17.67
N PHE A 5 5.85 4.60 17.71
CA PHE A 5 5.28 3.94 16.54
C PHE A 5 4.81 4.98 15.53
N THR A 6 5.70 5.35 14.63
CA THR A 6 5.44 6.37 13.64
C THR A 6 4.39 5.93 12.62
N MET A 7 3.59 6.90 12.17
CA MET A 7 2.67 6.73 11.04
C MET A 7 1.43 5.93 11.41
N LEU A 8 1.63 4.71 11.89
CA LEU A 8 0.53 3.79 12.14
C LEU A 8 -0.22 3.54 10.84
N PRO A 9 0.32 2.67 9.99
CA PRO A 9 -0.19 2.43 8.63
C PRO A 9 -1.62 1.90 8.61
N ARG A 10 -2.34 2.22 7.54
CA ARG A 10 -3.70 1.75 7.36
C ARG A 10 -3.79 0.84 6.16
N LEU A 11 -4.49 -0.27 6.31
CA LEU A 11 -4.74 -1.16 5.19
C LEU A 11 -5.96 -0.65 4.44
N CYS A 12 -5.75 -0.20 3.22
CA CYS A 12 -6.78 0.49 2.48
C CYS A 12 -7.57 -0.46 1.61
N CYS A 13 -8.87 -0.53 1.82
CA CYS A 13 -9.72 -1.35 1.00
C CYS A 13 -10.29 -0.51 -0.14
N LEU A 14 -9.78 -0.74 -1.33
CA LEU A 14 -10.20 0.01 -2.50
C LEU A 14 -11.30 -0.74 -3.24
N GLU A 15 -12.18 0.00 -3.88
CA GLU A 15 -13.29 -0.61 -4.60
C GLU A 15 -13.11 -0.45 -6.11
N LYS A 16 -13.59 -1.45 -6.84
CA LYS A 16 -13.52 -1.45 -8.29
C LYS A 16 -14.53 -0.46 -8.86
N GLY A 17 -14.03 0.70 -9.24
CA GLY A 17 -14.88 1.73 -9.81
C GLY A 17 -14.85 1.70 -11.33
N PRO A 18 -14.21 2.72 -11.96
CA PRO A 18 -14.12 2.79 -13.42
C PRO A 18 -13.10 1.81 -13.99
N ASN A 19 -13.42 0.53 -13.88
CA ASN A 19 -12.54 -0.56 -14.34
C ASN A 19 -11.20 -0.50 -13.63
N GLY A 20 -11.22 -0.03 -12.39
CA GLY A 20 -10.00 0.12 -11.63
C GLY A 20 -10.26 0.73 -10.28
N TYR A 21 -9.25 1.38 -9.72
CA TYR A 21 -9.34 1.91 -8.36
C TYR A 21 -9.03 3.41 -8.35
N GLY A 22 -8.39 3.88 -9.41
CA GLY A 22 -8.24 5.30 -9.59
C GLY A 22 -6.83 5.81 -9.32
N PHE A 23 -5.81 5.04 -9.70
CA PHE A 23 -4.45 5.51 -9.59
C PHE A 23 -3.57 4.87 -10.64
N HIS A 24 -2.50 5.56 -11.00
CA HIS A 24 -1.52 5.04 -11.93
C HIS A 24 -0.30 4.60 -11.15
N LEU A 25 0.07 3.34 -11.25
CA LEU A 25 1.22 2.85 -10.51
C LEU A 25 2.42 2.79 -11.43
N HIS A 26 3.45 3.52 -11.07
CA HIS A 26 4.66 3.60 -11.88
C HIS A 26 5.77 2.83 -11.19
N GLY A 27 6.47 2.03 -11.96
CA GLY A 27 7.53 1.24 -11.38
C GLY A 27 8.77 1.21 -12.23
N GLU A 28 9.90 1.09 -11.59
CA GLU A 28 11.16 0.95 -12.29
C GLU A 28 11.31 -0.51 -12.70
N LYS A 29 11.84 -0.73 -13.90
CA LYS A 29 11.88 -2.08 -14.46
C LYS A 29 12.83 -2.99 -13.68
N GLY A 30 12.26 -3.70 -12.72
CA GLY A 30 13.02 -4.62 -11.91
C GLY A 30 12.13 -5.34 -10.93
N LYS A 31 12.54 -5.40 -9.68
CA LYS A 31 11.78 -6.07 -8.65
C LYS A 31 11.27 -5.04 -7.64
N LEU A 32 12.21 -4.40 -6.96
CA LEU A 32 11.88 -3.39 -5.98
C LEU A 32 11.86 -2.01 -6.63
N GLY A 33 10.73 -1.32 -6.52
CA GLY A 33 10.62 0.01 -7.09
C GLY A 33 9.26 0.28 -7.69
N GLN A 34 8.22 -0.04 -6.95
CA GLN A 34 6.85 0.19 -7.41
C GLN A 34 6.18 1.28 -6.57
N TYR A 35 5.81 2.38 -7.22
CA TYR A 35 5.26 3.54 -6.53
C TYR A 35 4.03 4.05 -7.27
N ILE A 36 3.24 4.88 -6.60
CA ILE A 36 2.10 5.51 -7.23
C ILE A 36 2.51 6.83 -7.87
N ARG A 37 2.18 7.03 -9.14
CA ARG A 37 2.63 8.22 -9.86
C ARG A 37 1.56 9.30 -9.86
N LEU A 38 0.30 8.88 -9.90
CA LEU A 38 -0.80 9.82 -10.02
C LEU A 38 -2.11 9.21 -9.54
N VAL A 39 -2.82 9.94 -8.70
CA VAL A 39 -4.13 9.53 -8.21
C VAL A 39 -5.15 10.60 -8.56
N GLU A 40 -6.30 10.21 -9.06
CA GLU A 40 -7.33 11.17 -9.39
C GLU A 40 -8.13 11.50 -8.12
N PRO A 41 -8.58 12.76 -8.02
CA PRO A 41 -9.16 13.30 -6.78
C PRO A 41 -10.47 12.65 -6.39
N GLY A 42 -11.16 12.05 -7.36
CA GLY A 42 -12.40 11.38 -7.07
C GLY A 42 -12.34 9.89 -7.35
N SER A 43 -11.34 9.22 -6.78
CA SER A 43 -11.18 7.79 -6.95
C SER A 43 -11.42 7.04 -5.65
N PRO A 44 -11.80 5.75 -5.74
CA PRO A 44 -11.84 4.86 -4.57
C PRO A 44 -10.51 4.86 -3.83
N ALA A 45 -9.41 4.94 -4.59
CA ALA A 45 -8.07 4.98 -4.02
C ALA A 45 -7.89 6.21 -3.14
N GLU A 46 -8.28 7.36 -3.65
CA GLU A 46 -8.15 8.62 -2.94
C GLU A 46 -8.87 8.55 -1.61
N LYS A 47 -10.12 8.15 -1.67
CA LYS A 47 -10.96 8.00 -0.49
C LYS A 47 -10.40 6.96 0.47
N ALA A 48 -9.84 5.88 -0.08
CA ALA A 48 -9.26 4.82 0.73
C ALA A 48 -8.04 5.33 1.51
N GLY A 49 -7.41 6.38 1.00
CA GLY A 49 -6.27 6.96 1.68
C GLY A 49 -4.99 6.77 0.90
N LEU A 50 -5.11 6.31 -0.34
CA LEU A 50 -3.96 6.10 -1.19
C LEU A 50 -3.54 7.42 -1.83
N LEU A 51 -2.26 7.73 -1.73
CA LEU A 51 -1.74 9.00 -2.22
C LEU A 51 -0.90 8.79 -3.49
N ALA A 52 -0.72 9.85 -4.24
CA ALA A 52 0.01 9.79 -5.51
C ALA A 52 1.53 9.84 -5.28
N GLY A 53 1.99 9.07 -4.31
CA GLY A 53 3.41 9.00 -4.04
C GLY A 53 3.72 7.95 -2.99
N ASP A 54 2.85 6.96 -2.88
CA ASP A 54 3.02 5.91 -1.89
C ASP A 54 3.70 4.70 -2.51
N ARG A 55 4.32 3.88 -1.67
CA ARG A 55 4.88 2.63 -2.11
C ARG A 55 3.98 1.48 -1.66
N LEU A 56 3.56 0.66 -2.60
CA LEU A 56 2.70 -0.47 -2.28
C LEU A 56 3.53 -1.62 -1.73
N VAL A 57 3.24 -2.03 -0.50
CA VAL A 57 4.03 -3.07 0.14
C VAL A 57 3.35 -4.44 0.04
N GLU A 58 2.04 -4.48 0.21
CA GLU A 58 1.34 -5.77 0.19
C GLU A 58 -0.07 -5.64 -0.39
N VAL A 59 -0.60 -6.78 -0.83
CA VAL A 59 -1.95 -6.86 -1.37
C VAL A 59 -2.73 -7.96 -0.66
N ASN A 60 -3.82 -7.59 0.00
CA ASN A 60 -4.72 -8.55 0.68
C ASN A 60 -3.99 -9.42 1.70
N GLY A 61 -2.89 -8.91 2.27
CA GLY A 61 -2.22 -9.63 3.33
C GLY A 61 -0.91 -10.26 2.91
N GLU A 62 -0.66 -10.33 1.61
CA GLU A 62 0.60 -10.90 1.12
C GLU A 62 1.48 -9.79 0.56
N ASN A 63 2.76 -9.85 0.88
CA ASN A 63 3.70 -8.79 0.53
C ASN A 63 4.07 -8.85 -0.95
N VAL A 64 3.94 -7.72 -1.62
CA VAL A 64 4.16 -7.65 -3.05
C VAL A 64 5.32 -6.73 -3.41
N GLU A 65 6.07 -6.29 -2.40
CA GLU A 65 7.26 -5.46 -2.64
C GLU A 65 8.23 -6.17 -3.58
N LYS A 66 8.36 -7.48 -3.39
CA LYS A 66 9.36 -8.26 -4.10
C LYS A 66 8.78 -8.87 -5.36
N GLU A 67 7.60 -8.41 -5.73
CA GLU A 67 6.99 -8.75 -7.01
C GLU A 67 7.45 -7.74 -8.04
N THR A 68 7.58 -8.17 -9.29
CA THR A 68 7.97 -7.26 -10.35
C THR A 68 6.90 -6.21 -10.56
N HIS A 69 7.23 -5.08 -11.17
CA HIS A 69 6.27 -3.99 -11.35
C HIS A 69 5.00 -4.49 -12.04
N GLN A 70 5.17 -5.32 -13.05
CA GLN A 70 4.03 -5.86 -13.78
C GLN A 70 3.22 -6.80 -12.89
N GLN A 71 3.91 -7.64 -12.12
CA GLN A 71 3.26 -8.63 -11.27
C GLN A 71 2.49 -7.96 -10.14
N VAL A 72 3.01 -6.84 -9.63
CA VAL A 72 2.33 -6.09 -8.59
C VAL A 72 0.94 -5.64 -9.09
N VAL A 73 0.88 -5.23 -10.35
CA VAL A 73 -0.36 -4.79 -10.94
C VAL A 73 -1.35 -5.95 -11.03
N SER A 74 -0.85 -7.12 -11.42
CA SER A 74 -1.68 -8.32 -11.49
C SER A 74 -2.22 -8.68 -10.11
N ARG A 75 -1.43 -8.44 -9.06
CA ARG A 75 -1.86 -8.66 -7.70
C ARG A 75 -3.08 -7.82 -7.36
N ILE A 76 -3.04 -6.54 -7.71
CA ILE A 76 -4.13 -5.61 -7.43
C ILE A 76 -5.36 -5.96 -8.28
N ARG A 77 -5.11 -6.37 -9.52
CA ARG A 77 -6.17 -6.73 -10.44
C ARG A 77 -6.87 -8.03 -10.02
N ALA A 78 -6.18 -8.86 -9.25
CA ALA A 78 -6.71 -10.15 -8.81
C ALA A 78 -7.97 -9.98 -7.96
N ALA A 79 -8.18 -8.77 -7.48
CA ALA A 79 -9.36 -8.44 -6.70
C ALA A 79 -10.55 -8.20 -7.63
N LEU A 80 -11.72 -8.64 -7.18
CA LEU A 80 -12.94 -8.49 -7.97
C LEU A 80 -13.52 -7.09 -7.79
N ASN A 81 -14.06 -6.81 -6.62
CA ASN A 81 -14.74 -5.56 -6.36
C ASN A 81 -14.06 -4.78 -5.25
N ALA A 82 -13.33 -5.49 -4.40
CA ALA A 82 -12.63 -4.88 -3.28
C ALA A 82 -11.23 -5.46 -3.13
N VAL A 83 -10.27 -4.62 -2.80
CA VAL A 83 -8.88 -5.04 -2.66
C VAL A 83 -8.25 -4.33 -1.47
N ARG A 84 -7.42 -5.04 -0.73
CA ARG A 84 -6.71 -4.46 0.40
C ARG A 84 -5.30 -4.08 -0.01
N LEU A 85 -5.05 -2.78 -0.11
CA LEU A 85 -3.74 -2.29 -0.49
C LEU A 85 -3.10 -1.58 0.69
N LEU A 86 -1.92 -2.01 1.07
CA LEU A 86 -1.18 -1.35 2.12
C LEU A 86 -0.12 -0.47 1.51
N VAL A 87 -0.13 0.79 1.88
CA VAL A 87 0.74 1.78 1.27
C VAL A 87 1.53 2.54 2.32
N VAL A 88 2.70 3.01 1.93
CA VAL A 88 3.56 3.75 2.84
C VAL A 88 4.37 4.80 2.06
N ASP A 89 4.48 6.00 2.63
CA ASP A 89 5.36 7.02 2.08
C ASP A 89 6.80 6.53 2.17
N PRO A 90 7.52 6.51 1.05
CA PRO A 90 8.92 6.10 1.01
C PRO A 90 9.79 6.94 1.94
N GLU A 91 9.32 8.14 2.24
CA GLU A 91 9.97 9.02 3.19
C GLU A 91 9.81 8.46 4.60
N THR A 92 8.57 8.10 4.94
CA THR A 92 8.23 7.59 6.25
C THR A 92 8.80 6.19 6.45
N ASP A 93 8.74 5.38 5.41
CA ASP A 93 9.17 3.98 5.45
C ASP A 93 10.63 3.86 5.87
N GLU A 94 11.44 4.85 5.51
CA GLU A 94 12.85 4.82 5.86
C GLU A 94 13.03 4.84 7.38
N GLN A 95 12.15 5.58 8.08
CA GLN A 95 12.15 5.61 9.54
C GLN A 95 11.72 4.26 10.06
N LEU A 96 10.71 3.71 9.41
CA LEU A 96 10.18 2.40 9.76
C LEU A 96 11.26 1.33 9.59
N GLN A 97 12.15 1.53 8.62
CA GLN A 97 13.28 0.65 8.41
C GLN A 97 14.25 0.72 9.61
N LYS A 98 14.38 1.92 10.19
CA LYS A 98 15.25 2.10 11.35
C LYS A 98 14.67 1.35 12.54
N LEU A 99 13.35 1.37 12.63
CA LEU A 99 12.64 0.68 13.69
C LEU A 99 12.75 -0.83 13.50
N GLY A 100 12.50 -1.27 12.26
CA GLY A 100 12.69 -2.67 11.92
C GLY A 100 11.44 -3.50 12.10
N VAL A 101 10.62 -3.14 13.07
CA VAL A 101 9.39 -3.87 13.37
C VAL A 101 8.38 -3.72 12.23
N GLN A 102 7.77 -4.84 11.84
CA GLN A 102 6.76 -4.84 10.79
C GLN A 102 5.41 -4.38 11.37
N VAL A 103 5.34 -3.09 11.64
CA VAL A 103 4.13 -2.48 12.20
C VAL A 103 2.96 -2.59 11.22
N ARG A 104 3.29 -2.78 9.95
CA ARG A 104 2.32 -2.87 8.89
C ARG A 104 1.39 -4.08 9.04
N GLU A 105 1.80 -5.06 9.85
CA GLU A 105 0.97 -6.21 10.10
C GLU A 105 0.69 -6.38 11.59
N GLU A 106 1.77 -6.49 12.37
CA GLU A 106 1.66 -6.89 13.76
C GLU A 106 0.79 -5.93 14.59
N LEU A 107 1.06 -4.63 14.49
CA LEU A 107 0.30 -3.66 15.24
C LEU A 107 -1.04 -3.35 14.57
N LEU A 108 -1.04 -3.43 13.24
CA LEU A 108 -2.23 -3.12 12.45
C LEU A 108 -3.39 -4.04 12.81
N ARG A 109 -3.07 -5.29 13.12
CA ARG A 109 -4.09 -6.29 13.42
C ARG A 109 -4.23 -6.48 14.92
N ALA A 110 -3.79 -5.46 15.67
CA ALA A 110 -3.76 -5.48 17.13
C ALA A 110 -2.78 -6.52 17.66
N GLN A 111 -2.52 -6.49 18.96
CA GLN A 111 -1.56 -7.41 19.56
C GLN A 111 -2.11 -8.82 19.62
N GLU A 112 -1.25 -9.76 19.94
CA GLU A 112 -1.62 -11.17 19.97
C GLU A 112 -2.47 -11.47 21.19
N ALA A 113 -3.37 -12.44 21.05
CA ALA A 113 -4.32 -12.80 22.09
C ALA A 113 -5.19 -11.61 22.49
N PRO A 114 -6.06 -11.14 21.57
CA PRO A 114 -6.93 -10.02 21.82
C PRO A 114 -8.28 -10.45 22.40
N GLY A 115 -8.47 -10.25 23.69
CA GLY A 115 -9.71 -10.64 24.33
C GLY A 115 -9.80 -10.16 25.76
N GLN A 116 -10.02 -8.86 25.93
CA GLN A 116 -10.09 -8.28 27.26
C GLN A 116 -11.54 -8.08 27.69
N ALA A 117 -12.46 -8.70 26.96
CA ALA A 117 -13.87 -8.60 27.28
C ALA A 117 -14.45 -9.99 27.54
N GLN B 1 2.96 0.06 -21.48
CA GLN B 1 4.16 0.41 -20.69
C GLN B 1 3.77 1.29 -19.50
N ASP B 2 3.85 0.71 -18.30
CA ASP B 2 3.47 1.38 -17.05
C ASP B 2 1.96 1.55 -17.01
N THR B 3 1.34 1.09 -15.94
CA THR B 3 -0.09 0.81 -15.95
C THR B 3 -0.87 1.58 -14.89
N ARG B 4 -2.12 1.90 -15.24
CA ARG B 4 -3.06 2.47 -14.30
C ARG B 4 -3.92 1.37 -13.69
N LEU B 5 -4.39 1.59 -12.48
CA LEU B 5 -5.39 0.76 -11.89
C LEU B 5 -6.73 1.49 -11.95
N GLY A 1 13.77 -1.67 23.37
CA GLY A 1 14.23 -0.34 22.91
C GLY A 1 13.79 -0.07 21.48
N ILE A 2 12.86 0.86 21.31
CA ILE A 2 12.33 1.19 20.01
C ILE A 2 12.03 2.67 19.91
N ASP A 3 11.50 3.08 18.77
CA ASP A 3 11.06 4.45 18.57
C ASP A 3 9.55 4.47 18.49
N PRO A 4 8.90 5.51 19.06
CA PRO A 4 7.44 5.64 19.06
C PRO A 4 6.81 5.31 17.73
N PHE A 5 5.70 4.61 17.81
CA PHE A 5 4.95 4.22 16.61
C PHE A 5 4.30 5.45 16.02
N THR A 6 5.05 6.14 15.18
CA THR A 6 4.62 7.41 14.63
C THR A 6 3.86 7.25 13.33
N MET A 7 4.28 6.32 12.48
CA MET A 7 3.49 6.02 11.29
C MET A 7 2.68 4.77 11.52
N LEU A 8 1.37 4.93 11.52
CA LEU A 8 0.48 3.82 11.76
C LEU A 8 -0.14 3.39 10.44
N PRO A 9 0.23 2.20 9.94
CA PRO A 9 -0.13 1.75 8.60
C PRO A 9 -1.64 1.62 8.41
N ARG A 10 -2.12 2.15 7.29
CA ARG A 10 -3.52 2.07 6.96
C ARG A 10 -3.77 0.94 5.96
N LEU A 11 -4.71 0.06 6.28
CA LEU A 11 -5.11 -1.00 5.38
C LEU A 11 -6.14 -0.44 4.42
N CYS A 12 -5.71 -0.19 3.20
CA CYS A 12 -6.56 0.50 2.24
C CYS A 12 -7.30 -0.51 1.37
N CYS A 13 -8.59 -0.61 1.57
CA CYS A 13 -9.42 -1.41 0.71
C CYS A 13 -9.92 -0.57 -0.44
N LEU A 14 -9.35 -0.78 -1.61
CA LEU A 14 -9.72 -0.02 -2.78
C LEU A 14 -10.89 -0.65 -3.49
N GLU A 15 -11.84 0.19 -3.89
CA GLU A 15 -13.07 -0.26 -4.51
C GLU A 15 -12.90 -0.32 -6.01
N LYS A 16 -13.32 -1.42 -6.62
CA LYS A 16 -13.33 -1.53 -8.07
C LYS A 16 -14.41 -0.61 -8.64
N GLY A 17 -13.96 0.45 -9.29
CA GLY A 17 -14.88 1.38 -9.92
C GLY A 17 -15.24 0.94 -11.31
N PRO A 18 -15.58 1.87 -12.20
CA PRO A 18 -16.01 1.55 -13.56
C PRO A 18 -14.96 0.75 -14.35
N ASN A 19 -13.72 1.21 -14.29
CA ASN A 19 -12.65 0.59 -15.07
C ASN A 19 -11.35 0.49 -14.28
N GLY A 20 -11.45 0.28 -12.97
CA GLY A 20 -10.27 0.19 -12.15
C GLY A 20 -10.41 0.89 -10.81
N TYR A 21 -9.32 1.49 -10.34
CA TYR A 21 -9.30 2.08 -9.00
C TYR A 21 -8.92 3.55 -9.06
N GLY A 22 -8.28 3.96 -10.15
CA GLY A 22 -8.08 5.37 -10.40
C GLY A 22 -6.75 5.91 -9.92
N PHE A 23 -5.73 5.06 -9.85
CA PHE A 23 -4.39 5.52 -9.54
C PHE A 23 -3.39 4.93 -10.52
N HIS A 24 -2.28 5.63 -10.70
CA HIS A 24 -1.24 5.17 -11.61
C HIS A 24 -0.09 4.60 -10.81
N LEU A 25 0.30 3.38 -11.10
CA LEU A 25 1.45 2.80 -10.44
C LEU A 25 2.67 2.91 -11.34
N HIS A 26 3.78 3.26 -10.74
CA HIS A 26 5.03 3.39 -11.43
C HIS A 26 5.95 2.26 -11.01
N GLY A 27 6.71 1.72 -11.95
CA GLY A 27 7.66 0.68 -11.61
C GLY A 27 8.97 0.85 -12.33
N GLU A 28 10.04 0.88 -11.57
CA GLU A 28 11.39 0.95 -12.11
C GLU A 28 12.27 -0.06 -11.40
N LYS A 29 13.42 -0.39 -12.01
CA LYS A 29 14.42 -1.26 -11.38
C LYS A 29 13.98 -2.73 -11.43
N GLY A 30 12.94 -2.99 -12.21
CA GLY A 30 12.50 -4.35 -12.42
C GLY A 30 11.46 -4.80 -11.42
N LYS A 31 11.88 -4.94 -10.17
CA LYS A 31 11.00 -5.42 -9.12
C LYS A 31 10.84 -4.35 -8.05
N LEU A 32 11.90 -4.11 -7.31
CA LEU A 32 11.85 -3.14 -6.23
C LEU A 32 11.79 -1.73 -6.80
N GLY A 33 10.70 -1.05 -6.53
CA GLY A 33 10.54 0.31 -7.02
C GLY A 33 9.16 0.58 -7.59
N GLN A 34 8.14 0.05 -6.94
CA GLN A 34 6.77 0.32 -7.34
C GLN A 34 6.16 1.39 -6.43
N TYR A 35 5.81 2.51 -7.02
CA TYR A 35 5.28 3.64 -6.28
C TYR A 35 4.01 4.16 -6.94
N ILE A 36 3.15 4.77 -6.14
CA ILE A 36 1.97 5.42 -6.67
C ILE A 36 2.38 6.75 -7.28
N ARG A 37 2.06 6.93 -8.55
CA ARG A 37 2.45 8.15 -9.25
C ARG A 37 1.36 9.22 -9.13
N LEU A 38 0.13 8.83 -9.37
CA LEU A 38 -0.97 9.77 -9.45
C LEU A 38 -2.26 9.15 -8.94
N VAL A 39 -2.95 9.90 -8.09
CA VAL A 39 -4.24 9.47 -7.57
C VAL A 39 -5.30 10.45 -8.03
N GLU A 40 -6.29 9.96 -8.74
CA GLU A 40 -7.33 10.81 -9.28
C GLU A 40 -8.31 11.20 -8.18
N PRO A 41 -8.69 12.49 -8.12
CA PRO A 41 -9.53 13.06 -7.05
C PRO A 41 -10.86 12.34 -6.88
N GLY A 42 -11.35 11.70 -7.94
CA GLY A 42 -12.61 11.00 -7.87
C GLY A 42 -12.45 9.49 -7.94
N SER A 43 -11.35 9.00 -7.41
CA SER A 43 -11.06 7.57 -7.44
C SER A 43 -11.34 6.94 -6.08
N PRO A 44 -11.69 5.64 -6.06
CA PRO A 44 -11.81 4.87 -4.82
C PRO A 44 -10.48 4.75 -4.07
N ALA A 45 -9.40 5.08 -4.76
CA ALA A 45 -8.07 5.08 -4.16
C ALA A 45 -7.98 6.09 -3.03
N GLU A 46 -8.45 7.32 -3.31
CA GLU A 46 -8.43 8.37 -2.30
C GLU A 46 -9.45 8.08 -1.21
N LYS A 47 -10.49 7.32 -1.56
CA LYS A 47 -11.48 6.87 -0.58
C LYS A 47 -10.80 6.08 0.53
N ALA A 48 -9.90 5.20 0.14
CA ALA A 48 -9.18 4.35 1.09
C ALA A 48 -8.13 5.16 1.85
N GLY A 49 -7.54 6.13 1.17
CA GLY A 49 -6.51 6.94 1.78
C GLY A 49 -5.15 6.71 1.16
N LEU A 50 -5.15 6.11 -0.02
CA LEU A 50 -3.93 5.85 -0.76
C LEU A 50 -3.42 7.16 -1.36
N LEU A 51 -2.14 7.45 -1.15
CA LEU A 51 -1.57 8.74 -1.56
C LEU A 51 -0.68 8.59 -2.78
N ALA A 52 -0.56 9.67 -3.54
CA ALA A 52 0.26 9.69 -4.73
C ALA A 52 1.73 9.84 -4.37
N GLY A 53 2.35 8.72 -4.05
CA GLY A 53 3.76 8.71 -3.71
C GLY A 53 4.15 7.51 -2.86
N ASP A 54 3.16 6.80 -2.35
CA ASP A 54 3.39 5.66 -1.47
C ASP A 54 3.95 4.48 -2.23
N ARG A 55 4.68 3.63 -1.53
CA ARG A 55 5.11 2.35 -2.07
C ARG A 55 4.18 1.25 -1.59
N LEU A 56 3.77 0.38 -2.50
CA LEU A 56 2.80 -0.66 -2.19
C LEU A 56 3.48 -1.83 -1.49
N VAL A 57 3.00 -2.15 -0.30
CA VAL A 57 3.64 -3.16 0.53
C VAL A 57 3.09 -4.56 0.25
N GLU A 58 1.78 -4.71 0.35
CA GLU A 58 1.17 -6.02 0.18
C GLU A 58 -0.13 -5.94 -0.59
N VAL A 59 -0.56 -7.08 -1.11
CA VAL A 59 -1.83 -7.23 -1.77
C VAL A 59 -2.50 -8.51 -1.31
N ASN A 60 -3.62 -8.37 -0.64
CA ASN A 60 -4.43 -9.52 -0.21
C ASN A 60 -3.74 -10.34 0.87
N GLY A 61 -2.84 -9.72 1.62
CA GLY A 61 -2.23 -10.40 2.75
C GLY A 61 -0.76 -10.68 2.57
N GLU A 62 -0.29 -10.78 1.33
CA GLU A 62 1.08 -11.17 1.06
C GLU A 62 1.88 -10.02 0.43
N ASN A 63 3.16 -9.98 0.76
CA ASN A 63 4.04 -8.88 0.36
C ASN A 63 4.32 -8.91 -1.13
N VAL A 64 4.03 -7.80 -1.79
CA VAL A 64 4.22 -7.71 -3.23
C VAL A 64 5.33 -6.73 -3.57
N GLU A 65 6.08 -6.29 -2.57
CA GLU A 65 7.17 -5.34 -2.77
C GLU A 65 8.29 -5.98 -3.60
N LYS A 66 8.36 -7.30 -3.53
CA LYS A 66 9.44 -8.03 -4.20
C LYS A 66 9.00 -8.50 -5.58
N GLU A 67 7.74 -8.23 -5.91
CA GLU A 67 7.18 -8.59 -7.21
C GLU A 67 7.56 -7.55 -8.25
N THR A 68 7.40 -7.89 -9.52
CA THR A 68 7.68 -6.95 -10.58
C THR A 68 6.49 -6.00 -10.73
N HIS A 69 6.68 -4.90 -11.43
CA HIS A 69 5.59 -3.94 -11.65
C HIS A 69 4.39 -4.65 -12.30
N GLN A 70 4.67 -5.54 -13.23
CA GLN A 70 3.63 -6.31 -13.90
C GLN A 70 2.89 -7.21 -12.91
N GLN A 71 3.66 -7.92 -12.09
CA GLN A 71 3.11 -8.86 -11.12
C GLN A 71 2.16 -8.15 -10.16
N VAL A 72 2.60 -7.01 -9.64
CA VAL A 72 1.81 -6.27 -8.66
C VAL A 72 0.51 -5.76 -9.27
N VAL A 73 0.60 -5.14 -10.44
CA VAL A 73 -0.57 -4.56 -11.10
C VAL A 73 -1.60 -5.63 -11.43
N SER A 74 -1.11 -6.81 -11.82
CA SER A 74 -1.98 -7.93 -12.15
C SER A 74 -2.85 -8.30 -10.95
N ARG A 75 -2.25 -8.33 -9.76
CA ARG A 75 -2.98 -8.69 -8.56
C ARG A 75 -4.04 -7.66 -8.21
N ILE A 76 -3.67 -6.38 -8.33
CA ILE A 76 -4.59 -5.30 -7.99
C ILE A 76 -5.83 -5.35 -8.88
N ARG A 77 -5.62 -5.53 -10.17
CA ARG A 77 -6.72 -5.57 -11.12
C ARG A 77 -7.54 -6.86 -10.97
N ALA A 78 -6.91 -7.90 -10.43
CA ALA A 78 -7.56 -9.20 -10.28
C ALA A 78 -8.76 -9.14 -9.33
N ALA A 79 -8.80 -8.14 -8.47
CA ALA A 79 -9.89 -7.99 -7.51
C ALA A 79 -11.22 -7.67 -8.21
N LEU A 80 -12.30 -8.10 -7.59
CA LEU A 80 -13.63 -7.96 -8.17
C LEU A 80 -14.34 -6.72 -7.64
N ASN A 81 -14.14 -6.42 -6.37
CA ASN A 81 -14.79 -5.26 -5.76
C ASN A 81 -13.85 -4.56 -4.78
N ALA A 82 -13.24 -5.35 -3.90
CA ALA A 82 -12.36 -4.79 -2.88
C ALA A 82 -11.06 -5.57 -2.79
N VAL A 83 -9.98 -4.85 -2.55
CA VAL A 83 -8.67 -5.45 -2.44
C VAL A 83 -7.84 -4.68 -1.41
N ARG A 84 -6.93 -5.37 -0.73
CA ARG A 84 -6.12 -4.76 0.31
C ARG A 84 -4.84 -4.18 -0.27
N LEU A 85 -4.68 -2.87 -0.12
CA LEU A 85 -3.47 -2.19 -0.54
C LEU A 85 -2.82 -1.54 0.67
N LEU A 86 -1.75 -2.12 1.18
CA LEU A 86 -1.00 -1.48 2.25
C LEU A 86 0.05 -0.56 1.64
N VAL A 87 0.07 0.68 2.10
CA VAL A 87 0.94 1.69 1.51
C VAL A 87 1.76 2.40 2.57
N VAL A 88 2.93 2.90 2.17
CA VAL A 88 3.82 3.61 3.06
C VAL A 88 4.63 4.66 2.30
N ASP A 89 4.76 5.84 2.90
CA ASP A 89 5.61 6.90 2.33
C ASP A 89 7.05 6.42 2.27
N PRO A 90 7.71 6.58 1.11
CA PRO A 90 9.13 6.26 0.97
C PRO A 90 9.99 7.02 1.96
N GLU A 91 9.53 8.19 2.36
CA GLU A 91 10.22 9.00 3.34
C GLU A 91 10.08 8.39 4.73
N THR A 92 8.85 8.05 5.09
CA THR A 92 8.56 7.47 6.38
C THR A 92 9.05 6.02 6.46
N ASP A 93 9.16 5.38 5.30
CA ASP A 93 9.65 4.01 5.22
C ASP A 93 11.04 3.90 5.82
N GLU A 94 11.82 4.96 5.66
CA GLU A 94 13.14 5.06 6.27
C GLU A 94 12.99 5.08 7.78
N GLN A 95 12.03 5.88 8.24
CA GLN A 95 11.69 5.98 9.65
C GLN A 95 11.23 4.62 10.18
N LEU A 96 10.48 3.90 9.36
CA LEU A 96 10.00 2.58 9.72
C LEU A 96 11.17 1.61 9.88
N GLN A 97 12.19 1.78 9.06
CA GLN A 97 13.43 1.00 9.19
C GLN A 97 14.14 1.37 10.50
N LYS A 98 14.05 2.64 10.87
CA LYS A 98 14.60 3.10 12.14
C LYS A 98 13.89 2.42 13.30
N LEU A 99 12.59 2.21 13.15
CA LEU A 99 11.81 1.51 14.16
C LEU A 99 12.30 0.07 14.26
N GLY A 100 12.46 -0.56 13.10
CA GLY A 100 13.04 -1.90 13.04
C GLY A 100 12.05 -3.00 13.33
N VAL A 101 10.91 -2.62 13.92
CA VAL A 101 9.91 -3.60 14.32
C VAL A 101 8.88 -3.82 13.22
N GLN A 102 7.86 -4.58 13.56
CA GLN A 102 6.84 -5.01 12.62
C GLN A 102 5.66 -4.04 12.65
N VAL A 103 5.97 -2.74 12.61
CA VAL A 103 4.94 -1.71 12.73
C VAL A 103 3.88 -1.82 11.63
N ARG A 104 4.31 -2.26 10.45
CA ARG A 104 3.44 -2.30 9.28
C ARG A 104 2.47 -3.47 9.35
N GLU A 105 2.82 -4.48 10.14
CA GLU A 105 1.99 -5.68 10.22
C GLU A 105 1.31 -5.78 11.59
N GLU A 106 2.06 -5.44 12.64
CA GLU A 106 1.56 -5.56 14.00
C GLU A 106 0.41 -4.60 14.27
N LEU A 107 0.61 -3.33 13.94
CA LEU A 107 -0.39 -2.30 14.22
C LEU A 107 -1.53 -2.40 13.24
N LEU A 108 -1.27 -3.05 12.11
CA LEU A 108 -2.28 -3.29 11.10
C LEU A 108 -3.36 -4.21 11.68
N ARG A 109 -3.00 -4.94 12.73
CA ARG A 109 -3.89 -5.89 13.35
C ARG A 109 -3.89 -5.75 14.86
N ALA A 110 -3.80 -4.51 15.34
CA ALA A 110 -3.79 -4.25 16.78
C ALA A 110 -4.19 -2.80 17.08
N GLN A 111 -5.35 -2.64 17.69
CA GLN A 111 -5.82 -1.31 18.10
C GLN A 111 -5.67 -1.16 19.61
N GLU A 112 -6.01 0.02 20.12
CA GLU A 112 -5.83 0.32 21.53
C GLU A 112 -7.09 0.99 22.10
N ALA A 113 -7.08 1.20 23.41
CA ALA A 113 -8.14 1.96 24.07
C ALA A 113 -7.58 3.31 24.54
N PRO A 114 -7.76 4.35 23.73
CA PRO A 114 -7.14 5.66 23.97
C PRO A 114 -7.89 6.49 25.03
N GLY A 115 -8.75 5.84 25.77
CA GLY A 115 -9.50 6.52 26.82
C GLY A 115 -8.73 6.59 28.11
N GLN A 116 -7.48 6.99 28.03
CA GLN A 116 -6.62 7.09 29.21
C GLN A 116 -6.72 8.48 29.83
N ALA A 117 -7.54 8.61 30.85
CA ALA A 117 -7.70 9.87 31.56
C ALA A 117 -7.89 9.61 33.05
N GLN B 1 6.99 2.34 -18.21
CA GLN B 1 5.63 1.80 -18.46
C GLN B 1 4.66 2.21 -17.36
N ASP B 2 4.01 3.34 -17.54
CA ASP B 2 3.01 3.81 -16.60
C ASP B 2 1.74 2.98 -16.74
N THR B 3 1.15 2.61 -15.62
CA THR B 3 -0.05 1.79 -15.64
C THR B 3 -1.11 2.35 -14.70
N ARG B 4 -2.24 2.76 -15.27
CA ARG B 4 -3.36 3.21 -14.46
C ARG B 4 -4.17 2.01 -14.02
N LEU B 5 -4.39 1.89 -12.73
CA LEU B 5 -5.20 0.81 -12.19
C LEU B 5 -6.67 1.15 -12.38
N GLY A 1 17.83 9.73 16.82
CA GLY A 1 17.53 10.38 18.11
C GLY A 1 16.51 9.59 18.89
N ILE A 2 15.47 10.27 19.35
CA ILE A 2 14.38 9.60 20.06
C ILE A 2 13.39 9.02 19.06
N ASP A 3 12.45 8.24 19.57
CA ASP A 3 11.44 7.64 18.72
C ASP A 3 10.03 7.96 19.23
N PRO A 4 9.31 8.77 18.45
CA PRO A 4 7.90 9.05 18.70
C PRO A 4 7.02 7.98 18.05
N PHE A 5 5.72 8.03 18.31
CA PHE A 5 4.80 7.07 17.72
C PHE A 5 4.47 7.48 16.28
N THR A 6 5.52 7.59 15.48
CA THR A 6 5.40 7.99 14.09
C THR A 6 5.39 6.75 13.20
N MET A 7 5.58 5.61 13.83
CA MET A 7 5.64 4.34 13.13
C MET A 7 4.25 3.83 12.76
N LEU A 8 3.56 4.57 11.89
CA LEU A 8 2.21 4.20 11.50
C LEU A 8 2.04 4.28 9.99
N PRO A 9 1.71 3.15 9.35
CA PRO A 9 1.36 3.11 7.94
C PRO A 9 -0.14 3.22 7.73
N ARG A 10 -0.61 2.92 6.53
CA ARG A 10 -2.04 2.92 6.26
C ARG A 10 -2.43 1.75 5.35
N LEU A 11 -3.44 1.01 5.77
CA LEU A 11 -3.99 -0.07 4.97
C LEU A 11 -5.19 0.45 4.20
N CYS A 12 -5.07 0.48 2.88
CA CYS A 12 -6.10 1.07 2.06
C CYS A 12 -6.94 -0.02 1.39
N CYS A 13 -8.20 -0.10 1.79
CA CYS A 13 -9.13 -1.00 1.15
C CYS A 13 -9.72 -0.34 -0.09
N LEU A 14 -9.28 -0.80 -1.25
CA LEU A 14 -9.72 -0.22 -2.52
C LEU A 14 -10.95 -0.92 -3.04
N GLU A 15 -11.92 -0.13 -3.46
CA GLU A 15 -13.13 -0.65 -4.05
C GLU A 15 -12.97 -0.73 -5.56
N LYS A 16 -13.43 -1.82 -6.14
CA LYS A 16 -13.43 -1.94 -7.59
C LYS A 16 -14.55 -1.07 -8.16
N GLY A 17 -14.17 0.11 -8.60
CA GLY A 17 -15.13 1.07 -9.08
C GLY A 17 -15.43 0.91 -10.55
N PRO A 18 -15.27 1.98 -11.34
CA PRO A 18 -15.58 1.97 -12.78
C PRO A 18 -14.94 0.80 -13.51
N ASN A 19 -13.63 0.71 -13.43
CA ASN A 19 -12.88 -0.36 -14.06
C ASN A 19 -11.57 -0.59 -13.35
N GLY A 20 -11.54 -0.22 -12.07
CA GLY A 20 -10.30 -0.30 -11.32
C GLY A 20 -10.42 0.42 -9.99
N TYR A 21 -9.34 1.09 -9.60
CA TYR A 21 -9.27 1.74 -8.29
C TYR A 21 -8.97 3.22 -8.45
N GLY A 22 -8.42 3.58 -9.60
CA GLY A 22 -8.31 4.99 -9.95
C GLY A 22 -6.96 5.61 -9.61
N PHE A 23 -5.89 4.84 -9.62
CA PHE A 23 -4.57 5.42 -9.45
C PHE A 23 -3.58 4.79 -10.41
N HIS A 24 -2.46 5.49 -10.62
CA HIS A 24 -1.44 5.02 -11.54
C HIS A 24 -0.27 4.42 -10.78
N LEU A 25 -0.05 3.14 -10.98
CA LEU A 25 1.03 2.42 -10.33
C LEU A 25 2.17 2.23 -11.32
N HIS A 26 3.37 2.65 -10.94
CA HIS A 26 4.53 2.47 -11.79
C HIS A 26 5.62 1.68 -11.07
N GLY A 27 6.29 0.81 -11.80
CA GLY A 27 7.33 -0.01 -11.21
C GLY A 27 8.66 0.20 -11.90
N GLU A 28 9.69 0.45 -11.12
CA GLU A 28 10.99 0.76 -11.67
C GLU A 28 11.92 -0.44 -11.65
N LYS A 29 12.90 -0.42 -12.55
CA LYS A 29 13.91 -1.47 -12.66
C LYS A 29 13.27 -2.84 -12.88
N GLY A 30 12.05 -2.83 -13.41
CA GLY A 30 11.36 -4.06 -13.73
C GLY A 30 10.63 -4.66 -12.55
N LYS A 31 11.27 -4.69 -11.39
CA LYS A 31 10.71 -5.34 -10.22
C LYS A 31 10.66 -4.40 -9.03
N LEU A 32 11.81 -3.91 -8.61
CA LEU A 32 11.92 -3.21 -7.35
C LEU A 32 11.50 -1.75 -7.46
N GLY A 33 10.43 -1.41 -6.78
CA GLY A 33 10.01 -0.03 -6.69
C GLY A 33 8.65 0.21 -7.31
N GLN A 34 7.60 -0.17 -6.60
CA GLN A 34 6.24 0.12 -7.05
C GLN A 34 5.73 1.35 -6.30
N TYR A 35 5.46 2.42 -7.03
CA TYR A 35 5.06 3.68 -6.41
C TYR A 35 3.85 4.25 -7.10
N ILE A 36 3.06 5.01 -6.35
CA ILE A 36 1.88 5.66 -6.89
C ILE A 36 2.29 6.98 -7.56
N ARG A 37 1.94 7.12 -8.83
CA ARG A 37 2.32 8.31 -9.60
C ARG A 37 1.28 9.41 -9.40
N LEU A 38 0.03 9.08 -9.69
CA LEU A 38 -1.06 10.05 -9.61
C LEU A 38 -2.37 9.33 -9.28
N VAL A 39 -3.24 10.04 -8.58
CA VAL A 39 -4.53 9.50 -8.18
C VAL A 39 -5.67 10.25 -8.88
N GLU A 40 -6.67 9.51 -9.31
CA GLU A 40 -7.83 10.08 -9.98
C GLU A 40 -8.72 10.79 -8.95
N PRO A 41 -9.16 12.03 -9.27
CA PRO A 41 -9.89 12.88 -8.33
C PRO A 41 -11.19 12.26 -7.84
N GLY A 42 -11.74 11.34 -8.63
CA GLY A 42 -12.97 10.67 -8.24
C GLY A 42 -12.79 9.17 -8.18
N SER A 43 -11.80 8.73 -7.42
CA SER A 43 -11.51 7.31 -7.30
C SER A 43 -11.60 6.86 -5.85
N PRO A 44 -11.84 5.56 -5.62
CA PRO A 44 -11.84 4.96 -4.28
C PRO A 44 -10.48 5.09 -3.60
N ALA A 45 -9.43 5.40 -4.38
CA ALA A 45 -8.11 5.63 -3.84
C ALA A 45 -8.11 6.83 -2.89
N GLU A 46 -8.77 7.90 -3.31
CA GLU A 46 -8.96 9.09 -2.48
C GLU A 46 -9.66 8.71 -1.18
N LYS A 47 -10.69 7.89 -1.32
CA LYS A 47 -11.48 7.43 -0.19
C LYS A 47 -10.65 6.58 0.77
N ALA A 48 -9.85 5.69 0.20
CA ALA A 48 -9.04 4.77 1.00
C ALA A 48 -7.93 5.51 1.75
N GLY A 49 -7.46 6.59 1.16
CA GLY A 49 -6.41 7.37 1.79
C GLY A 49 -5.07 7.19 1.12
N LEU A 50 -5.10 6.57 -0.05
CA LEU A 50 -3.89 6.37 -0.84
C LEU A 50 -3.51 7.68 -1.54
N LEU A 51 -2.27 8.09 -1.36
CA LEU A 51 -1.82 9.37 -1.90
C LEU A 51 -0.90 9.17 -3.09
N ALA A 52 -0.80 10.21 -3.92
CA ALA A 52 0.08 10.19 -5.08
C ALA A 52 1.53 10.33 -4.62
N GLY A 53 2.18 9.19 -4.42
CA GLY A 53 3.53 9.17 -3.95
C GLY A 53 3.76 8.04 -2.96
N ASP A 54 2.67 7.35 -2.62
CA ASP A 54 2.73 6.23 -1.68
C ASP A 54 3.56 5.08 -2.23
N ARG A 55 4.19 4.36 -1.32
CA ARG A 55 4.93 3.16 -1.65
C ARG A 55 4.08 1.94 -1.37
N LEU A 56 3.82 1.15 -2.41
CA LEU A 56 3.07 -0.09 -2.26
C LEU A 56 3.98 -1.18 -1.72
N VAL A 57 3.68 -1.68 -0.55
CA VAL A 57 4.53 -2.68 0.08
C VAL A 57 3.96 -4.08 -0.09
N GLU A 58 2.72 -4.26 0.35
CA GLU A 58 2.10 -5.58 0.33
C GLU A 58 0.67 -5.51 -0.18
N VAL A 59 0.21 -6.60 -0.78
CA VAL A 59 -1.16 -6.70 -1.28
C VAL A 59 -1.92 -7.76 -0.49
N ASN A 60 -2.91 -7.30 0.26
CA ASN A 60 -3.77 -8.14 1.10
C ASN A 60 -3.00 -8.80 2.25
N GLY A 61 -2.11 -9.73 1.95
CA GLY A 61 -1.41 -10.42 3.00
C GLY A 61 0.04 -10.74 2.68
N GLU A 62 0.45 -10.56 1.42
CA GLU A 62 1.82 -10.87 1.04
C GLU A 62 2.49 -9.67 0.37
N ASN A 63 3.82 -9.57 0.54
CA ASN A 63 4.57 -8.43 0.02
C ASN A 63 4.78 -8.56 -1.48
N VAL A 64 4.69 -7.44 -2.18
CA VAL A 64 4.78 -7.44 -3.63
C VAL A 64 5.93 -6.55 -4.12
N GLU A 65 6.92 -6.39 -3.26
CA GLU A 65 8.05 -5.50 -3.56
C GLU A 65 9.05 -6.15 -4.48
N LYS A 66 9.05 -7.48 -4.53
CA LYS A 66 10.05 -8.21 -5.31
C LYS A 66 9.44 -8.72 -6.62
N GLU A 67 8.14 -8.52 -6.78
CA GLU A 67 7.45 -8.92 -8.00
C GLU A 67 7.75 -7.93 -9.11
N THR A 68 7.57 -8.35 -10.36
CA THR A 68 7.74 -7.45 -11.47
C THR A 68 6.58 -6.47 -11.51
N HIS A 69 6.74 -5.37 -12.22
CA HIS A 69 5.70 -4.36 -12.28
C HIS A 69 4.37 -4.95 -12.73
N GLN A 70 4.41 -5.75 -13.80
CA GLN A 70 3.21 -6.36 -14.35
C GLN A 70 2.62 -7.36 -13.36
N GLN A 71 3.48 -8.08 -12.66
CA GLN A 71 3.03 -9.05 -11.66
C GLN A 71 2.22 -8.36 -10.56
N VAL A 72 2.75 -7.24 -10.08
CA VAL A 72 2.09 -6.46 -9.04
C VAL A 72 0.71 -5.99 -9.51
N VAL A 73 0.66 -5.38 -10.68
CA VAL A 73 -0.59 -4.89 -11.25
C VAL A 73 -1.57 -6.04 -11.44
N SER A 74 -1.06 -7.18 -11.87
CA SER A 74 -1.88 -8.37 -12.08
C SER A 74 -2.50 -8.83 -10.76
N ARG A 75 -1.74 -8.74 -9.67
CA ARG A 75 -2.23 -9.14 -8.36
C ARG A 75 -3.33 -8.20 -7.88
N ILE A 76 -3.16 -6.91 -8.13
CA ILE A 76 -4.12 -5.92 -7.69
C ILE A 76 -5.41 -6.03 -8.49
N ARG A 77 -5.28 -6.35 -9.77
CA ARG A 77 -6.45 -6.55 -10.63
C ARG A 77 -7.18 -7.84 -10.27
N ALA A 78 -6.44 -8.78 -9.68
CA ALA A 78 -6.98 -10.08 -9.34
C ALA A 78 -8.10 -10.00 -8.30
N ALA A 79 -8.10 -8.92 -7.54
CA ALA A 79 -9.10 -8.73 -6.51
C ALA A 79 -10.40 -8.18 -7.10
N LEU A 80 -11.50 -8.81 -6.73
CA LEU A 80 -12.81 -8.34 -7.13
C LEU A 80 -13.48 -7.62 -5.97
N ASN A 81 -14.11 -6.50 -6.27
CA ASN A 81 -14.88 -5.71 -5.30
C ASN A 81 -13.97 -4.94 -4.35
N ALA A 82 -13.12 -5.64 -3.62
CA ALA A 82 -12.25 -5.00 -2.64
C ALA A 82 -10.88 -5.65 -2.58
N VAL A 83 -9.87 -4.82 -2.41
CA VAL A 83 -8.49 -5.28 -2.25
C VAL A 83 -7.80 -4.44 -1.17
N ARG A 84 -6.95 -5.07 -0.36
CA ARG A 84 -6.25 -4.36 0.69
C ARG A 84 -4.85 -4.02 0.24
N LEU A 85 -4.61 -2.75 0.00
CA LEU A 85 -3.30 -2.31 -0.44
C LEU A 85 -2.60 -1.58 0.68
N LEU A 86 -1.47 -2.12 1.11
CA LEU A 86 -0.70 -1.51 2.16
C LEU A 86 0.26 -0.50 1.57
N VAL A 87 0.16 0.73 2.04
CA VAL A 87 0.98 1.81 1.52
C VAL A 87 1.56 2.62 2.65
N VAL A 88 2.72 3.20 2.40
CA VAL A 88 3.41 4.01 3.37
C VAL A 88 4.23 5.08 2.65
N ASP A 89 4.45 6.22 3.29
CA ASP A 89 5.35 7.23 2.74
C ASP A 89 6.75 6.65 2.67
N PRO A 90 7.40 6.72 1.50
CA PRO A 90 8.75 6.17 1.31
C PRO A 90 9.75 6.75 2.31
N GLU A 91 9.52 8.00 2.71
CA GLU A 91 10.32 8.63 3.74
C GLU A 91 10.03 8.03 5.11
N THR A 92 8.75 7.79 5.38
CA THR A 92 8.31 7.24 6.64
C THR A 92 8.69 5.77 6.77
N ASP A 93 8.60 5.03 5.67
CA ASP A 93 9.01 3.63 5.63
C ASP A 93 10.50 3.53 5.99
N GLU A 94 11.27 4.46 5.46
CA GLU A 94 12.69 4.57 5.77
C GLU A 94 12.89 4.80 7.27
N GLN A 95 12.02 5.62 7.84
CA GLN A 95 12.04 5.90 9.26
C GLN A 95 11.66 4.65 10.05
N LEU A 96 10.64 3.94 9.57
CA LEU A 96 10.13 2.74 10.24
C LEU A 96 11.21 1.68 10.36
N GLN A 97 12.12 1.64 9.38
CA GLN A 97 13.23 0.70 9.40
C GLN A 97 14.06 0.90 10.67
N LYS A 98 14.19 2.16 11.10
CA LYS A 98 14.91 2.50 12.33
C LYS A 98 14.16 2.03 13.56
N LEU A 99 12.83 2.05 13.50
CA LEU A 99 12.02 1.60 14.62
C LEU A 99 11.98 0.08 14.69
N GLY A 100 11.86 -0.53 13.51
CA GLY A 100 11.87 -1.98 13.42
C GLY A 100 10.54 -2.60 13.75
N VAL A 101 9.53 -1.75 13.92
CA VAL A 101 8.20 -2.20 14.32
C VAL A 101 7.48 -2.93 13.18
N GLN A 102 6.61 -3.87 13.54
CA GLN A 102 5.90 -4.68 12.56
C GLN A 102 4.49 -4.17 12.30
N VAL A 103 4.31 -2.85 12.41
CA VAL A 103 2.99 -2.21 12.22
C VAL A 103 2.37 -2.56 10.88
N ARG A 104 3.20 -2.91 9.90
CA ARG A 104 2.73 -3.18 8.54
C ARG A 104 1.80 -4.40 8.49
N GLU A 105 1.81 -5.22 9.53
CA GLU A 105 0.87 -6.32 9.65
C GLU A 105 0.23 -6.35 11.03
N GLU A 106 1.08 -6.20 12.05
CA GLU A 106 0.66 -6.34 13.43
C GLU A 106 -0.40 -5.32 13.81
N LEU A 107 -0.14 -4.06 13.50
CA LEU A 107 -1.04 -2.97 13.88
C LEU A 107 -2.38 -3.07 13.13
N LEU A 108 -2.33 -3.60 11.91
CA LEU A 108 -3.52 -3.67 11.08
C LEU A 108 -4.58 -4.57 11.70
N ARG A 109 -4.14 -5.60 12.40
CA ARG A 109 -5.06 -6.48 13.10
C ARG A 109 -4.74 -6.54 14.58
N ALA A 110 -4.62 -5.37 15.17
CA ALA A 110 -4.30 -5.24 16.57
C ALA A 110 -5.47 -4.62 17.32
N GLN A 111 -5.91 -5.30 18.37
CA GLN A 111 -7.01 -4.81 19.19
C GLN A 111 -6.68 -5.05 20.66
N GLU A 112 -7.45 -4.43 21.55
CA GLU A 112 -7.24 -4.57 22.99
C GLU A 112 -5.85 -4.09 23.38
N ALA A 113 -5.48 -2.93 22.87
CA ALA A 113 -4.19 -2.34 23.16
C ALA A 113 -4.37 -1.07 23.98
N PRO A 114 -4.37 -1.18 25.32
CA PRO A 114 -4.59 -0.07 26.22
C PRO A 114 -3.31 0.67 26.59
N GLY A 115 -3.46 1.92 27.00
CA GLY A 115 -2.31 2.71 27.40
C GLY A 115 -2.32 2.98 28.89
N GLN A 116 -1.16 3.22 29.46
CA GLN A 116 -1.04 3.47 30.89
C GLN A 116 -0.96 4.97 31.17
N ALA A 117 -2.05 5.67 30.85
CA ALA A 117 -2.10 7.12 31.01
C ALA A 117 -2.69 7.49 32.37
N GLN B 1 4.89 4.56 -18.28
CA GLN B 1 4.80 3.24 -17.63
C GLN B 1 3.97 3.32 -16.35
N ASP B 2 3.15 4.35 -16.24
CA ASP B 2 2.34 4.57 -15.06
C ASP B 2 0.99 3.89 -15.23
N THR B 3 1.00 2.56 -15.12
CA THR B 3 -0.17 1.74 -15.35
C THR B 3 -1.35 2.15 -14.47
N ARG B 4 -2.45 2.52 -15.11
CA ARG B 4 -3.65 2.90 -14.39
C ARG B 4 -4.38 1.66 -13.90
N LEU B 5 -4.75 1.67 -12.63
CA LEU B 5 -5.50 0.58 -12.05
C LEU B 5 -6.99 0.88 -12.10
N GLY A 1 16.82 5.09 18.62
CA GLY A 1 16.72 4.59 20.01
C GLY A 1 15.45 3.81 20.22
N ILE A 2 14.66 4.20 21.22
CA ILE A 2 13.37 3.58 21.45
C ILE A 2 12.30 4.41 20.76
N ASP A 3 11.66 3.80 19.79
CA ASP A 3 10.65 4.48 18.99
C ASP A 3 9.31 3.79 19.14
N PRO A 4 8.28 4.56 19.53
CA PRO A 4 6.91 4.07 19.65
C PRO A 4 6.32 3.71 18.29
N PHE A 5 5.13 3.15 18.31
CA PHE A 5 4.46 2.74 17.08
C PHE A 5 3.82 3.94 16.40
N THR A 6 4.65 4.67 15.67
CA THR A 6 4.21 5.86 14.96
C THR A 6 4.39 5.66 13.46
N MET A 7 3.55 6.33 12.67
CA MET A 7 3.64 6.29 11.21
C MET A 7 3.52 4.85 10.70
N LEU A 8 2.39 4.21 11.00
CA LEU A 8 2.19 2.83 10.62
C LEU A 8 1.67 2.75 9.19
N PRO A 9 2.09 1.71 8.44
CA PRO A 9 1.66 1.51 7.06
C PRO A 9 0.15 1.40 6.96
N ARG A 10 -0.44 2.24 6.12
CA ARG A 10 -1.89 2.34 6.04
C ARG A 10 -2.45 1.31 5.08
N LEU A 11 -3.47 0.60 5.53
CA LEU A 11 -4.17 -0.37 4.69
C LEU A 11 -5.34 0.33 4.03
N CYS A 12 -5.24 0.52 2.74
CA CYS A 12 -6.27 1.22 1.99
C CYS A 12 -7.11 0.22 1.19
N CYS A 13 -8.39 0.18 1.49
CA CYS A 13 -9.31 -0.68 0.77
C CYS A 13 -9.90 0.05 -0.43
N LEU A 14 -9.46 -0.34 -1.62
CA LEU A 14 -9.93 0.28 -2.85
C LEU A 14 -11.00 -0.59 -3.49
N GLU A 15 -12.04 0.06 -3.98
CA GLU A 15 -13.14 -0.63 -4.63
C GLU A 15 -13.10 -0.36 -6.13
N LYS A 16 -13.40 -1.38 -6.93
CA LYS A 16 -13.43 -1.23 -8.36
C LYS A 16 -14.47 -0.20 -8.79
N GLY A 17 -14.03 0.76 -9.57
CA GLY A 17 -14.90 1.82 -10.02
C GLY A 17 -15.33 1.62 -11.46
N PRO A 18 -15.67 2.70 -12.17
CA PRO A 18 -16.18 2.64 -13.54
C PRO A 18 -15.27 1.87 -14.50
N ASN A 19 -13.97 2.17 -14.46
CA ASN A 19 -13.00 1.47 -15.29
C ASN A 19 -11.79 1.03 -14.48
N GLY A 20 -11.84 1.27 -13.18
CA GLY A 20 -10.68 1.02 -12.36
C GLY A 20 -10.81 1.62 -10.98
N TYR A 21 -9.72 1.58 -10.23
CA TYR A 21 -9.69 2.13 -8.88
C TYR A 21 -9.36 3.62 -8.95
N GLY A 22 -8.65 4.00 -9.99
CA GLY A 22 -8.42 5.40 -10.27
C GLY A 22 -7.03 5.86 -9.90
N PHE A 23 -6.06 4.96 -9.89
CA PHE A 23 -4.69 5.37 -9.64
C PHE A 23 -3.77 4.73 -10.65
N HIS A 24 -2.62 5.36 -10.85
CA HIS A 24 -1.62 4.85 -11.76
C HIS A 24 -0.50 4.21 -10.98
N LEU A 25 -0.24 2.94 -11.26
CA LEU A 25 0.84 2.24 -10.63
C LEU A 25 2.02 2.28 -11.60
N HIS A 26 3.11 2.84 -11.14
CA HIS A 26 4.26 3.00 -11.98
C HIS A 26 5.34 2.02 -11.57
N GLY A 27 6.05 1.48 -12.55
CA GLY A 27 7.07 0.51 -12.26
C GLY A 27 8.32 0.71 -13.08
N GLU A 28 9.46 0.61 -12.41
CA GLU A 28 10.76 0.67 -13.06
C GLU A 28 11.09 -0.71 -13.62
N LYS A 29 11.93 -0.74 -14.65
CA LYS A 29 12.25 -2.00 -15.32
C LYS A 29 13.35 -2.74 -14.56
N GLY A 30 12.98 -3.28 -13.42
CA GLY A 30 13.88 -4.09 -12.63
C GLY A 30 13.10 -5.13 -11.86
N LYS A 31 12.97 -4.93 -10.56
CA LYS A 31 12.13 -5.77 -9.73
C LYS A 31 11.31 -4.89 -8.80
N LEU A 32 11.98 -4.31 -7.81
CA LEU A 32 11.32 -3.42 -6.87
C LEU A 32 11.07 -2.07 -7.51
N GLY A 33 9.92 -1.50 -7.24
CA GLY A 33 9.59 -0.20 -7.80
C GLY A 33 8.12 -0.02 -8.02
N GLN A 34 7.34 -0.25 -6.98
CA GLN A 34 5.90 -0.04 -7.04
C GLN A 34 5.58 1.31 -6.43
N TYR A 35 5.09 2.23 -7.26
CA TYR A 35 4.85 3.59 -6.81
C TYR A 35 3.55 4.13 -7.39
N ILE A 36 2.74 4.75 -6.53
CA ILE A 36 1.52 5.42 -6.97
C ILE A 36 1.89 6.73 -7.61
N ARG A 37 1.76 6.81 -8.92
CA ARG A 37 2.27 7.96 -9.65
C ARG A 37 1.20 9.04 -9.80
N LEU A 38 -0.05 8.64 -9.68
CA LEU A 38 -1.16 9.57 -9.87
C LEU A 38 -2.45 8.97 -9.33
N VAL A 39 -3.20 9.77 -8.61
CA VAL A 39 -4.54 9.42 -8.20
C VAL A 39 -5.52 10.49 -8.66
N GLU A 40 -6.56 10.08 -9.37
CA GLU A 40 -7.47 11.02 -10.00
C GLU A 40 -8.52 11.51 -9.00
N PRO A 41 -9.07 12.72 -9.24
CA PRO A 41 -9.99 13.38 -8.30
C PRO A 41 -11.30 12.61 -8.14
N GLY A 42 -11.60 11.75 -9.10
CA GLY A 42 -12.76 10.91 -9.01
C GLY A 42 -12.40 9.45 -8.89
N SER A 43 -11.70 9.10 -7.83
CA SER A 43 -11.31 7.72 -7.60
C SER A 43 -11.55 7.33 -6.15
N PRO A 44 -11.95 6.08 -5.90
CA PRO A 44 -12.01 5.52 -4.56
C PRO A 44 -10.62 5.41 -3.93
N ALA A 45 -9.59 5.58 -4.76
CA ALA A 45 -8.21 5.49 -4.29
C ALA A 45 -7.91 6.54 -3.24
N GLU A 46 -8.22 7.81 -3.54
CA GLU A 46 -7.97 8.88 -2.59
C GLU A 46 -8.85 8.73 -1.36
N LYS A 47 -10.03 8.18 -1.57
CA LYS A 47 -10.98 7.96 -0.48
C LYS A 47 -10.50 6.84 0.43
N ALA A 48 -9.75 5.92 -0.14
CA ALA A 48 -9.18 4.81 0.61
C ALA A 48 -8.02 5.28 1.50
N GLY A 49 -7.43 6.40 1.13
CA GLY A 49 -6.29 6.93 1.86
C GLY A 49 -5.00 6.78 1.08
N LEU A 50 -5.09 6.09 -0.05
CA LEU A 50 -3.95 5.92 -0.94
C LEU A 50 -3.47 7.27 -1.47
N LEU A 51 -2.19 7.55 -1.28
CA LEU A 51 -1.63 8.83 -1.68
C LEU A 51 -0.71 8.68 -2.89
N ALA A 52 -0.54 9.77 -3.62
CA ALA A 52 0.35 9.78 -4.76
C ALA A 52 1.79 9.86 -4.28
N GLY A 53 2.49 8.74 -4.34
CA GLY A 53 3.83 8.67 -3.82
C GLY A 53 3.98 7.55 -2.81
N ASP A 54 2.85 6.90 -2.50
CA ASP A 54 2.84 5.78 -1.58
C ASP A 54 3.55 4.58 -2.18
N ARG A 55 4.27 3.85 -1.34
CA ARG A 55 4.95 2.64 -1.76
C ARG A 55 4.07 1.44 -1.47
N LEU A 56 3.67 0.75 -2.52
CA LEU A 56 2.84 -0.43 -2.37
C LEU A 56 3.69 -1.62 -1.95
N VAL A 57 3.68 -1.93 -0.66
CA VAL A 57 4.53 -2.98 -0.11
C VAL A 57 3.81 -4.33 -0.11
N GLU A 58 2.51 -4.30 0.14
CA GLU A 58 1.74 -5.52 0.24
C GLU A 58 0.43 -5.38 -0.52
N VAL A 59 -0.07 -6.49 -1.05
CA VAL A 59 -1.40 -6.52 -1.67
C VAL A 59 -2.22 -7.64 -1.07
N ASN A 60 -3.26 -7.28 -0.34
CA ASN A 60 -4.15 -8.25 0.32
C ASN A 60 -3.38 -9.15 1.28
N GLY A 61 -2.26 -8.66 1.79
CA GLY A 61 -1.53 -9.37 2.82
C GLY A 61 -0.34 -10.17 2.31
N GLU A 62 -0.07 -10.09 1.02
CA GLU A 62 1.10 -10.78 0.48
C GLU A 62 2.13 -9.79 -0.05
N ASN A 63 3.39 -10.09 0.23
CA ASN A 63 4.51 -9.20 -0.07
C ASN A 63 4.68 -8.99 -1.57
N VAL A 64 4.54 -7.76 -2.02
CA VAL A 64 4.66 -7.46 -3.45
C VAL A 64 5.86 -6.55 -3.75
N GLU A 65 6.64 -6.23 -2.72
CA GLU A 65 7.80 -5.35 -2.87
C GLU A 65 8.78 -5.87 -3.90
N LYS A 66 8.97 -7.19 -3.92
CA LYS A 66 10.02 -7.80 -4.73
C LYS A 66 9.43 -8.42 -6.00
N GLU A 67 8.19 -8.07 -6.29
CA GLU A 67 7.51 -8.56 -7.46
C GLU A 67 7.72 -7.59 -8.62
N THR A 68 7.58 -8.08 -9.84
CA THR A 68 7.68 -7.21 -11.01
C THR A 68 6.48 -6.29 -11.06
N HIS A 69 6.57 -5.24 -11.86
CA HIS A 69 5.44 -4.32 -12.03
C HIS A 69 4.20 -5.09 -12.46
N GLN A 70 4.36 -5.97 -13.44
CA GLN A 70 3.24 -6.72 -13.98
C GLN A 70 2.67 -7.67 -12.92
N GLN A 71 3.53 -8.30 -12.13
CA GLN A 71 3.08 -9.23 -11.11
C GLN A 71 2.23 -8.52 -10.05
N VAL A 72 2.67 -7.34 -9.64
CA VAL A 72 1.95 -6.58 -8.63
C VAL A 72 0.57 -6.15 -9.14
N VAL A 73 0.55 -5.58 -10.35
CA VAL A 73 -0.70 -5.11 -10.94
C VAL A 73 -1.68 -6.26 -11.13
N SER A 74 -1.16 -7.44 -11.47
CA SER A 74 -2.00 -8.63 -11.64
C SER A 74 -2.72 -8.98 -10.34
N ARG A 75 -2.02 -8.83 -9.21
CA ARG A 75 -2.62 -9.09 -7.91
C ARG A 75 -3.73 -8.10 -7.62
N ILE A 76 -3.52 -6.84 -7.97
CA ILE A 76 -4.52 -5.80 -7.74
C ILE A 76 -5.76 -6.05 -8.60
N ARG A 77 -5.53 -6.62 -9.79
CA ARG A 77 -6.61 -6.97 -10.70
C ARG A 77 -7.40 -8.16 -10.19
N ALA A 78 -6.77 -9.00 -9.38
CA ALA A 78 -7.39 -10.23 -8.89
C ALA A 78 -8.53 -9.95 -7.93
N ALA A 79 -8.63 -8.71 -7.49
CA ALA A 79 -9.71 -8.31 -6.61
C ALA A 79 -10.98 -8.05 -7.41
N LEU A 80 -11.98 -8.89 -7.18
CA LEU A 80 -13.25 -8.80 -7.90
C LEU A 80 -13.98 -7.49 -7.60
N ASN A 81 -13.89 -7.03 -6.36
CA ASN A 81 -14.55 -5.79 -5.98
C ASN A 81 -13.62 -4.88 -5.20
N ALA A 82 -13.15 -5.36 -4.06
CA ALA A 82 -12.32 -4.57 -3.18
C ALA A 82 -10.95 -5.19 -3.00
N VAL A 83 -9.93 -4.36 -2.96
CA VAL A 83 -8.57 -4.82 -2.76
C VAL A 83 -7.93 -4.03 -1.62
N ARG A 84 -7.21 -4.71 -0.75
CA ARG A 84 -6.56 -4.05 0.36
C ARG A 84 -5.10 -3.78 -0.01
N LEU A 85 -4.79 -2.52 -0.21
CA LEU A 85 -3.44 -2.11 -0.58
C LEU A 85 -2.73 -1.56 0.64
N LEU A 86 -1.61 -2.16 0.99
CA LEU A 86 -0.82 -1.67 2.10
C LEU A 86 0.27 -0.77 1.55
N VAL A 87 0.27 0.47 2.01
CA VAL A 87 1.17 1.47 1.46
C VAL A 87 1.85 2.28 2.56
N VAL A 88 3.04 2.79 2.24
CA VAL A 88 3.82 3.57 3.18
C VAL A 88 4.67 4.61 2.44
N ASP A 89 4.73 5.83 2.97
CA ASP A 89 5.58 6.87 2.42
C ASP A 89 7.06 6.50 2.55
N PRO A 90 7.90 6.95 1.60
CA PRO A 90 9.35 6.78 1.71
C PRO A 90 9.90 7.45 2.96
N GLU A 91 9.35 8.61 3.27
CA GLU A 91 9.70 9.35 4.49
C GLU A 91 9.37 8.52 5.73
N THR A 92 8.21 7.88 5.68
CA THR A 92 7.74 7.06 6.78
C THR A 92 8.62 5.82 6.97
N ASP A 93 9.06 5.25 5.86
CA ASP A 93 9.87 4.02 5.88
C ASP A 93 11.14 4.22 6.69
N GLU A 94 11.77 5.37 6.51
CA GLU A 94 13.01 5.71 7.21
C GLU A 94 12.81 5.72 8.72
N GLN A 95 11.66 6.20 9.16
CA GLN A 95 11.33 6.21 10.58
C GLN A 95 11.10 4.78 11.07
N LEU A 96 10.40 4.03 10.24
CA LEU A 96 10.07 2.63 10.54
C LEU A 96 11.33 1.78 10.67
N GLN A 97 12.38 2.15 9.94
CA GLN A 97 13.67 1.47 10.06
C GLN A 97 14.16 1.50 11.51
N LYS A 98 13.89 2.60 12.20
CA LYS A 98 14.22 2.74 13.62
C LYS A 98 13.39 1.76 14.45
N LEU A 99 12.14 1.58 14.04
CA LEU A 99 11.24 0.62 14.68
C LEU A 99 11.77 -0.80 14.48
N GLY A 100 11.90 -1.17 13.21
CA GLY A 100 12.50 -2.44 12.84
C GLY A 100 11.49 -3.55 12.73
N VAL A 101 10.64 -3.67 13.74
CA VAL A 101 9.64 -4.72 13.79
C VAL A 101 8.61 -4.57 12.68
N GLN A 102 8.18 -5.70 12.11
CA GLN A 102 7.18 -5.70 11.04
C GLN A 102 5.81 -5.32 11.59
N VAL A 103 5.51 -4.04 11.56
CA VAL A 103 4.21 -3.54 11.99
C VAL A 103 3.16 -3.69 10.89
N ARG A 104 3.62 -4.13 9.72
CA ARG A 104 2.76 -4.15 8.53
C ARG A 104 1.63 -5.16 8.65
N GLU A 105 1.77 -6.12 9.57
CA GLU A 105 0.70 -7.06 9.84
C GLU A 105 0.37 -7.11 11.33
N GLU A 106 1.38 -7.45 12.13
CA GLU A 106 1.21 -7.65 13.57
C GLU A 106 0.60 -6.41 14.26
N LEU A 107 1.13 -5.23 13.95
CA LEU A 107 0.62 -4.01 14.54
C LEU A 107 -0.69 -3.61 13.87
N LEU A 108 -0.77 -3.85 12.57
CA LEU A 108 -1.93 -3.48 11.78
C LEU A 108 -3.18 -4.22 12.25
N ARG A 109 -3.00 -5.46 12.68
CA ARG A 109 -4.12 -6.30 13.10
C ARG A 109 -4.41 -6.15 14.59
N ALA A 110 -3.86 -5.10 15.17
CA ALA A 110 -4.03 -4.79 16.59
C ALA A 110 -3.43 -5.87 17.48
N GLN A 111 -3.44 -5.63 18.79
CA GLN A 111 -2.85 -6.56 19.75
C GLN A 111 -3.93 -7.28 20.52
N GLU A 112 -3.54 -8.36 21.17
CA GLU A 112 -4.42 -9.12 22.02
C GLU A 112 -3.99 -8.98 23.46
N ALA A 113 -4.97 -8.76 24.35
CA ALA A 113 -4.70 -8.47 25.75
C ALA A 113 -3.76 -7.27 25.88
N PRO A 114 -4.22 -6.09 25.44
CA PRO A 114 -3.40 -4.88 25.42
C PRO A 114 -3.33 -4.20 26.79
N GLY A 115 -3.75 -4.92 27.81
CA GLY A 115 -3.69 -4.41 29.16
C GLY A 115 -2.47 -4.92 29.91
N GLN A 116 -1.42 -5.21 29.16
CA GLN A 116 -0.17 -5.68 29.74
C GLN A 116 0.77 -4.52 29.99
N ALA A 117 0.56 -3.81 31.09
CA ALA A 117 1.40 -2.69 31.48
C ALA A 117 1.18 -2.35 32.95
N GLN B 1 5.30 -0.32 -18.45
CA GLN B 1 5.69 1.06 -18.15
C GLN B 1 4.84 1.63 -17.01
N ASP B 2 3.61 2.01 -17.34
CA ASP B 2 2.72 2.63 -16.38
C ASP B 2 1.30 2.12 -16.60
N THR B 3 0.59 1.82 -15.52
CA THR B 3 -0.71 1.16 -15.64
C THR B 3 -1.79 1.86 -14.82
N ARG B 4 -2.98 2.00 -15.40
CA ARG B 4 -4.12 2.56 -14.68
C ARG B 4 -4.90 1.45 -14.00
N LEU B 5 -4.99 1.51 -12.69
CA LEU B 5 -5.65 0.47 -11.92
C LEU B 5 -7.09 0.84 -11.60
N GLY A 1 16.59 7.06 24.15
CA GLY A 1 15.82 7.30 22.90
C GLY A 1 14.50 6.58 22.90
N ILE A 2 13.56 7.08 22.13
CA ILE A 2 12.26 6.45 21.98
C ILE A 2 11.61 6.87 20.68
N ASP A 3 11.35 5.88 19.84
CA ASP A 3 10.71 6.10 18.56
C ASP A 3 9.32 5.49 18.57
N PRO A 4 8.31 6.27 18.22
CA PRO A 4 6.93 5.81 18.16
C PRO A 4 6.64 5.13 16.83
N PHE A 5 5.54 4.39 16.78
CA PHE A 5 5.08 3.80 15.53
C PHE A 5 4.63 4.91 14.59
N THR A 6 5.47 5.23 13.62
CA THR A 6 5.22 6.37 12.75
C THR A 6 4.48 5.97 11.49
N MET A 7 3.74 6.93 10.93
CA MET A 7 2.94 6.75 9.71
C MET A 7 1.74 5.86 9.96
N LEU A 8 1.99 4.72 10.61
CA LEU A 8 0.95 3.74 10.89
C LEU A 8 0.40 3.21 9.58
N PRO A 9 1.08 2.20 9.00
CA PRO A 9 0.77 1.65 7.68
C PRO A 9 -0.72 1.46 7.47
N ARG A 10 -1.26 2.20 6.52
CA ARG A 10 -2.67 2.17 6.25
C ARG A 10 -3.01 1.06 5.27
N LEU A 11 -3.98 0.25 5.64
CA LEU A 11 -4.46 -0.81 4.78
C LEU A 11 -5.72 -0.33 4.10
N CYS A 12 -5.60 0.03 2.84
CA CYS A 12 -6.70 0.65 2.12
C CYS A 12 -7.45 -0.37 1.29
N CYS A 13 -8.74 -0.49 1.52
CA CYS A 13 -9.57 -1.34 0.69
C CYS A 13 -10.09 -0.53 -0.50
N LEU A 14 -9.54 -0.80 -1.67
CA LEU A 14 -9.94 -0.08 -2.86
C LEU A 14 -11.09 -0.78 -3.55
N GLU A 15 -11.94 -0.01 -4.20
CA GLU A 15 -13.16 -0.53 -4.78
C GLU A 15 -13.07 -0.56 -6.29
N LYS A 16 -13.44 -1.69 -6.88
CA LYS A 16 -13.44 -1.85 -8.32
C LYS A 16 -14.50 -0.96 -8.95
N GLY A 17 -14.06 0.16 -9.50
CA GLY A 17 -14.96 1.12 -10.09
C GLY A 17 -15.20 0.86 -11.57
N PRO A 18 -14.89 1.84 -12.44
CA PRO A 18 -15.13 1.73 -13.88
C PRO A 18 -14.30 0.62 -14.53
N ASN A 19 -12.99 0.71 -14.41
CA ASN A 19 -12.09 -0.28 -15.02
C ASN A 19 -10.93 -0.57 -14.10
N GLY A 20 -11.14 -0.39 -12.81
CA GLY A 20 -10.07 -0.51 -11.85
C GLY A 20 -10.35 0.24 -10.58
N TYR A 21 -9.40 1.04 -10.13
CA TYR A 21 -9.55 1.74 -8.86
C TYR A 21 -9.31 3.23 -9.01
N GLY A 22 -8.46 3.60 -9.97
CA GLY A 22 -8.33 5.00 -10.34
C GLY A 22 -6.99 5.61 -10.01
N PHE A 23 -5.93 4.81 -9.96
CA PHE A 23 -4.61 5.36 -9.71
C PHE A 23 -3.59 4.82 -10.69
N HIS A 24 -2.51 5.55 -10.86
CA HIS A 24 -1.44 5.14 -11.75
C HIS A 24 -0.28 4.60 -10.93
N LEU A 25 0.04 3.33 -11.13
CA LEU A 25 1.13 2.70 -10.41
C LEU A 25 2.35 2.71 -11.31
N HIS A 26 3.43 3.33 -10.85
CA HIS A 26 4.65 3.36 -11.62
C HIS A 26 5.68 2.46 -10.95
N GLY A 27 6.22 1.56 -11.73
CA GLY A 27 7.22 0.66 -11.22
C GLY A 27 8.52 0.84 -11.95
N GLU A 28 9.57 1.02 -11.19
CA GLU A 28 10.87 1.28 -11.77
C GLU A 28 11.54 -0.03 -12.14
N LYS A 29 12.50 0.04 -13.05
CA LYS A 29 13.13 -1.15 -13.59
C LYS A 29 14.01 -1.82 -12.56
N GLY A 30 13.46 -2.84 -11.92
CA GLY A 30 14.18 -3.56 -10.90
C GLY A 30 13.24 -4.41 -10.07
N LYS A 31 13.59 -4.64 -8.82
CA LYS A 31 12.76 -5.44 -7.93
C LYS A 31 11.97 -4.51 -7.01
N LEU A 32 12.70 -3.71 -6.25
CA LEU A 32 12.07 -2.76 -5.34
C LEU A 32 11.86 -1.43 -6.04
N GLY A 33 10.61 -1.01 -6.14
CA GLY A 33 10.32 0.27 -6.74
C GLY A 33 8.91 0.37 -7.28
N GLN A 34 7.91 0.14 -6.44
CA GLN A 34 6.52 0.31 -6.85
C GLN A 34 5.91 1.47 -6.09
N TYR A 35 5.53 2.52 -6.80
CA TYR A 35 5.02 3.74 -6.15
C TYR A 35 3.79 4.27 -6.88
N ILE A 36 2.92 4.93 -6.13
CA ILE A 36 1.77 5.63 -6.71
C ILE A 36 2.24 7.01 -7.16
N ARG A 37 1.88 7.41 -8.37
CA ARG A 37 2.28 8.72 -8.85
C ARG A 37 1.10 9.68 -8.88
N LEU A 38 -0.07 9.18 -9.27
CA LEU A 38 -1.24 10.03 -9.40
C LEU A 38 -2.49 9.25 -9.10
N VAL A 39 -3.36 9.83 -8.29
CA VAL A 39 -4.66 9.24 -8.00
C VAL A 39 -5.74 10.14 -8.59
N GLU A 40 -6.65 9.55 -9.34
CA GLU A 40 -7.67 10.29 -10.05
C GLU A 40 -8.71 10.83 -9.05
N PRO A 41 -9.09 12.11 -9.19
CA PRO A 41 -9.94 12.82 -8.21
C PRO A 41 -11.29 12.15 -7.97
N GLY A 42 -11.74 11.35 -8.93
CA GLY A 42 -13.00 10.67 -8.78
C GLY A 42 -12.83 9.16 -8.68
N SER A 43 -11.87 8.73 -7.88
CA SER A 43 -11.60 7.32 -7.72
C SER A 43 -11.76 6.89 -6.27
N PRO A 44 -12.23 5.65 -6.06
CA PRO A 44 -12.33 5.05 -4.72
C PRO A 44 -10.97 4.91 -4.04
N ALA A 45 -9.90 5.06 -4.81
CA ALA A 45 -8.55 4.94 -4.30
C ALA A 45 -8.20 6.07 -3.34
N GLU A 46 -8.50 7.32 -3.74
CA GLU A 46 -8.09 8.47 -2.94
C GLU A 46 -8.84 8.53 -1.61
N LYS A 47 -10.10 8.13 -1.62
CA LYS A 47 -10.91 8.12 -0.42
C LYS A 47 -10.55 6.94 0.48
N ALA A 48 -9.84 5.97 -0.09
CA ALA A 48 -9.38 4.82 0.66
C ALA A 48 -8.19 5.20 1.55
N GLY A 49 -7.66 6.40 1.32
CA GLY A 49 -6.52 6.86 2.09
C GLY A 49 -5.24 6.81 1.29
N LEU A 50 -5.32 6.18 0.11
CA LEU A 50 -4.18 6.08 -0.79
C LEU A 50 -3.75 7.45 -1.28
N LEU A 51 -2.47 7.75 -1.19
CA LEU A 51 -1.94 9.01 -1.68
C LEU A 51 -1.13 8.79 -2.94
N ALA A 52 -0.92 9.87 -3.69
CA ALA A 52 -0.23 9.79 -4.96
C ALA A 52 1.29 9.84 -4.77
N GLY A 53 1.75 9.18 -3.72
CA GLY A 53 3.18 9.11 -3.47
C GLY A 53 3.56 7.92 -2.63
N ASP A 54 2.59 7.04 -2.38
CA ASP A 54 2.82 5.88 -1.51
C ASP A 54 3.55 4.78 -2.24
N ARG A 55 4.24 3.94 -1.47
CA ARG A 55 4.82 2.72 -2.01
C ARG A 55 4.01 1.52 -1.54
N LEU A 56 3.74 0.60 -2.46
CA LEU A 56 2.97 -0.59 -2.13
C LEU A 56 3.85 -1.60 -1.44
N VAL A 57 3.44 -2.03 -0.26
CA VAL A 57 4.21 -2.99 0.51
C VAL A 57 3.69 -4.40 0.29
N GLU A 58 2.41 -4.60 0.52
CA GLU A 58 1.82 -5.92 0.36
C GLU A 58 0.33 -5.80 0.04
N VAL A 59 -0.20 -6.84 -0.59
CA VAL A 59 -1.58 -6.83 -1.05
C VAL A 59 -2.35 -8.02 -0.47
N ASN A 60 -3.38 -7.72 0.30
CA ASN A 60 -4.28 -8.74 0.86
C ASN A 60 -3.53 -9.79 1.67
N GLY A 61 -2.36 -9.43 2.21
CA GLY A 61 -1.66 -10.33 3.10
C GLY A 61 -0.29 -10.75 2.63
N GLU A 62 -0.05 -10.75 1.32
CA GLU A 62 1.24 -11.21 0.82
C GLU A 62 2.10 -10.04 0.37
N ASN A 63 3.39 -10.13 0.71
CA ASN A 63 4.36 -9.06 0.44
C ASN A 63 4.71 -9.04 -1.04
N VAL A 64 4.45 -7.92 -1.70
CA VAL A 64 4.64 -7.81 -3.15
C VAL A 64 5.56 -6.66 -3.53
N GLU A 65 6.53 -6.36 -2.69
CA GLU A 65 7.45 -5.27 -2.97
C GLU A 65 8.63 -5.76 -3.79
N LYS A 66 8.92 -7.05 -3.73
CA LYS A 66 10.00 -7.62 -4.53
C LYS A 66 9.46 -8.28 -5.80
N GLU A 67 8.19 -8.10 -6.06
CA GLU A 67 7.58 -8.65 -7.27
C GLU A 67 8.03 -7.83 -8.47
N THR A 68 7.56 -8.19 -9.65
CA THR A 68 7.82 -7.39 -10.83
C THR A 68 6.70 -6.38 -10.99
N HIS A 69 6.93 -5.32 -11.75
CA HIS A 69 5.89 -4.31 -11.96
C HIS A 69 4.63 -4.94 -12.51
N GLN A 70 4.80 -5.86 -13.47
CA GLN A 70 3.69 -6.57 -14.08
C GLN A 70 2.94 -7.40 -13.03
N GLN A 71 3.69 -8.09 -12.18
CA GLN A 71 3.09 -8.91 -11.14
C GLN A 71 2.30 -8.06 -10.16
N VAL A 72 2.89 -6.95 -9.73
CA VAL A 72 2.26 -6.06 -8.76
C VAL A 72 0.91 -5.55 -9.27
N VAL A 73 0.87 -5.10 -10.52
CA VAL A 73 -0.37 -4.61 -11.11
C VAL A 73 -1.41 -5.73 -11.19
N SER A 74 -0.94 -6.92 -11.56
CA SER A 74 -1.81 -8.09 -11.66
C SER A 74 -2.40 -8.46 -10.31
N ARG A 75 -1.63 -8.23 -9.24
CA ARG A 75 -2.12 -8.49 -7.88
C ARG A 75 -3.33 -7.64 -7.57
N ILE A 76 -3.24 -6.36 -7.88
CA ILE A 76 -4.28 -5.40 -7.55
C ILE A 76 -5.54 -5.66 -8.39
N ARG A 77 -5.35 -6.02 -9.66
CA ARG A 77 -6.47 -6.28 -10.55
C ARG A 77 -7.18 -7.58 -10.20
N ALA A 78 -6.48 -8.48 -9.54
CA ALA A 78 -6.99 -9.83 -9.27
C ALA A 78 -8.11 -9.85 -8.23
N ALA A 79 -8.22 -8.78 -7.45
CA ALA A 79 -9.18 -8.73 -6.36
C ALA A 79 -10.61 -8.55 -6.87
N LEU A 80 -11.56 -9.14 -6.16
CA LEU A 80 -12.96 -9.08 -6.51
C LEU A 80 -13.66 -7.97 -5.72
N ASN A 81 -14.00 -6.89 -6.43
CA ASN A 81 -14.66 -5.72 -5.83
C ASN A 81 -13.72 -4.91 -4.96
N ALA A 82 -13.19 -5.53 -3.91
CA ALA A 82 -12.35 -4.83 -2.96
C ALA A 82 -10.98 -5.46 -2.87
N VAL A 83 -9.96 -4.62 -2.88
CA VAL A 83 -8.58 -5.06 -2.74
C VAL A 83 -7.93 -4.32 -1.57
N ARG A 84 -7.18 -5.03 -0.75
CA ARG A 84 -6.53 -4.40 0.38
C ARG A 84 -5.07 -4.10 0.06
N LEU A 85 -4.77 -2.83 -0.10
CA LEU A 85 -3.42 -2.39 -0.42
C LEU A 85 -2.78 -1.77 0.81
N LEU A 86 -1.64 -2.32 1.23
CA LEU A 86 -0.89 -1.72 2.31
C LEU A 86 0.13 -0.76 1.74
N VAL A 87 0.06 0.49 2.18
CA VAL A 87 0.90 1.53 1.61
C VAL A 87 1.55 2.36 2.71
N VAL A 88 2.71 2.92 2.40
CA VAL A 88 3.44 3.75 3.35
C VAL A 88 4.25 4.82 2.60
N ASP A 89 4.40 5.98 3.23
CA ASP A 89 5.24 7.05 2.69
C ASP A 89 6.68 6.56 2.56
N PRO A 90 7.27 6.68 1.37
CA PRO A 90 8.64 6.25 1.11
C PRO A 90 9.65 6.96 2.03
N GLU A 91 9.28 8.15 2.48
CA GLU A 91 10.11 8.89 3.43
C GLU A 91 10.04 8.22 4.80
N THR A 92 8.81 7.93 5.24
CA THR A 92 8.60 7.36 6.56
C THR A 92 9.08 5.91 6.60
N ASP A 93 9.04 5.25 5.46
CA ASP A 93 9.49 3.86 5.36
C ASP A 93 10.95 3.72 5.78
N GLU A 94 11.74 4.75 5.49
CA GLU A 94 13.15 4.78 5.91
C GLU A 94 13.24 4.78 7.42
N GLN A 95 12.34 5.52 8.05
CA GLN A 95 12.25 5.57 9.50
C GLN A 95 11.78 4.21 10.04
N LEU A 96 10.86 3.59 9.31
CA LEU A 96 10.32 2.29 9.71
C LEU A 96 11.39 1.21 9.63
N GLN A 97 12.26 1.32 8.63
CA GLN A 97 13.40 0.41 8.49
C GLN A 97 14.31 0.52 9.72
N LYS A 98 14.42 1.73 10.25
CA LYS A 98 15.22 1.96 11.46
C LYS A 98 14.58 1.28 12.65
N LEU A 99 13.27 1.19 12.64
CA LEU A 99 12.53 0.56 13.72
C LEU A 99 12.67 -0.96 13.63
N GLY A 100 12.33 -1.51 12.47
CA GLY A 100 12.52 -2.93 12.23
C GLY A 100 11.41 -3.79 12.78
N VAL A 101 10.57 -3.21 13.63
CA VAL A 101 9.51 -3.96 14.28
C VAL A 101 8.38 -4.27 13.30
N GLN A 102 7.40 -5.03 13.78
CA GLN A 102 6.31 -5.52 12.94
C GLN A 102 5.22 -4.47 12.73
N VAL A 103 5.60 -3.19 12.72
CA VAL A 103 4.64 -2.10 12.56
C VAL A 103 3.92 -2.20 11.21
N ARG A 104 4.45 -3.05 10.34
CA ARG A 104 3.93 -3.23 9.00
C ARG A 104 2.49 -3.76 9.03
N GLU A 105 2.24 -4.78 9.84
CA GLU A 105 0.89 -5.34 9.93
C GLU A 105 0.48 -5.72 11.35
N GLU A 106 1.42 -5.70 12.30
CA GLU A 106 1.08 -5.92 13.70
C GLU A 106 0.22 -4.76 14.20
N LEU A 107 0.44 -3.59 13.60
CA LEU A 107 -0.35 -2.40 13.90
C LEU A 107 -1.76 -2.59 13.33
N LEU A 108 -1.85 -3.22 12.17
CA LEU A 108 -3.12 -3.50 11.52
C LEU A 108 -3.97 -4.44 12.38
N ARG A 109 -3.30 -5.28 13.14
CA ARG A 109 -3.98 -6.20 14.04
C ARG A 109 -3.83 -5.74 15.48
N ALA A 110 -4.23 -4.51 15.72
CA ALA A 110 -4.18 -3.92 17.04
C ALA A 110 -5.10 -4.65 18.01
N GLN A 111 -4.69 -4.71 19.27
CA GLN A 111 -5.42 -5.45 20.28
C GLN A 111 -5.92 -4.53 21.38
N GLU A 112 -6.22 -3.30 21.01
CA GLU A 112 -6.62 -2.28 21.98
C GLU A 112 -8.09 -2.40 22.32
N ALA A 113 -8.38 -2.41 23.61
CA ALA A 113 -9.75 -2.47 24.11
C ALA A 113 -9.96 -1.40 25.17
N PRO A 114 -10.59 -0.28 24.80
CA PRO A 114 -10.81 0.85 25.72
C PRO A 114 -12.00 0.62 26.65
N GLY A 115 -11.79 -0.22 27.66
CA GLY A 115 -12.85 -0.49 28.61
C GLY A 115 -13.43 -1.87 28.45
N GLN A 116 -14.74 -1.98 28.53
CA GLN A 116 -15.42 -3.26 28.38
C GLN A 116 -16.76 -3.06 27.68
N ALA A 117 -17.08 -3.97 26.76
CA ALA A 117 -18.35 -3.92 26.05
C ALA A 117 -19.23 -5.08 26.49
N GLN B 1 2.06 7.83 -19.13
CA GLN B 1 1.26 6.64 -18.77
C GLN B 1 2.16 5.43 -18.56
N ASP B 2 2.30 5.02 -17.31
CA ASP B 2 3.00 3.78 -16.98
C ASP B 2 2.01 2.63 -17.00
N THR B 3 1.24 2.53 -15.93
CA THR B 3 0.17 1.57 -15.82
C THR B 3 -0.90 2.12 -14.89
N ARG B 4 -2.15 1.92 -15.23
CA ARG B 4 -3.25 2.38 -14.39
C ARG B 4 -3.97 1.20 -13.75
N LEU B 5 -4.36 1.38 -12.51
CA LEU B 5 -5.21 0.44 -11.82
C LEU B 5 -6.59 1.05 -11.67
N GLY A 1 16.66 5.49 22.15
CA GLY A 1 16.93 4.11 21.68
C GLY A 1 15.71 3.46 21.07
N ILE A 2 14.86 2.91 21.91
CA ILE A 2 13.63 2.28 21.45
C ILE A 2 12.56 3.35 21.18
N ASP A 3 11.91 3.24 20.04
CA ASP A 3 10.94 4.25 19.63
C ASP A 3 9.55 3.63 19.49
N PRO A 4 8.53 4.35 19.99
CA PRO A 4 7.11 3.95 19.88
C PRO A 4 6.65 3.79 18.43
N PHE A 5 5.46 3.25 18.27
CA PHE A 5 4.89 3.03 16.95
C PHE A 5 4.31 4.32 16.40
N THR A 6 5.16 5.10 15.76
CA THR A 6 4.76 6.37 15.18
C THR A 6 4.77 6.28 13.67
N MET A 7 3.83 6.97 13.03
CA MET A 7 3.69 6.97 11.58
C MET A 7 3.51 5.54 11.07
N LEU A 8 2.66 4.80 11.76
CA LEU A 8 2.42 3.40 11.44
C LEU A 8 1.65 3.26 10.11
N PRO A 9 1.74 2.07 9.47
CA PRO A 9 1.17 1.85 8.15
C PRO A 9 -0.35 1.90 8.13
N ARG A 10 -0.90 2.15 6.96
CA ARG A 10 -2.35 2.28 6.80
C ARG A 10 -2.89 1.17 5.91
N LEU A 11 -3.94 0.50 6.38
CA LEU A 11 -4.58 -0.56 5.62
C LEU A 11 -5.65 0.02 4.72
N CYS A 12 -5.50 -0.18 3.42
CA CYS A 12 -6.38 0.45 2.46
C CYS A 12 -7.20 -0.60 1.69
N CYS A 13 -8.51 -0.46 1.76
CA CYS A 13 -9.39 -1.30 0.96
C CYS A 13 -10.00 -0.46 -0.17
N LEU A 14 -9.53 -0.70 -1.38
CA LEU A 14 -9.97 0.08 -2.53
C LEU A 14 -11.20 -0.55 -3.16
N GLU A 15 -12.16 0.30 -3.52
CA GLU A 15 -13.36 -0.15 -4.22
C GLU A 15 -13.10 -0.15 -5.72
N LYS A 16 -13.59 -1.16 -6.41
CA LYS A 16 -13.53 -1.21 -7.86
C LYS A 16 -14.46 -0.17 -8.45
N GLY A 17 -13.89 0.88 -9.01
CA GLY A 17 -14.67 1.92 -9.63
C GLY A 17 -15.04 1.55 -11.06
N PRO A 18 -15.29 2.57 -11.91
CA PRO A 18 -15.70 2.34 -13.29
C PRO A 18 -14.69 1.52 -14.09
N ASN A 19 -13.42 1.92 -14.04
CA ASN A 19 -12.37 1.21 -14.74
C ASN A 19 -11.13 1.07 -13.87
N GLY A 20 -11.28 0.43 -12.71
CA GLY A 20 -10.14 0.20 -11.85
C GLY A 20 -10.31 0.89 -10.51
N TYR A 21 -9.27 1.59 -10.06
CA TYR A 21 -9.27 2.17 -8.73
C TYR A 21 -8.92 3.65 -8.78
N GLY A 22 -8.20 4.07 -9.79
CA GLY A 22 -8.00 5.47 -10.05
C GLY A 22 -6.61 5.97 -9.69
N PHE A 23 -5.59 5.11 -9.77
CA PHE A 23 -4.24 5.54 -9.51
C PHE A 23 -3.30 5.02 -10.59
N HIS A 24 -2.09 5.53 -10.60
CA HIS A 24 -1.11 5.11 -11.58
C HIS A 24 0.04 4.40 -10.89
N LEU A 25 0.21 3.13 -11.21
CA LEU A 25 1.22 2.31 -10.57
C LEU A 25 2.45 2.21 -11.45
N HIS A 26 3.59 2.61 -10.92
CA HIS A 26 4.85 2.50 -11.64
C HIS A 26 5.81 1.59 -10.89
N GLY A 27 6.57 0.80 -11.64
CA GLY A 27 7.57 -0.04 -11.03
C GLY A 27 8.95 0.32 -11.51
N GLU A 28 9.86 0.52 -10.58
CA GLU A 28 11.21 0.94 -10.93
C GLU A 28 12.20 -0.17 -10.65
N LYS A 29 13.27 -0.19 -11.46
CA LYS A 29 14.31 -1.22 -11.39
C LYS A 29 13.81 -2.56 -11.93
N GLY A 30 12.68 -3.04 -11.42
CA GLY A 30 12.12 -4.27 -11.91
C GLY A 30 11.62 -5.18 -10.80
N LYS A 31 12.02 -4.88 -9.58
CA LYS A 31 11.60 -5.67 -8.43
C LYS A 31 11.27 -4.78 -7.24
N LEU A 32 12.30 -4.24 -6.62
CA LEU A 32 12.12 -3.47 -5.40
C LEU A 32 11.75 -2.03 -5.70
N GLY A 33 10.57 -1.64 -5.29
CA GLY A 33 10.15 -0.26 -5.42
C GLY A 33 8.95 -0.08 -6.33
N GLN A 34 7.76 -0.30 -5.77
CA GLN A 34 6.52 -0.04 -6.50
C GLN A 34 5.97 1.30 -6.04
N TYR A 35 5.86 2.25 -6.95
CA TYR A 35 5.53 3.61 -6.59
C TYR A 35 4.26 4.09 -7.27
N ILE A 36 3.44 4.78 -6.50
CA ILE A 36 2.24 5.42 -7.02
C ILE A 36 2.63 6.76 -7.65
N ARG A 37 2.23 6.95 -8.90
CA ARG A 37 2.59 8.17 -9.62
C ARG A 37 1.55 9.26 -9.38
N LEU A 38 0.30 8.94 -9.64
CA LEU A 38 -0.78 9.91 -9.55
C LEU A 38 -2.06 9.24 -9.09
N VAL A 39 -2.84 9.96 -8.29
CA VAL A 39 -4.13 9.48 -7.83
C VAL A 39 -5.23 10.40 -8.35
N GLU A 40 -6.23 9.83 -9.00
CA GLU A 40 -7.31 10.60 -9.58
C GLU A 40 -8.22 11.14 -8.49
N PRO A 41 -8.63 12.41 -8.59
CA PRO A 41 -9.47 13.07 -7.60
C PRO A 41 -10.84 12.40 -7.47
N GLY A 42 -11.21 11.64 -8.48
CA GLY A 42 -12.45 10.90 -8.45
C GLY A 42 -12.23 9.40 -8.36
N SER A 43 -11.33 9.00 -7.48
CA SER A 43 -11.01 7.59 -7.33
C SER A 43 -11.31 7.12 -5.91
N PRO A 44 -11.71 5.85 -5.75
CA PRO A 44 -11.87 5.23 -4.43
C PRO A 44 -10.52 5.04 -3.73
N ALA A 45 -9.45 5.16 -4.50
CA ALA A 45 -8.09 5.04 -3.98
C ALA A 45 -7.79 6.10 -2.93
N GLU A 46 -8.05 7.36 -3.26
CA GLU A 46 -7.75 8.47 -2.36
C GLU A 46 -8.60 8.39 -1.08
N LYS A 47 -9.80 7.81 -1.18
CA LYS A 47 -10.63 7.58 0.00
C LYS A 47 -10.00 6.56 0.93
N ALA A 48 -9.38 5.53 0.33
CA ALA A 48 -8.78 4.45 1.10
C ALA A 48 -7.54 4.92 1.84
N GLY A 49 -6.91 5.97 1.32
CA GLY A 49 -5.73 6.52 1.95
C GLY A 49 -4.50 6.37 1.08
N LEU A 50 -4.71 5.90 -0.14
CA LEU A 50 -3.64 5.76 -1.11
C LEU A 50 -3.21 7.14 -1.58
N LEU A 51 -1.91 7.34 -1.74
CA LEU A 51 -1.39 8.69 -1.92
C LEU A 51 -0.57 8.80 -3.20
N ALA A 52 -0.61 9.98 -3.81
CA ALA A 52 0.13 10.24 -5.04
C ALA A 52 1.62 10.31 -4.78
N GLY A 53 2.25 9.15 -4.68
CA GLY A 53 3.67 9.08 -4.41
C GLY A 53 4.00 8.08 -3.32
N ASP A 54 3.02 7.27 -2.94
CA ASP A 54 3.23 6.27 -1.90
C ASP A 54 3.88 5.02 -2.50
N ARG A 55 4.26 4.09 -1.63
CA ARG A 55 4.90 2.86 -2.07
C ARG A 55 3.98 1.67 -1.82
N LEU A 56 3.72 0.92 -2.88
CA LEU A 56 2.80 -0.22 -2.83
C LEU A 56 3.50 -1.42 -2.20
N VAL A 57 3.18 -1.71 -0.95
CA VAL A 57 3.86 -2.74 -0.19
C VAL A 57 3.22 -4.12 -0.39
N GLU A 58 1.92 -4.21 -0.18
CA GLU A 58 1.24 -5.50 -0.25
C GLU A 58 -0.03 -5.43 -1.08
N VAL A 59 -0.41 -6.58 -1.62
CA VAL A 59 -1.69 -6.73 -2.28
C VAL A 59 -2.40 -7.96 -1.71
N ASN A 60 -3.51 -7.71 -1.00
CA ASN A 60 -4.34 -8.77 -0.42
C ASN A 60 -3.59 -9.56 0.66
N GLY A 61 -2.49 -9.01 1.17
CA GLY A 61 -1.81 -9.63 2.28
C GLY A 61 -0.40 -10.06 1.97
N GLU A 62 -0.13 -10.37 0.71
CA GLU A 62 1.20 -10.80 0.32
C GLU A 62 2.03 -9.61 -0.16
N ASN A 63 3.29 -9.60 0.22
CA ASN A 63 4.19 -8.51 -0.13
C ASN A 63 4.52 -8.53 -1.60
N VAL A 64 4.32 -7.42 -2.27
CA VAL A 64 4.54 -7.32 -3.70
C VAL A 64 5.75 -6.46 -4.02
N GLU A 65 6.49 -6.08 -2.98
CA GLU A 65 7.68 -5.25 -3.14
C GLU A 65 8.84 -6.05 -3.72
N LYS A 66 8.69 -7.37 -3.73
CA LYS A 66 9.71 -8.25 -4.28
C LYS A 66 9.26 -8.80 -5.64
N GLU A 67 8.13 -8.31 -6.12
CA GLU A 67 7.55 -8.79 -7.36
C GLU A 67 7.95 -7.93 -8.54
N THR A 68 7.61 -8.40 -9.72
CA THR A 68 7.82 -7.63 -10.93
C THR A 68 6.71 -6.61 -11.09
N HIS A 69 6.87 -5.65 -11.99
CA HIS A 69 5.88 -4.60 -12.14
C HIS A 69 4.51 -5.19 -12.50
N GLN A 70 4.51 -6.12 -13.45
CA GLN A 70 3.27 -6.76 -13.89
C GLN A 70 2.65 -7.60 -12.78
N GLN A 71 3.50 -8.25 -11.98
CA GLN A 71 3.03 -9.08 -10.89
C GLN A 71 2.23 -8.29 -9.87
N VAL A 72 2.74 -7.12 -9.51
CA VAL A 72 2.07 -6.25 -8.56
C VAL A 72 0.72 -5.80 -9.09
N VAL A 73 0.74 -5.29 -10.32
CA VAL A 73 -0.46 -4.76 -10.96
C VAL A 73 -1.50 -5.86 -11.18
N SER A 74 -1.04 -7.04 -11.62
CA SER A 74 -1.94 -8.14 -11.95
C SER A 74 -2.76 -8.55 -10.73
N ARG A 75 -2.11 -8.64 -9.58
CA ARG A 75 -2.79 -8.98 -8.33
C ARG A 75 -3.90 -7.98 -8.00
N ILE A 76 -3.61 -6.70 -8.18
CA ILE A 76 -4.55 -5.63 -7.87
C ILE A 76 -5.78 -5.72 -8.78
N ARG A 77 -5.57 -6.14 -10.02
CA ARG A 77 -6.66 -6.27 -10.99
C ARG A 77 -7.57 -7.43 -10.64
N ALA A 78 -7.03 -8.42 -9.94
CA ALA A 78 -7.74 -9.66 -9.65
C ALA A 78 -8.87 -9.45 -8.64
N ALA A 79 -8.91 -8.29 -8.01
CA ALA A 79 -9.94 -7.98 -7.03
C ALA A 79 -11.30 -7.78 -7.71
N LEU A 80 -12.27 -8.60 -7.32
CA LEU A 80 -13.61 -8.56 -7.89
C LEU A 80 -14.34 -7.27 -7.51
N ASN A 81 -13.93 -6.65 -6.41
CA ASN A 81 -14.50 -5.37 -5.99
C ASN A 81 -13.52 -4.65 -5.06
N ALA A 82 -13.24 -5.26 -3.92
CA ALA A 82 -12.42 -4.60 -2.92
C ALA A 82 -11.09 -5.30 -2.78
N VAL A 83 -10.04 -4.53 -2.61
CA VAL A 83 -8.69 -5.06 -2.51
C VAL A 83 -7.93 -4.39 -1.37
N ARG A 84 -7.16 -5.17 -0.64
CA ARG A 84 -6.32 -4.63 0.42
C ARG A 84 -4.96 -4.26 -0.15
N LEU A 85 -4.70 -2.97 -0.19
CA LEU A 85 -3.41 -2.47 -0.60
C LEU A 85 -2.73 -1.85 0.60
N LEU A 86 -1.55 -2.33 0.92
CA LEU A 86 -0.79 -1.72 1.99
C LEU A 86 0.17 -0.71 1.40
N VAL A 87 0.08 0.52 1.86
CA VAL A 87 0.87 1.59 1.29
C VAL A 87 1.60 2.33 2.39
N VAL A 88 2.74 2.91 2.02
CA VAL A 88 3.51 3.70 2.96
C VAL A 88 4.25 4.81 2.23
N ASP A 89 4.27 5.99 2.83
CA ASP A 89 5.05 7.10 2.31
C ASP A 89 6.52 6.73 2.39
N PRO A 90 7.28 6.92 1.29
CA PRO A 90 8.73 6.70 1.30
C PRO A 90 9.42 7.54 2.37
N GLU A 91 8.78 8.65 2.72
CA GLU A 91 9.22 9.52 3.79
C GLU A 91 8.99 8.83 5.14
N THR A 92 7.79 8.29 5.29
CA THR A 92 7.37 7.62 6.51
C THR A 92 8.14 6.31 6.71
N ASP A 93 8.24 5.53 5.63
CA ASP A 93 8.87 4.22 5.67
C ASP A 93 10.32 4.32 6.14
N GLU A 94 10.96 5.42 5.84
CA GLU A 94 12.35 5.63 6.22
C GLU A 94 12.52 5.52 7.74
N GLN A 95 11.57 6.08 8.47
CA GLN A 95 11.58 5.97 9.93
C GLN A 95 11.18 4.57 10.37
N LEU A 96 10.11 4.08 9.76
CA LEU A 96 9.50 2.81 10.14
C LEU A 96 10.43 1.62 9.95
N GLN A 97 11.21 1.64 8.87
CA GLN A 97 12.18 0.59 8.62
C GLN A 97 13.27 0.59 9.68
N LYS A 98 13.61 1.78 10.19
CA LYS A 98 14.61 1.89 11.25
C LYS A 98 14.08 1.24 12.51
N LEU A 99 12.77 1.36 12.72
CA LEU A 99 12.10 0.74 13.85
C LEU A 99 12.06 -0.77 13.65
N GLY A 100 11.54 -1.16 12.48
CA GLY A 100 11.63 -2.54 12.01
C GLY A 100 11.10 -3.57 12.98
N VAL A 101 10.22 -3.17 13.87
CA VAL A 101 9.71 -4.08 14.88
C VAL A 101 8.18 -4.18 14.83
N GLN A 102 7.71 -5.34 14.33
CA GLN A 102 6.29 -5.69 14.37
C GLN A 102 5.41 -4.71 13.59
N VAL A 103 6.00 -4.02 12.63
CA VAL A 103 5.30 -3.01 11.86
C VAL A 103 4.50 -3.62 10.71
N ARG A 104 4.91 -4.81 10.27
CA ARG A 104 4.40 -5.38 9.03
C ARG A 104 2.89 -5.66 9.08
N GLU A 105 2.41 -6.30 10.13
CA GLU A 105 0.99 -6.68 10.20
C GLU A 105 0.44 -6.69 11.61
N GLU A 106 1.23 -7.21 12.55
CA GLU A 106 0.78 -7.41 13.91
C GLU A 106 0.39 -6.10 14.57
N LEU A 107 1.15 -5.04 14.32
CA LEU A 107 0.79 -3.71 14.78
C LEU A 107 -0.25 -3.11 13.85
N LEU A 108 -0.15 -3.43 12.56
CA LEU A 108 -1.04 -2.90 11.53
C LEU A 108 -2.50 -3.27 11.79
N ARG A 109 -2.72 -4.51 12.21
CA ARG A 109 -4.07 -4.97 12.50
C ARG A 109 -4.13 -5.74 13.82
N ALA A 110 -4.05 -5.01 14.91
CA ALA A 110 -4.08 -5.60 16.23
C ALA A 110 -5.51 -6.00 16.63
N GLN A 111 -5.71 -7.30 16.84
CA GLN A 111 -7.01 -7.81 17.25
C GLN A 111 -7.26 -7.50 18.73
N GLU A 112 -8.52 -7.58 19.13
CA GLU A 112 -8.92 -7.29 20.49
C GLU A 112 -9.98 -8.27 20.95
N ALA A 113 -10.02 -8.51 22.26
CA ALA A 113 -11.03 -9.36 22.90
C ALA A 113 -10.90 -10.81 22.44
N PRO A 114 -10.00 -11.57 23.08
CA PRO A 114 -9.77 -12.98 22.79
C PRO A 114 -10.90 -13.86 23.32
N GLY A 115 -12.11 -13.55 22.90
CA GLY A 115 -13.27 -14.30 23.35
C GLY A 115 -14.46 -14.05 22.45
N GLN A 116 -14.32 -14.39 21.18
CA GLN A 116 -15.39 -14.23 20.21
C GLN A 116 -16.51 -15.23 20.51
N ALA A 117 -17.72 -14.91 20.09
CA ALA A 117 -18.86 -15.78 20.29
C ALA A 117 -19.48 -16.13 18.95
N GLN B 1 1.46 4.53 -22.69
CA GLN B 1 1.98 3.65 -21.64
C GLN B 1 1.51 4.14 -20.26
N ASP B 2 2.29 3.81 -19.22
CA ASP B 2 1.95 4.18 -17.82
C ASP B 2 0.81 3.28 -17.33
N THR B 3 1.06 2.57 -16.24
CA THR B 3 0.07 1.62 -15.75
C THR B 3 -1.01 2.30 -14.91
N ARG B 4 -2.10 2.67 -15.56
CA ARG B 4 -3.24 3.22 -14.86
C ARG B 4 -4.09 2.11 -14.26
N LEU B 5 -4.36 2.20 -12.98
CA LEU B 5 -5.16 1.22 -12.28
C LEU B 5 -6.42 1.87 -11.73
N GLY A 1 18.21 7.28 20.82
CA GLY A 1 17.43 6.76 21.98
C GLY A 1 15.98 6.50 21.63
N ILE A 2 15.70 5.26 21.24
CA ILE A 2 14.36 4.75 20.88
C ILE A 2 13.63 5.63 19.85
N ASP A 3 12.48 5.14 19.40
CA ASP A 3 11.69 5.86 18.42
C ASP A 3 10.32 6.19 19.00
N PRO A 4 9.69 7.28 18.54
CA PRO A 4 8.40 7.73 19.07
C PRO A 4 7.22 6.88 18.60
N PHE A 5 7.53 5.64 18.22
CA PHE A 5 6.53 4.66 17.78
C PHE A 5 5.66 5.22 16.64
N THR A 6 6.25 6.05 15.80
CA THR A 6 5.52 6.62 14.68
C THR A 6 5.73 5.78 13.44
N MET A 7 4.61 5.33 12.88
CA MET A 7 4.61 4.52 11.68
C MET A 7 3.18 4.40 11.16
N LEU A 8 2.51 3.31 11.54
CA LEU A 8 1.09 3.12 11.24
C LEU A 8 0.80 3.28 9.75
N PRO A 9 1.22 2.32 8.91
CA PRO A 9 0.94 2.35 7.48
C PRO A 9 -0.55 2.14 7.21
N ARG A 10 -1.04 2.74 6.14
CA ARG A 10 -2.47 2.72 5.87
C ARG A 10 -2.83 1.53 4.98
N LEU A 11 -3.81 0.76 5.42
CA LEU A 11 -4.33 -0.37 4.65
C LEU A 11 -5.53 0.12 3.85
N CYS A 12 -5.38 0.17 2.54
CA CYS A 12 -6.39 0.79 1.70
C CYS A 12 -7.21 -0.26 0.97
N CYS A 13 -8.49 -0.32 1.27
CA CYS A 13 -9.39 -1.19 0.55
C CYS A 13 -9.95 -0.44 -0.66
N LEU A 14 -9.46 -0.79 -1.83
CA LEU A 14 -9.84 -0.12 -3.05
C LEU A 14 -11.05 -0.79 -3.69
N GLU A 15 -11.96 0.04 -4.19
CA GLU A 15 -13.17 -0.45 -4.83
C GLU A 15 -12.97 -0.50 -6.35
N LYS A 16 -13.24 -1.65 -6.95
CA LYS A 16 -13.15 -1.78 -8.40
C LYS A 16 -14.25 -0.96 -9.06
N GLY A 17 -13.88 0.21 -9.56
CA GLY A 17 -14.84 1.12 -10.14
C GLY A 17 -14.97 0.97 -11.65
N PRO A 18 -14.54 1.98 -12.41
CA PRO A 18 -14.66 1.98 -13.88
C PRO A 18 -13.91 0.83 -14.53
N ASN A 19 -12.59 0.88 -14.45
CA ASN A 19 -11.73 -0.13 -15.06
C ASN A 19 -10.57 -0.46 -14.13
N GLY A 20 -10.78 -0.18 -12.85
CA GLY A 20 -9.68 -0.24 -11.91
C GLY A 20 -10.00 0.52 -10.64
N TYR A 21 -9.09 1.37 -10.21
CA TYR A 21 -9.21 2.02 -8.92
C TYR A 21 -8.94 3.53 -8.99
N GLY A 22 -8.36 3.98 -10.10
CA GLY A 22 -8.26 5.40 -10.36
C GLY A 22 -6.91 6.01 -10.06
N PHE A 23 -5.84 5.22 -10.10
CA PHE A 23 -4.50 5.76 -9.88
C PHE A 23 -3.49 5.13 -10.81
N HIS A 24 -2.38 5.83 -11.02
CA HIS A 24 -1.30 5.33 -11.88
C HIS A 24 -0.17 4.81 -11.02
N LEU A 25 0.20 3.56 -11.20
CA LEU A 25 1.33 3.00 -10.47
C LEU A 25 2.46 2.73 -11.44
N HIS A 26 3.62 3.28 -11.16
CA HIS A 26 4.76 3.13 -12.04
C HIS A 26 5.80 2.24 -11.42
N GLY A 27 6.46 1.43 -12.24
CA GLY A 27 7.55 0.63 -11.76
C GLY A 27 8.74 0.67 -12.68
N GLU A 28 9.88 1.02 -12.12
CA GLU A 28 11.12 1.12 -12.87
C GLU A 28 12.25 0.40 -12.16
N LYS A 29 13.33 0.14 -12.90
CA LYS A 29 14.58 -0.40 -12.35
C LYS A 29 14.59 -1.93 -12.31
N GLY A 30 13.51 -2.55 -11.84
CA GLY A 30 13.47 -4.00 -11.83
C GLY A 30 12.34 -4.56 -11.00
N LYS A 31 12.62 -4.80 -9.73
CA LYS A 31 11.64 -5.38 -8.83
C LYS A 31 11.07 -4.31 -7.94
N LEU A 32 11.94 -3.74 -7.13
CA LEU A 32 11.53 -2.73 -6.19
C LEU A 32 11.31 -1.41 -6.89
N GLY A 33 10.09 -0.94 -6.79
CA GLY A 33 9.72 0.28 -7.46
C GLY A 33 8.23 0.38 -7.65
N GLN A 34 7.47 0.16 -6.59
CA GLN A 34 6.03 0.33 -6.64
C GLN A 34 5.69 1.70 -6.06
N TYR A 35 5.19 2.59 -6.89
CA TYR A 35 4.89 3.95 -6.45
C TYR A 35 3.65 4.49 -7.13
N ILE A 36 2.83 5.18 -6.35
CA ILE A 36 1.65 5.85 -6.89
C ILE A 36 2.07 7.18 -7.50
N ARG A 37 1.87 7.31 -8.81
CA ARG A 37 2.30 8.49 -9.53
C ARG A 37 1.24 9.59 -9.44
N LEU A 38 0.01 9.22 -9.72
CA LEU A 38 -1.08 10.18 -9.77
C LEU A 38 -2.37 9.52 -9.30
N VAL A 39 -3.08 10.21 -8.43
CA VAL A 39 -4.37 9.73 -7.93
C VAL A 39 -5.47 10.63 -8.45
N GLU A 40 -6.51 10.03 -9.02
CA GLU A 40 -7.58 10.78 -9.62
C GLU A 40 -8.64 11.09 -8.57
N PRO A 41 -9.02 12.38 -8.44
CA PRO A 41 -10.00 12.85 -7.44
C PRO A 41 -11.35 12.17 -7.58
N GLY A 42 -11.62 11.65 -8.77
CA GLY A 42 -12.85 10.94 -9.01
C GLY A 42 -12.66 9.43 -9.00
N SER A 43 -11.93 8.94 -8.02
CA SER A 43 -11.73 7.50 -7.88
C SER A 43 -12.05 7.09 -6.44
N PRO A 44 -12.02 5.78 -6.14
CA PRO A 44 -12.06 5.28 -4.76
C PRO A 44 -10.71 5.42 -4.06
N ALA A 45 -9.67 5.72 -4.82
CA ALA A 45 -8.29 5.69 -4.32
C ALA A 45 -8.06 6.65 -3.16
N GLU A 46 -8.43 7.91 -3.33
CA GLU A 46 -8.20 8.90 -2.27
C GLU A 46 -9.12 8.67 -1.07
N LYS A 47 -10.29 8.10 -1.32
CA LYS A 47 -11.19 7.69 -0.23
C LYS A 47 -10.54 6.61 0.63
N ALA A 48 -9.75 5.75 -0.01
CA ALA A 48 -9.11 4.63 0.66
C ALA A 48 -7.98 5.11 1.57
N GLY A 49 -7.45 6.28 1.27
CA GLY A 49 -6.35 6.82 2.04
C GLY A 49 -5.04 6.80 1.27
N LEU A 50 -5.14 6.42 0.00
CA LEU A 50 -3.99 6.35 -0.88
C LEU A 50 -3.53 7.75 -1.27
N LEU A 51 -2.23 8.02 -1.13
CA LEU A 51 -1.68 9.30 -1.51
C LEU A 51 -0.71 9.14 -2.67
N ALA A 52 -0.44 10.25 -3.35
CA ALA A 52 0.48 10.26 -4.48
C ALA A 52 1.92 10.15 -3.98
N GLY A 53 2.47 8.95 -4.05
CA GLY A 53 3.83 8.72 -3.60
C GLY A 53 3.96 7.46 -2.77
N ASP A 54 2.82 6.87 -2.43
CA ASP A 54 2.78 5.67 -1.60
C ASP A 54 3.42 4.47 -2.29
N ARG A 55 4.02 3.60 -1.48
CA ARG A 55 4.61 2.37 -1.97
C ARG A 55 3.71 1.19 -1.60
N LEU A 56 3.59 0.23 -2.52
CA LEU A 56 2.84 -0.99 -2.25
C LEU A 56 3.63 -1.91 -1.34
N VAL A 57 3.13 -2.08 -0.11
CA VAL A 57 3.80 -2.93 0.86
C VAL A 57 3.32 -4.36 0.73
N GLU A 58 2.02 -4.56 0.81
CA GLU A 58 1.45 -5.90 0.68
C GLU A 58 0.18 -5.86 -0.15
N VAL A 59 -0.28 -7.04 -0.55
CA VAL A 59 -1.57 -7.16 -1.21
C VAL A 59 -2.33 -8.32 -0.60
N ASN A 60 -3.40 -7.99 0.13
CA ASN A 60 -4.29 -8.98 0.75
C ASN A 60 -3.53 -10.03 1.56
N GLY A 61 -2.53 -9.60 2.31
CA GLY A 61 -1.87 -10.50 3.24
C GLY A 61 -0.40 -10.73 2.96
N GLU A 62 0.01 -10.73 1.70
CA GLU A 62 1.39 -11.07 1.38
C GLU A 62 2.21 -9.84 1.01
N ASN A 63 3.44 -9.80 1.52
CA ASN A 63 4.37 -8.70 1.30
C ASN A 63 4.82 -8.69 -0.16
N VAL A 64 4.45 -7.63 -0.89
CA VAL A 64 4.73 -7.58 -2.33
C VAL A 64 5.76 -6.50 -2.66
N GLU A 65 6.43 -5.98 -1.65
CA GLU A 65 7.40 -4.90 -1.84
C GLU A 65 8.70 -5.43 -2.45
N LYS A 66 8.77 -6.74 -2.66
CA LYS A 66 9.93 -7.34 -3.30
C LYS A 66 9.52 -8.01 -4.61
N GLU A 67 8.26 -7.85 -4.98
CA GLU A 67 7.74 -8.40 -6.23
C GLU A 67 8.16 -7.53 -7.41
N THR A 68 7.68 -7.87 -8.58
CA THR A 68 7.94 -7.05 -9.75
C THR A 68 6.79 -6.07 -9.94
N HIS A 69 6.97 -5.09 -10.80
CA HIS A 69 5.89 -4.14 -11.10
C HIS A 69 4.67 -4.89 -11.61
N GLN A 70 4.90 -5.82 -12.54
CA GLN A 70 3.82 -6.61 -13.14
C GLN A 70 3.11 -7.47 -12.08
N GLN A 71 3.91 -8.12 -11.24
CA GLN A 71 3.38 -9.00 -10.20
C GLN A 71 2.43 -8.27 -9.25
N VAL A 72 2.84 -7.09 -8.81
CA VAL A 72 2.04 -6.32 -7.87
C VAL A 72 0.74 -5.83 -8.51
N VAL A 73 0.87 -5.26 -9.72
CA VAL A 73 -0.27 -4.68 -10.42
C VAL A 73 -1.32 -5.75 -10.75
N SER A 74 -0.86 -6.94 -11.13
CA SER A 74 -1.76 -8.03 -11.48
C SER A 74 -2.64 -8.39 -10.28
N ARG A 75 -2.03 -8.48 -9.10
CA ARG A 75 -2.75 -8.82 -7.87
C ARG A 75 -3.80 -7.77 -7.54
N ILE A 76 -3.45 -6.50 -7.73
CA ILE A 76 -4.36 -5.40 -7.42
C ILE A 76 -5.59 -5.46 -8.33
N ARG A 77 -5.35 -5.71 -9.61
CA ARG A 77 -6.43 -5.76 -10.59
C ARG A 77 -7.32 -6.98 -10.41
N ALA A 78 -6.76 -8.02 -9.81
CA ALA A 78 -7.42 -9.31 -9.67
C ALA A 78 -8.65 -9.25 -8.77
N ALA A 79 -8.73 -8.21 -7.94
CA ALA A 79 -9.83 -8.07 -7.00
C ALA A 79 -11.15 -7.84 -7.72
N LEU A 80 -12.18 -8.57 -7.30
CA LEU A 80 -13.48 -8.54 -7.94
C LEU A 80 -14.29 -7.34 -7.48
N ASN A 81 -14.03 -6.89 -6.26
CA ASN A 81 -14.72 -5.73 -5.71
C ASN A 81 -13.76 -4.89 -4.89
N ALA A 82 -13.31 -5.43 -3.77
CA ALA A 82 -12.41 -4.70 -2.88
C ALA A 82 -11.05 -5.39 -2.80
N VAL A 83 -10.00 -4.58 -2.90
CA VAL A 83 -8.65 -5.07 -2.75
C VAL A 83 -7.99 -4.35 -1.57
N ARG A 84 -7.38 -5.11 -0.68
CA ARG A 84 -6.69 -4.52 0.45
C ARG A 84 -5.21 -4.38 0.15
N LEU A 85 -4.76 -3.16 -0.04
CA LEU A 85 -3.35 -2.90 -0.26
C LEU A 85 -2.80 -1.97 0.81
N LEU A 86 -1.75 -2.40 1.47
CA LEU A 86 -1.10 -1.60 2.50
C LEU A 86 -0.07 -0.69 1.85
N VAL A 87 -0.10 0.58 2.19
CA VAL A 87 0.79 1.54 1.56
C VAL A 87 1.46 2.46 2.58
N VAL A 88 2.66 2.91 2.23
CA VAL A 88 3.39 3.91 2.99
C VAL A 88 4.29 4.69 2.04
N ASP A 89 4.50 5.98 2.30
CA ASP A 89 5.40 6.78 1.47
C ASP A 89 6.84 6.43 1.77
N PRO A 90 7.74 6.63 0.78
CA PRO A 90 9.14 6.21 0.86
C PRO A 90 9.91 6.95 1.95
N GLU A 91 9.49 8.16 2.24
CA GLU A 91 10.19 9.00 3.22
C GLU A 91 9.93 8.50 4.63
N THR A 92 8.67 8.22 4.93
CA THR A 92 8.30 7.70 6.22
C THR A 92 8.75 6.24 6.35
N ASP A 93 8.77 5.52 5.22
CA ASP A 93 9.18 4.11 5.21
C ASP A 93 10.60 3.95 5.73
N GLU A 94 11.47 4.88 5.35
CA GLU A 94 12.86 4.85 5.79
C GLU A 94 12.96 4.94 7.31
N GLN A 95 12.06 5.74 7.91
CA GLN A 95 11.97 5.82 9.37
C GLN A 95 11.41 4.50 9.89
N LEU A 96 10.34 4.03 9.24
CA LEU A 96 9.63 2.81 9.67
C LEU A 96 10.56 1.61 9.71
N GLN A 97 11.53 1.57 8.80
CA GLN A 97 12.54 0.52 8.77
C GLN A 97 13.32 0.47 10.08
N LYS A 98 13.53 1.64 10.68
CA LYS A 98 14.28 1.74 11.92
C LYS A 98 13.49 1.14 13.08
N LEU A 99 12.17 1.28 13.03
CA LEU A 99 11.31 0.70 14.04
C LEU A 99 11.07 -0.77 13.73
N GLY A 100 10.33 -1.03 12.66
CA GLY A 100 10.04 -2.39 12.24
C GLY A 100 9.44 -3.25 13.33
N VAL A 101 8.60 -2.63 14.17
CA VAL A 101 7.97 -3.35 15.28
C VAL A 101 6.78 -4.16 14.76
N GLN A 102 7.08 -5.09 13.85
CA GLN A 102 6.08 -5.97 13.24
C GLN A 102 4.92 -5.16 12.63
N VAL A 103 5.21 -3.94 12.23
CA VAL A 103 4.19 -3.04 11.73
C VAL A 103 3.87 -3.31 10.26
N ARG A 104 4.57 -4.29 9.67
CA ARG A 104 4.37 -4.62 8.27
C ARG A 104 3.04 -5.33 8.03
N GLU A 105 2.56 -6.05 9.05
CA GLU A 105 1.25 -6.71 8.96
C GLU A 105 0.73 -7.09 10.35
N GLU A 106 1.63 -7.57 11.21
CA GLU A 106 1.23 -8.02 12.55
C GLU A 106 0.58 -6.90 13.35
N LEU A 107 1.23 -5.75 13.39
CA LEU A 107 0.74 -4.61 14.16
C LEU A 107 -0.48 -3.99 13.47
N LEU A 108 -0.55 -4.16 12.15
CA LEU A 108 -1.63 -3.59 11.35
C LEU A 108 -2.99 -4.11 11.79
N ARG A 109 -2.98 -5.29 12.39
CA ARG A 109 -4.21 -5.93 12.87
C ARG A 109 -4.65 -5.36 14.21
N ALA A 110 -4.66 -4.04 14.28
CA ALA A 110 -5.06 -3.34 15.48
C ALA A 110 -6.43 -2.70 15.28
N GLN A 111 -7.46 -3.52 15.33
CA GLN A 111 -8.82 -3.05 15.06
C GLN A 111 -9.82 -3.73 15.99
N GLU A 112 -11.08 -3.39 15.81
CA GLU A 112 -12.16 -3.96 16.59
C GLU A 112 -13.48 -3.84 15.83
N ALA A 113 -14.37 -4.80 16.01
CA ALA A 113 -15.69 -4.75 15.41
C ALA A 113 -16.76 -4.90 16.47
N PRO A 114 -17.09 -3.81 17.17
CA PRO A 114 -18.06 -3.82 18.27
C PRO A 114 -19.50 -3.82 17.76
N GLY A 115 -20.16 -4.96 17.88
CA GLY A 115 -21.53 -5.06 17.43
C GLY A 115 -22.23 -6.26 18.04
N GLN A 116 -21.58 -7.42 17.94
CA GLN A 116 -22.11 -8.64 18.53
C GLN A 116 -20.99 -9.66 18.68
N ALA A 117 -20.47 -9.78 19.89
CA ALA A 117 -19.44 -10.77 20.18
C ALA A 117 -20.08 -12.09 20.53
N GLN B 1 5.49 7.64 -18.77
CA GLN B 1 4.92 7.17 -17.49
C GLN B 1 4.43 5.73 -17.63
N ASP B 2 3.98 5.14 -16.53
CA ASP B 2 3.56 3.74 -16.53
C ASP B 2 2.08 3.63 -16.89
N THR B 3 1.42 2.59 -16.39
CA THR B 3 0.04 2.31 -16.73
C THR B 3 -0.93 2.98 -15.74
N ARG B 4 -2.20 2.65 -15.88
CA ARG B 4 -3.25 3.18 -15.02
C ARG B 4 -4.06 2.03 -14.45
N LEU B 5 -4.39 2.14 -13.18
CA LEU B 5 -5.22 1.15 -12.52
C LEU B 5 -6.64 1.66 -12.40
N GLY A 1 20.36 11.23 17.71
CA GLY A 1 19.19 11.43 16.82
C GLY A 1 17.98 10.68 17.31
N ILE A 2 17.14 11.36 18.08
CA ILE A 2 15.94 10.72 18.62
C ILE A 2 14.86 10.66 17.55
N ASP A 3 14.44 9.46 17.25
CA ASP A 3 13.41 9.22 16.23
C ASP A 3 12.07 8.98 16.90
N PRO A 4 11.02 9.65 16.42
CA PRO A 4 9.65 9.45 16.89
C PRO A 4 9.11 8.08 16.51
N PHE A 5 8.02 7.70 17.15
CA PHE A 5 7.45 6.38 16.95
C PHE A 5 6.55 6.38 15.73
N THR A 6 7.19 6.51 14.56
CA THR A 6 6.47 6.49 13.31
C THR A 6 6.80 5.23 12.54
N MET A 7 5.76 4.55 12.11
CA MET A 7 5.91 3.28 11.41
C MET A 7 4.54 2.76 10.98
N LEU A 8 3.59 3.66 10.84
CA LEU A 8 2.22 3.27 10.56
C LEU A 8 1.98 3.10 9.07
N PRO A 9 1.81 1.85 8.62
CA PRO A 9 1.44 1.55 7.25
C PRO A 9 -0.06 1.55 7.10
N ARG A 10 -0.56 2.23 6.08
CA ARG A 10 -1.99 2.38 5.94
C ARG A 10 -2.59 1.23 5.15
N LEU A 11 -3.60 0.61 5.73
CA LEU A 11 -4.32 -0.46 5.07
C LEU A 11 -5.50 0.15 4.32
N CYS A 12 -5.36 0.23 3.01
CA CYS A 12 -6.37 0.85 2.17
C CYS A 12 -7.19 -0.21 1.43
N CYS A 13 -8.49 -0.21 1.63
CA CYS A 13 -9.37 -1.11 0.90
C CYS A 13 -9.98 -0.37 -0.28
N LEU A 14 -9.51 -0.69 -1.47
CA LEU A 14 -9.97 -0.01 -2.68
C LEU A 14 -11.03 -0.83 -3.38
N GLU A 15 -12.06 -0.13 -3.85
CA GLU A 15 -13.16 -0.77 -4.56
C GLU A 15 -12.88 -0.78 -6.06
N LYS A 16 -13.13 -1.92 -6.69
CA LYS A 16 -13.09 -2.02 -8.14
C LYS A 16 -14.24 -1.19 -8.72
N GLY A 17 -13.91 0.00 -9.21
CA GLY A 17 -14.92 0.90 -9.72
C GLY A 17 -15.27 0.63 -11.17
N PRO A 18 -15.20 1.66 -12.03
CA PRO A 18 -15.52 1.52 -13.45
C PRO A 18 -14.62 0.51 -14.15
N ASN A 19 -13.33 0.83 -14.25
CA ASN A 19 -12.38 -0.01 -14.95
C ASN A 19 -11.08 -0.16 -14.16
N GLY A 20 -11.19 -0.12 -12.83
CA GLY A 20 -9.99 -0.18 -12.02
C GLY A 20 -10.13 0.54 -10.70
N TYR A 21 -9.06 1.21 -10.27
CA TYR A 21 -9.03 1.84 -8.95
C TYR A 21 -8.72 3.33 -9.04
N GLY A 22 -8.13 3.74 -10.16
CA GLY A 22 -8.03 5.17 -10.45
C GLY A 22 -6.70 5.79 -10.04
N PHE A 23 -5.64 5.00 -9.95
CA PHE A 23 -4.31 5.55 -9.75
C PHE A 23 -3.35 4.84 -10.67
N HIS A 24 -2.26 5.50 -11.04
CA HIS A 24 -1.29 4.86 -11.92
C HIS A 24 0.05 4.72 -11.22
N LEU A 25 0.51 3.48 -11.16
CA LEU A 25 1.72 3.13 -10.43
C LEU A 25 2.86 2.89 -11.40
N HIS A 26 4.03 3.39 -11.04
CA HIS A 26 5.21 3.21 -11.87
C HIS A 26 6.16 2.23 -11.21
N GLY A 27 6.83 1.43 -12.03
CA GLY A 27 7.73 0.42 -11.50
C GLY A 27 9.15 0.65 -11.95
N GLU A 28 10.09 0.49 -11.04
CA GLU A 28 11.49 0.72 -11.33
C GLU A 28 12.34 -0.46 -10.91
N LYS A 29 13.54 -0.53 -11.48
CA LYS A 29 14.54 -1.52 -11.11
C LYS A 29 14.09 -2.93 -11.50
N GLY A 30 13.15 -3.01 -12.43
CA GLY A 30 12.67 -4.30 -12.89
C GLY A 30 11.59 -4.86 -11.97
N LYS A 31 11.92 -4.95 -10.69
CA LYS A 31 10.99 -5.47 -9.70
C LYS A 31 10.82 -4.49 -8.56
N LEU A 32 11.88 -4.30 -7.80
CA LEU A 32 11.81 -3.53 -6.58
C LEU A 32 11.59 -2.04 -6.86
N GLY A 33 10.45 -1.54 -6.43
CA GLY A 33 10.16 -0.13 -6.63
C GLY A 33 8.76 0.12 -7.15
N GLN A 34 7.77 -0.14 -6.30
CA GLN A 34 6.39 0.20 -6.63
C GLN A 34 6.02 1.52 -5.97
N TYR A 35 5.74 2.53 -6.77
CA TYR A 35 5.38 3.85 -6.24
C TYR A 35 4.20 4.44 -7.00
N ILE A 36 3.30 5.09 -6.27
CA ILE A 36 2.18 5.77 -6.88
C ILE A 36 2.64 7.10 -7.47
N ARG A 37 2.25 7.38 -8.69
CA ARG A 37 2.62 8.65 -9.32
C ARG A 37 1.52 9.68 -9.12
N LEU A 38 0.31 9.31 -9.46
CA LEU A 38 -0.83 10.22 -9.31
C LEU A 38 -2.11 9.42 -9.11
N VAL A 39 -3.01 9.98 -8.33
CA VAL A 39 -4.29 9.35 -8.04
C VAL A 39 -5.44 10.23 -8.51
N GLU A 40 -6.42 9.62 -9.16
CA GLU A 40 -7.55 10.33 -9.71
C GLU A 40 -8.45 10.86 -8.60
N PRO A 41 -8.86 12.13 -8.71
CA PRO A 41 -9.68 12.80 -7.68
C PRO A 41 -11.01 12.10 -7.40
N GLY A 42 -11.48 11.35 -8.38
CA GLY A 42 -12.74 10.64 -8.22
C GLY A 42 -12.56 9.14 -8.19
N SER A 43 -11.47 8.69 -7.58
CA SER A 43 -11.17 7.27 -7.51
C SER A 43 -11.36 6.75 -6.09
N PRO A 44 -11.62 5.44 -5.95
CA PRO A 44 -11.69 4.77 -4.65
C PRO A 44 -10.35 4.84 -3.91
N ALA A 45 -9.29 5.12 -4.65
CA ALA A 45 -7.97 5.30 -4.06
C ALA A 45 -7.98 6.49 -3.09
N GLU A 46 -8.60 7.59 -3.54
CA GLU A 46 -8.78 8.76 -2.69
C GLU A 46 -9.54 8.41 -1.43
N LYS A 47 -10.64 7.70 -1.62
CA LYS A 47 -11.51 7.29 -0.52
C LYS A 47 -10.77 6.38 0.45
N ALA A 48 -9.96 5.47 -0.09
CA ALA A 48 -9.21 4.54 0.72
C ALA A 48 -8.12 5.25 1.52
N GLY A 49 -7.65 6.38 1.00
CA GLY A 49 -6.63 7.15 1.69
C GLY A 49 -5.29 7.09 1.01
N LEU A 50 -5.25 6.38 -0.12
CA LEU A 50 -4.04 6.25 -0.92
C LEU A 50 -3.67 7.60 -1.52
N LEU A 51 -2.41 7.97 -1.42
CA LEU A 51 -1.95 9.26 -1.91
C LEU A 51 -1.00 9.07 -3.08
N ALA A 52 -0.80 10.15 -3.84
CA ALA A 52 0.07 10.13 -5.00
C ALA A 52 1.54 10.20 -4.60
N GLY A 53 2.08 9.06 -4.19
CA GLY A 53 3.48 8.99 -3.83
C GLY A 53 3.80 7.82 -2.93
N ASP A 54 2.77 7.18 -2.38
CA ASP A 54 2.95 6.06 -1.47
C ASP A 54 3.62 4.89 -2.14
N ARG A 55 4.28 4.06 -1.35
CA ARG A 55 4.84 2.82 -1.83
C ARG A 55 3.97 1.65 -1.40
N LEU A 56 3.79 0.69 -2.29
CA LEU A 56 2.98 -0.49 -1.98
C LEU A 56 3.86 -1.58 -1.39
N VAL A 57 3.43 -2.13 -0.26
CA VAL A 57 4.18 -3.15 0.44
C VAL A 57 3.65 -4.55 0.13
N GLU A 58 2.36 -4.75 0.34
CA GLU A 58 1.74 -6.03 0.08
C GLU A 58 0.28 -5.87 -0.30
N VAL A 59 -0.29 -6.90 -0.91
CA VAL A 59 -1.66 -6.88 -1.40
C VAL A 59 -2.48 -7.95 -0.72
N ASN A 60 -3.51 -7.52 0.02
CA ASN A 60 -4.44 -8.40 0.71
C ASN A 60 -3.78 -9.16 1.85
N GLY A 61 -2.90 -10.10 1.53
CA GLY A 61 -2.26 -10.87 2.57
C GLY A 61 -0.88 -11.38 2.18
N GLU A 62 -0.41 -11.03 0.99
CA GLU A 62 0.90 -11.49 0.55
C GLU A 62 1.76 -10.31 0.13
N ASN A 63 3.03 -10.36 0.52
CA ASN A 63 3.99 -9.30 0.23
C ASN A 63 4.31 -9.25 -1.26
N VAL A 64 4.30 -8.05 -1.83
CA VAL A 64 4.52 -7.89 -3.26
C VAL A 64 5.74 -7.01 -3.53
N GLU A 65 6.55 -6.77 -2.50
CA GLU A 65 7.73 -5.91 -2.64
C GLU A 65 8.71 -6.48 -3.67
N LYS A 66 8.78 -7.81 -3.73
CA LYS A 66 9.77 -8.47 -4.57
C LYS A 66 9.14 -8.95 -5.89
N GLU A 67 7.93 -8.48 -6.16
CA GLU A 67 7.25 -8.83 -7.40
C GLU A 67 7.62 -7.85 -8.50
N THR A 68 7.34 -8.23 -9.73
CA THR A 68 7.59 -7.35 -10.86
C THR A 68 6.50 -6.29 -10.94
N HIS A 69 6.71 -5.26 -11.75
CA HIS A 69 5.70 -4.24 -11.95
C HIS A 69 4.39 -4.87 -12.40
N GLN A 70 4.49 -5.81 -13.33
CA GLN A 70 3.32 -6.52 -13.84
C GLN A 70 2.65 -7.36 -12.76
N GLN A 71 3.44 -8.12 -12.01
CA GLN A 71 2.91 -9.01 -10.99
C GLN A 71 2.10 -8.24 -9.95
N VAL A 72 2.68 -7.14 -9.48
CA VAL A 72 2.03 -6.33 -8.45
C VAL A 72 0.69 -5.79 -8.93
N VAL A 73 0.68 -5.22 -10.13
CA VAL A 73 -0.53 -4.62 -10.68
C VAL A 73 -1.62 -5.68 -10.88
N SER A 74 -1.20 -6.85 -11.34
CA SER A 74 -2.13 -7.95 -11.61
C SER A 74 -2.83 -8.41 -10.33
N ARG A 75 -2.09 -8.46 -9.23
CA ARG A 75 -2.67 -8.89 -7.96
C ARG A 75 -3.70 -7.90 -7.46
N ILE A 76 -3.44 -6.62 -7.67
CA ILE A 76 -4.36 -5.57 -7.28
C ILE A 76 -5.65 -5.66 -8.10
N ARG A 77 -5.50 -5.83 -9.41
CA ARG A 77 -6.65 -5.91 -10.31
C ARG A 77 -7.46 -7.17 -10.08
N ALA A 78 -6.82 -8.20 -9.55
CA ALA A 78 -7.45 -9.50 -9.31
C ALA A 78 -8.60 -9.41 -8.30
N ALA A 79 -8.70 -8.29 -7.61
CA ALA A 79 -9.80 -8.07 -6.68
C ALA A 79 -11.09 -7.81 -7.44
N LEU A 80 -12.11 -8.58 -7.11
CA LEU A 80 -13.39 -8.50 -7.81
C LEU A 80 -14.23 -7.33 -7.31
N ASN A 81 -13.99 -6.90 -6.09
CA ASN A 81 -14.68 -5.75 -5.54
C ASN A 81 -13.79 -4.93 -4.63
N ALA A 82 -13.12 -5.59 -3.70
CA ALA A 82 -12.31 -4.89 -2.72
C ALA A 82 -10.92 -5.49 -2.60
N VAL A 83 -9.92 -4.62 -2.57
CA VAL A 83 -8.53 -5.05 -2.46
C VAL A 83 -7.86 -4.29 -1.32
N ARG A 84 -6.98 -4.97 -0.60
CA ARG A 84 -6.28 -4.34 0.50
C ARG A 84 -4.88 -3.95 0.06
N LEU A 85 -4.64 -2.67 -0.08
CA LEU A 85 -3.34 -2.19 -0.47
C LEU A 85 -2.65 -1.56 0.72
N LEU A 86 -1.58 -2.16 1.18
CA LEU A 86 -0.81 -1.61 2.27
C LEU A 86 0.21 -0.64 1.73
N VAL A 87 0.09 0.62 2.15
CA VAL A 87 0.90 1.68 1.58
C VAL A 87 1.46 2.59 2.67
N VAL A 88 2.60 3.18 2.38
CA VAL A 88 3.22 4.13 3.28
C VAL A 88 4.06 5.13 2.47
N ASP A 89 4.15 6.37 2.96
CA ASP A 89 5.02 7.37 2.34
C ASP A 89 6.45 6.90 2.39
N PRO A 90 7.13 6.87 1.23
CA PRO A 90 8.54 6.42 1.14
C PRO A 90 9.46 7.23 2.04
N GLU A 91 9.04 8.45 2.35
CA GLU A 91 9.79 9.31 3.26
C GLU A 91 9.71 8.77 4.69
N THR A 92 8.49 8.40 5.09
CA THR A 92 8.26 7.82 6.40
C THR A 92 8.84 6.40 6.45
N ASP A 93 8.70 5.70 5.33
CA ASP A 93 9.16 4.33 5.17
C ASP A 93 10.66 4.22 5.43
N GLU A 94 11.40 5.21 4.95
CA GLU A 94 12.85 5.24 5.10
C GLU A 94 13.24 5.20 6.58
N GLN A 95 12.55 5.97 7.40
CA GLN A 95 12.82 6.02 8.83
C GLN A 95 12.30 4.77 9.54
N LEU A 96 11.08 4.36 9.23
CA LEU A 96 10.39 3.31 9.99
C LEU A 96 11.03 1.94 9.84
N GLN A 97 11.62 1.69 8.68
CA GLN A 97 12.32 0.42 8.44
C GLN A 97 13.43 0.19 9.48
N LYS A 98 14.08 1.26 9.93
CA LYS A 98 15.10 1.15 10.98
C LYS A 98 14.46 0.73 12.31
N LEU A 99 13.18 1.03 12.46
CA LEU A 99 12.45 0.70 13.66
C LEU A 99 11.93 -0.73 13.56
N GLY A 100 11.16 -1.00 12.51
CA GLY A 100 10.74 -2.36 12.20
C GLY A 100 10.21 -3.14 13.39
N VAL A 101 9.46 -2.47 14.25
CA VAL A 101 8.86 -3.13 15.41
C VAL A 101 7.62 -3.95 15.02
N GLN A 102 7.80 -4.83 14.04
CA GLN A 102 6.79 -5.81 13.61
C GLN A 102 5.42 -5.15 13.35
N VAL A 103 5.45 -3.94 12.81
CA VAL A 103 4.24 -3.14 12.62
C VAL A 103 3.48 -3.55 11.34
N ARG A 104 4.03 -4.50 10.59
CA ARG A 104 3.52 -4.81 9.25
C ARG A 104 2.07 -5.33 9.30
N GLU A 105 1.79 -6.26 10.17
CA GLU A 105 0.45 -6.84 10.26
C GLU A 105 -0.03 -6.92 11.71
N GLU A 106 0.89 -7.16 12.64
CA GLU A 106 0.53 -7.33 14.04
C GLU A 106 -0.25 -6.13 14.56
N LEU A 107 0.25 -4.94 14.28
CA LEU A 107 -0.39 -3.70 14.72
C LEU A 107 -1.73 -3.53 14.01
N LEU A 108 -1.77 -3.79 12.71
CA LEU A 108 -2.98 -3.63 11.92
C LEU A 108 -4.05 -4.64 12.33
N ARG A 109 -3.61 -5.78 12.84
CA ARG A 109 -4.52 -6.82 13.32
C ARG A 109 -4.64 -6.72 14.84
N ALA A 110 -4.45 -5.49 15.34
CA ALA A 110 -4.54 -5.17 16.76
C ALA A 110 -3.35 -5.71 17.54
N GLN A 111 -2.74 -4.83 18.32
CA GLN A 111 -1.54 -5.15 19.08
C GLN A 111 -1.89 -5.67 20.47
N GLU A 112 -3.13 -6.07 20.64
CA GLU A 112 -3.64 -6.52 21.93
C GLU A 112 -3.14 -7.93 22.25
N ALA A 113 -2.01 -7.99 22.93
CA ALA A 113 -1.43 -9.24 23.36
C ALA A 113 -1.08 -9.16 24.84
N PRO A 114 -1.68 -10.03 25.67
CA PRO A 114 -1.46 -10.03 27.11
C PRO A 114 0.01 -10.18 27.48
N GLY A 115 0.55 -9.18 28.17
CA GLY A 115 1.94 -9.21 28.55
C GLY A 115 2.11 -9.39 30.03
N GLN A 116 2.62 -10.55 30.43
CA GLN A 116 2.84 -10.86 31.83
C GLN A 116 3.99 -11.85 31.98
N ALA A 117 4.99 -11.46 32.75
CA ALA A 117 6.15 -12.31 32.98
C ALA A 117 6.30 -12.60 34.47
N GLN B 1 5.45 0.76 -19.63
CA GLN B 1 5.81 2.14 -19.26
C GLN B 1 4.70 2.75 -18.40
N ASP B 2 4.70 2.40 -17.11
CA ASP B 2 3.70 2.87 -16.14
C ASP B 2 2.32 2.26 -16.42
N THR B 3 1.56 2.01 -15.37
CA THR B 3 0.27 1.34 -15.51
C THR B 3 -0.77 1.91 -14.55
N ARG B 4 -1.90 2.33 -15.09
CA ARG B 4 -2.99 2.82 -14.25
C ARG B 4 -3.85 1.65 -13.79
N LEU B 5 -4.10 1.61 -12.50
CA LEU B 5 -4.92 0.57 -11.89
C LEU B 5 -6.38 0.86 -12.15
N GLY A 1 18.20 11.14 13.72
CA GLY A 1 17.76 12.30 14.53
C GLY A 1 16.69 11.91 15.53
N ILE A 2 16.05 12.89 16.14
CA ILE A 2 14.95 12.61 17.05
C ILE A 2 13.73 12.19 16.24
N ASP A 3 13.24 11.00 16.52
CA ASP A 3 12.14 10.43 15.75
C ASP A 3 10.89 10.33 16.60
N PRO A 4 9.74 10.66 16.02
CA PRO A 4 8.45 10.44 16.66
C PRO A 4 8.02 8.99 16.50
N PHE A 5 7.08 8.55 17.31
CA PHE A 5 6.61 7.17 17.23
C PHE A 5 5.72 6.99 16.01
N THR A 6 6.32 6.52 14.93
CA THR A 6 5.59 6.25 13.71
C THR A 6 5.04 4.83 13.74
N MET A 7 5.52 4.01 12.80
CA MET A 7 5.12 2.60 12.70
C MET A 7 3.61 2.43 12.77
N LEU A 8 2.94 2.94 11.76
CA LEU A 8 1.48 2.90 11.72
C LEU A 8 0.97 2.89 10.27
N PRO A 9 1.40 1.89 9.47
CA PRO A 9 0.99 1.74 8.08
C PRO A 9 -0.53 1.69 7.91
N ARG A 10 -1.00 2.25 6.82
CA ARG A 10 -2.42 2.34 6.55
C ARG A 10 -2.85 1.30 5.52
N LEU A 11 -3.95 0.63 5.82
CA LEU A 11 -4.49 -0.38 4.93
C LEU A 11 -5.58 0.23 4.07
N CYS A 12 -5.41 0.16 2.77
CA CYS A 12 -6.34 0.77 1.84
C CYS A 12 -7.15 -0.29 1.13
N CYS A 13 -8.43 -0.38 1.48
CA CYS A 13 -9.34 -1.28 0.80
C CYS A 13 -9.87 -0.60 -0.46
N LEU A 14 -9.38 -1.05 -1.61
CA LEU A 14 -9.73 -0.44 -2.88
C LEU A 14 -10.92 -1.13 -3.53
N GLU A 15 -11.90 -0.33 -3.92
CA GLU A 15 -13.06 -0.83 -4.64
C GLU A 15 -12.89 -0.61 -6.13
N LYS A 16 -13.17 -1.65 -6.91
CA LYS A 16 -13.20 -1.54 -8.35
C LYS A 16 -14.42 -0.73 -8.77
N GLY A 17 -14.18 0.51 -9.15
CA GLY A 17 -15.26 1.37 -9.55
C GLY A 17 -15.66 1.16 -11.00
N PRO A 18 -15.85 2.24 -11.77
CA PRO A 18 -16.25 2.17 -13.18
C PRO A 18 -15.27 1.36 -14.01
N ASN A 19 -14.00 1.73 -13.95
CA ASN A 19 -12.97 1.05 -14.72
C ASN A 19 -11.62 1.15 -14.04
N GLY A 20 -11.60 0.89 -12.74
CA GLY A 20 -10.36 0.95 -12.01
C GLY A 20 -10.54 1.26 -10.54
N TYR A 21 -9.43 1.33 -9.83
CA TYR A 21 -9.41 1.69 -8.43
C TYR A 21 -9.07 3.17 -8.29
N GLY A 22 -8.48 3.71 -9.36
CA GLY A 22 -8.35 5.14 -9.47
C GLY A 22 -6.96 5.67 -9.15
N PHE A 23 -5.94 4.85 -9.31
CA PHE A 23 -4.58 5.34 -9.19
C PHE A 23 -3.70 4.75 -10.26
N HIS A 24 -2.65 5.46 -10.62
CA HIS A 24 -1.73 5.01 -11.63
C HIS A 24 -0.42 4.66 -10.95
N LEU A 25 0.00 3.41 -11.10
CA LEU A 25 1.21 2.96 -10.43
C LEU A 25 2.38 3.00 -11.38
N HIS A 26 3.50 3.45 -10.88
CA HIS A 26 4.72 3.55 -11.65
C HIS A 26 5.67 2.46 -11.21
N GLY A 27 6.02 1.58 -12.13
CA GLY A 27 6.92 0.51 -11.80
C GLY A 27 8.18 0.58 -12.61
N GLU A 28 9.32 0.51 -11.93
CA GLU A 28 10.59 0.53 -12.60
C GLU A 28 10.88 -0.88 -13.10
N LYS A 29 11.36 -0.98 -14.33
CA LYS A 29 11.44 -2.25 -15.02
C LYS A 29 12.57 -3.13 -14.50
N GLY A 30 12.29 -3.75 -13.38
CA GLY A 30 13.18 -4.72 -12.77
C GLY A 30 12.47 -5.48 -11.68
N LYS A 31 12.72 -5.09 -10.43
CA LYS A 31 11.98 -5.63 -9.29
C LYS A 31 11.59 -4.49 -8.36
N LEU A 32 12.58 -3.79 -7.85
CA LEU A 32 12.37 -2.75 -6.86
C LEU A 32 12.02 -1.43 -7.55
N GLY A 33 10.86 -0.90 -7.21
CA GLY A 33 10.47 0.39 -7.72
C GLY A 33 9.00 0.47 -8.07
N GLN A 34 8.14 0.26 -7.09
CA GLN A 34 6.70 0.40 -7.28
C GLN A 34 6.20 1.59 -6.48
N TYR A 35 5.72 2.61 -7.16
CA TYR A 35 5.25 3.82 -6.50
C TYR A 35 3.95 4.31 -7.12
N ILE A 36 3.14 4.97 -6.32
CA ILE A 36 1.92 5.58 -6.82
C ILE A 36 2.27 6.87 -7.54
N ARG A 37 2.04 6.91 -8.84
CA ARG A 37 2.48 8.04 -9.65
C ARG A 37 1.45 9.15 -9.60
N LEU A 38 0.18 8.80 -9.70
CA LEU A 38 -0.88 9.78 -9.71
C LEU A 38 -2.19 9.14 -9.25
N VAL A 39 -2.89 9.82 -8.37
CA VAL A 39 -4.20 9.38 -7.94
C VAL A 39 -5.25 10.15 -8.71
N GLU A 40 -6.29 9.46 -9.14
CA GLU A 40 -7.30 10.05 -9.99
C GLU A 40 -8.32 10.78 -9.12
N PRO A 41 -8.73 11.99 -9.54
CA PRO A 41 -9.60 12.88 -8.76
C PRO A 41 -10.93 12.24 -8.37
N GLY A 42 -11.32 11.22 -9.13
CA GLY A 42 -12.54 10.50 -8.82
C GLY A 42 -12.27 9.04 -8.52
N SER A 43 -11.47 8.78 -7.50
CA SER A 43 -11.08 7.42 -7.18
C SER A 43 -11.48 7.03 -5.77
N PRO A 44 -11.75 5.74 -5.55
CA PRO A 44 -11.84 5.15 -4.22
C PRO A 44 -10.48 5.14 -3.52
N ALA A 45 -9.42 5.39 -4.30
CA ALA A 45 -8.06 5.34 -3.80
C ALA A 45 -7.83 6.37 -2.69
N GLU A 46 -8.18 7.62 -2.95
CA GLU A 46 -8.00 8.66 -1.94
C GLU A 46 -8.95 8.43 -0.76
N LYS A 47 -10.10 7.82 -1.03
CA LYS A 47 -11.05 7.49 0.02
C LYS A 47 -10.48 6.39 0.92
N ALA A 48 -9.73 5.47 0.31
CA ALA A 48 -9.10 4.38 1.04
C ALA A 48 -7.89 4.88 1.84
N GLY A 49 -7.40 6.06 1.48
CA GLY A 49 -6.27 6.64 2.18
C GLY A 49 -4.98 6.50 1.41
N LEU A 50 -5.09 6.17 0.13
CA LEU A 50 -3.93 6.02 -0.72
C LEU A 50 -3.59 7.37 -1.37
N LEU A 51 -2.33 7.78 -1.26
CA LEU A 51 -1.92 9.09 -1.71
C LEU A 51 -1.10 9.00 -2.99
N ALA A 52 -1.06 10.12 -3.73
CA ALA A 52 -0.36 10.19 -5.00
C ALA A 52 1.14 10.35 -4.80
N GLY A 53 1.72 9.46 -4.02
CA GLY A 53 3.16 9.48 -3.80
C GLY A 53 3.58 8.47 -2.77
N ASP A 54 2.83 7.38 -2.66
CA ASP A 54 3.14 6.32 -1.70
C ASP A 54 3.85 5.17 -2.39
N ARG A 55 4.49 4.31 -1.59
CA ARG A 55 5.08 3.10 -2.11
C ARG A 55 4.25 1.89 -1.68
N LEU A 56 3.92 1.05 -2.65
CA LEU A 56 3.13 -0.14 -2.37
C LEU A 56 4.03 -1.25 -1.90
N VAL A 57 3.90 -1.63 -0.64
CA VAL A 57 4.76 -2.66 -0.08
C VAL A 57 4.15 -4.05 -0.26
N GLU A 58 2.85 -4.17 -0.07
CA GLU A 58 2.20 -5.46 -0.19
C GLU A 58 0.72 -5.33 -0.57
N VAL A 59 0.20 -6.38 -1.21
CA VAL A 59 -1.19 -6.44 -1.60
C VAL A 59 -1.82 -7.74 -1.07
N ASN A 60 -3.00 -7.61 -0.48
CA ASN A 60 -3.76 -8.73 0.10
C ASN A 60 -3.14 -9.23 1.40
N GLY A 61 -1.82 -9.27 1.46
CA GLY A 61 -1.15 -9.74 2.65
C GLY A 61 0.27 -10.24 2.41
N GLU A 62 0.71 -10.23 1.15
CA GLU A 62 2.08 -10.61 0.84
C GLU A 62 2.81 -9.48 0.14
N ASN A 63 4.06 -9.29 0.55
CA ASN A 63 4.90 -8.19 0.06
C ASN A 63 5.13 -8.29 -1.45
N VAL A 64 4.90 -7.20 -2.16
CA VAL A 64 5.00 -7.20 -3.61
C VAL A 64 5.98 -6.16 -4.14
N GLU A 65 6.66 -5.44 -3.25
CA GLU A 65 7.61 -4.43 -3.68
C GLU A 65 8.86 -5.06 -4.30
N LYS A 66 8.93 -6.38 -4.28
CA LYS A 66 10.07 -7.10 -4.85
C LYS A 66 9.67 -7.76 -6.17
N GLU A 67 8.41 -7.56 -6.56
CA GLU A 67 7.87 -8.18 -7.77
C GLU A 67 8.05 -7.28 -8.98
N THR A 68 7.80 -7.84 -10.16
CA THR A 68 7.82 -7.06 -11.38
C THR A 68 6.61 -6.13 -11.43
N HIS A 69 6.67 -5.12 -12.29
CA HIS A 69 5.56 -4.17 -12.40
C HIS A 69 4.27 -4.92 -12.74
N GLN A 70 4.37 -5.88 -13.64
CA GLN A 70 3.23 -6.68 -14.07
C GLN A 70 2.65 -7.48 -12.90
N GLN A 71 3.53 -8.13 -12.14
CA GLN A 71 3.10 -8.98 -11.04
C GLN A 71 2.33 -8.18 -10.00
N VAL A 72 2.85 -7.00 -9.68
CA VAL A 72 2.24 -6.13 -8.68
C VAL A 72 0.83 -5.71 -9.11
N VAL A 73 0.71 -5.22 -10.35
CA VAL A 73 -0.56 -4.72 -10.86
C VAL A 73 -1.58 -5.87 -11.01
N SER A 74 -1.09 -7.02 -11.43
CA SER A 74 -1.94 -8.18 -11.66
C SER A 74 -2.64 -8.62 -10.37
N ARG A 75 -1.90 -8.62 -9.27
CA ARG A 75 -2.43 -9.06 -7.98
C ARG A 75 -3.52 -8.10 -7.48
N ILE A 76 -3.33 -6.81 -7.72
CA ILE A 76 -4.31 -5.81 -7.30
C ILE A 76 -5.61 -5.96 -8.11
N ARG A 77 -5.47 -6.15 -9.42
CA ARG A 77 -6.62 -6.31 -10.30
C ARG A 77 -7.32 -7.65 -10.06
N ALA A 78 -6.56 -8.61 -9.53
CA ALA A 78 -7.03 -9.98 -9.32
C ALA A 78 -8.28 -10.04 -8.45
N ALA A 79 -8.45 -9.05 -7.58
CA ALA A 79 -9.57 -9.04 -6.64
C ALA A 79 -10.89 -8.78 -7.34
N LEU A 80 -10.82 -8.03 -8.43
CA LEU A 80 -11.96 -7.77 -9.31
C LEU A 80 -12.98 -6.81 -8.69
N ASN A 81 -12.94 -6.62 -7.38
CA ASN A 81 -13.87 -5.69 -6.72
C ASN A 81 -13.24 -5.06 -5.48
N ALA A 82 -12.75 -5.87 -4.56
CA ALA A 82 -12.20 -5.35 -3.31
C ALA A 82 -10.89 -6.03 -2.97
N VAL A 83 -9.90 -5.23 -2.59
CA VAL A 83 -8.57 -5.75 -2.31
C VAL A 83 -7.86 -4.89 -1.26
N ARG A 84 -7.00 -5.53 -0.47
CA ARG A 84 -6.27 -4.84 0.58
C ARG A 84 -4.93 -4.32 0.05
N LEU A 85 -4.81 -3.02 -0.06
CA LEU A 85 -3.55 -2.41 -0.49
C LEU A 85 -2.83 -1.83 0.71
N LEU A 86 -1.59 -2.24 0.93
CA LEU A 86 -0.81 -1.66 2.00
C LEU A 86 0.16 -0.64 1.42
N VAL A 87 0.10 0.56 1.94
CA VAL A 87 0.92 1.65 1.45
C VAL A 87 1.55 2.40 2.61
N VAL A 88 2.70 2.99 2.34
CA VAL A 88 3.42 3.76 3.34
C VAL A 88 4.19 4.88 2.67
N ASP A 89 4.25 6.03 3.33
CA ASP A 89 5.07 7.14 2.84
C ASP A 89 6.51 6.68 2.71
N PRO A 90 7.13 6.92 1.54
CA PRO A 90 8.52 6.52 1.28
C PRO A 90 9.49 7.09 2.31
N GLU A 91 9.14 8.25 2.85
CA GLU A 91 9.94 8.87 3.89
C GLU A 91 9.77 8.11 5.20
N THR A 92 8.52 7.77 5.50
CA THR A 92 8.19 7.03 6.71
C THR A 92 8.74 5.61 6.64
N ASP A 93 8.80 5.07 5.43
CA ASP A 93 9.33 3.72 5.21
C ASP A 93 10.78 3.64 5.68
N GLU A 94 11.55 4.67 5.41
CA GLU A 94 12.95 4.70 5.79
C GLU A 94 13.08 4.71 7.32
N GLN A 95 12.16 5.42 7.96
CA GLN A 95 12.06 5.40 9.41
C GLN A 95 11.68 4.00 9.88
N LEU A 96 10.75 3.39 9.17
CA LEU A 96 10.29 2.05 9.48
C LEU A 96 11.39 1.02 9.28
N GLN A 97 12.29 1.28 8.33
CA GLN A 97 13.43 0.38 8.08
C GLN A 97 14.23 0.20 9.36
N LYS A 98 14.39 1.29 10.11
CA LYS A 98 15.14 1.27 11.36
C LYS A 98 14.39 0.51 12.45
N LEU A 99 13.08 0.36 12.25
CA LEU A 99 12.21 -0.23 13.25
C LEU A 99 11.72 -1.60 12.77
N GLY A 100 10.71 -1.61 11.91
CA GLY A 100 10.24 -2.83 11.28
C GLY A 100 9.79 -3.90 12.26
N VAL A 101 9.12 -3.48 13.33
CA VAL A 101 8.60 -4.45 14.29
C VAL A 101 7.06 -4.44 14.34
N GLN A 102 6.47 -5.58 13.94
CA GLN A 102 5.03 -5.87 14.14
C GLN A 102 4.10 -5.07 13.22
N VAL A 103 4.39 -3.79 13.04
CA VAL A 103 3.44 -2.84 12.47
C VAL A 103 3.09 -3.06 11.00
N ARG A 104 3.65 -4.07 10.37
CA ARG A 104 3.41 -4.27 8.94
C ARG A 104 1.93 -4.57 8.67
N GLU A 105 1.23 -5.08 9.68
CA GLU A 105 -0.21 -5.33 9.57
C GLU A 105 -0.83 -5.54 10.94
N GLU A 106 -0.09 -6.23 11.82
CA GLU A 106 -0.57 -6.55 13.17
C GLU A 106 -0.99 -5.28 13.94
N LEU A 107 -0.37 -4.16 13.60
CA LEU A 107 -0.62 -2.88 14.26
C LEU A 107 -2.10 -2.50 14.13
N LEU A 108 -2.70 -2.84 12.99
CA LEU A 108 -4.07 -2.47 12.70
C LEU A 108 -5.06 -3.38 13.41
N ARG A 109 -4.56 -4.49 13.92
CA ARG A 109 -5.40 -5.45 14.63
C ARG A 109 -5.23 -5.29 16.13
N ALA A 110 -5.14 -4.04 16.56
CA ALA A 110 -4.94 -3.72 17.97
C ALA A 110 -6.15 -4.09 18.81
N GLN A 111 -6.04 -5.19 19.52
CA GLN A 111 -7.10 -5.64 20.40
C GLN A 111 -7.02 -4.90 21.74
N GLU A 112 -8.12 -4.86 22.45
CA GLU A 112 -8.19 -4.15 23.72
C GLU A 112 -8.16 -5.13 24.87
N ALA A 113 -7.29 -4.86 25.85
CA ALA A 113 -7.11 -5.73 27.00
C ALA A 113 -6.74 -7.15 26.55
N PRO A 114 -5.51 -7.32 26.03
CA PRO A 114 -5.05 -8.60 25.50
C PRO A 114 -4.79 -9.62 26.59
N GLY A 115 -5.55 -10.70 26.57
CA GLY A 115 -5.42 -11.72 27.59
C GLY A 115 -4.69 -12.95 27.07
N GLN A 116 -3.46 -12.76 26.63
CA GLN A 116 -2.65 -13.89 26.19
C GLN A 116 -1.70 -14.30 27.31
N ALA A 117 -1.50 -15.60 27.45
CA ALA A 117 -0.67 -16.14 28.50
C ALA A 117 -0.01 -17.43 28.05
N GLN B 1 1.30 6.96 -19.35
CA GLN B 1 2.68 6.58 -18.95
C GLN B 1 2.65 5.41 -17.97
N ASP B 2 1.88 5.56 -16.91
CA ASP B 2 1.87 4.56 -15.85
C ASP B 2 0.52 3.87 -15.77
N THR B 3 0.58 2.59 -15.43
CA THR B 3 -0.56 1.70 -15.50
C THR B 3 -1.68 2.12 -14.53
N ARG B 4 -2.89 2.22 -15.07
CA ARG B 4 -4.04 2.57 -14.26
C ARG B 4 -4.54 1.34 -13.50
N LEU B 5 -4.71 1.49 -12.21
CA LEU B 5 -5.30 0.45 -11.39
C LEU B 5 -6.79 0.72 -11.26
N GLY A 1 13.53 2.12 26.78
CA GLY A 1 12.82 3.21 26.05
C GLY A 1 12.74 2.90 24.57
N ILE A 2 11.99 3.71 23.84
CA ILE A 2 11.79 3.51 22.41
C ILE A 2 11.71 4.83 21.67
N ASP A 3 11.41 4.76 20.38
CA ASP A 3 11.20 5.95 19.57
C ASP A 3 9.70 6.08 19.36
N PRO A 4 9.18 7.33 19.35
CA PRO A 4 7.75 7.59 19.16
C PRO A 4 7.14 6.76 18.05
N PHE A 5 5.97 6.24 18.31
CA PHE A 5 5.30 5.34 17.38
C PHE A 5 4.74 6.09 16.19
N THR A 6 5.63 6.46 15.29
CA THR A 6 5.27 7.09 14.03
C THR A 6 5.04 6.02 12.97
N MET A 7 5.36 4.79 13.34
CA MET A 7 5.22 3.64 12.46
C MET A 7 3.76 3.24 12.31
N LEU A 8 3.03 3.95 11.45
CA LEU A 8 1.67 3.57 11.15
C LEU A 8 1.48 3.42 9.64
N PRO A 9 1.71 2.22 9.12
CA PRO A 9 1.45 1.90 7.72
C PRO A 9 -0.05 1.72 7.49
N ARG A 10 -0.62 2.54 6.64
CA ARG A 10 -2.06 2.54 6.45
C ARG A 10 -2.49 1.51 5.44
N LEU A 11 -3.46 0.70 5.83
CA LEU A 11 -4.03 -0.30 4.95
C LEU A 11 -5.20 0.32 4.19
N CYS A 12 -4.97 0.63 2.94
CA CYS A 12 -5.96 1.30 2.12
C CYS A 12 -6.79 0.30 1.33
N CYS A 13 -8.06 0.20 1.68
CA CYS A 13 -8.97 -0.67 0.97
C CYS A 13 -9.61 0.06 -0.20
N LEU A 14 -9.23 -0.35 -1.41
CA LEU A 14 -9.77 0.24 -2.62
C LEU A 14 -10.86 -0.66 -3.20
N GLU A 15 -12.05 -0.11 -3.38
CA GLU A 15 -13.14 -0.87 -3.96
C GLU A 15 -12.98 -0.97 -5.48
N LYS A 16 -13.37 -2.09 -6.05
CA LYS A 16 -13.35 -2.24 -7.50
C LYS A 16 -14.48 -1.44 -8.11
N GLY A 17 -14.13 -0.41 -8.85
CA GLY A 17 -15.11 0.42 -9.50
C GLY A 17 -15.41 -0.05 -10.91
N PRO A 18 -15.49 0.87 -11.88
CA PRO A 18 -15.83 0.55 -13.27
C PRO A 18 -14.89 -0.48 -13.88
N ASN A 19 -13.59 -0.15 -13.92
CA ASN A 19 -12.61 -1.04 -14.54
C ASN A 19 -11.32 -1.07 -13.72
N GLY A 20 -11.43 -0.77 -12.43
CA GLY A 20 -10.26 -0.72 -11.58
C GLY A 20 -10.47 0.09 -10.34
N TYR A 21 -9.44 0.84 -9.95
CA TYR A 21 -9.47 1.60 -8.70
C TYR A 21 -9.21 3.07 -8.95
N GLY A 22 -8.54 3.37 -10.05
CA GLY A 22 -8.38 4.74 -10.48
C GLY A 22 -7.04 5.35 -10.13
N PHE A 23 -6.01 4.53 -10.03
CA PHE A 23 -4.67 5.05 -9.79
C PHE A 23 -3.67 4.41 -10.75
N HIS A 24 -2.58 5.10 -11.03
CA HIS A 24 -1.57 4.59 -11.94
C HIS A 24 -0.35 4.14 -11.16
N LEU A 25 0.05 2.90 -11.36
CA LEU A 25 1.17 2.33 -10.64
C LEU A 25 2.42 2.36 -11.50
N HIS A 26 3.48 2.92 -10.96
CA HIS A 26 4.77 2.95 -11.62
C HIS A 26 5.73 2.01 -10.92
N GLY A 27 6.41 1.17 -11.70
CA GLY A 27 7.37 0.27 -11.13
C GLY A 27 8.76 0.53 -11.66
N GLU A 28 9.76 0.25 -10.84
CA GLU A 28 11.14 0.38 -11.26
C GLU A 28 11.58 -0.87 -12.02
N LYS A 29 12.63 -0.74 -12.79
CA LYS A 29 13.10 -1.82 -13.65
C LYS A 29 13.96 -2.80 -12.87
N GLY A 30 13.39 -3.34 -11.81
CA GLY A 30 14.06 -4.33 -10.99
C GLY A 30 13.09 -5.06 -10.10
N LYS A 31 13.10 -4.73 -8.82
CA LYS A 31 12.14 -5.29 -7.86
C LYS A 31 11.55 -4.18 -7.01
N LEU A 32 12.41 -3.59 -6.18
CA LEU A 32 11.99 -2.54 -5.27
C LEU A 32 11.67 -1.27 -6.04
N GLY A 33 10.45 -0.80 -5.88
CA GLY A 33 10.09 0.48 -6.47
C GLY A 33 8.72 0.48 -7.09
N GLN A 34 7.69 0.31 -6.27
CA GLN A 34 6.33 0.45 -6.74
C GLN A 34 5.75 1.74 -6.15
N TYR A 35 5.43 2.69 -7.01
CA TYR A 35 4.99 4.00 -6.55
C TYR A 35 3.76 4.46 -7.32
N ILE A 36 2.93 5.25 -6.66
CA ILE A 36 1.72 5.76 -7.26
C ILE A 36 2.02 7.00 -8.09
N ARG A 37 1.55 7.00 -9.33
CA ARG A 37 1.73 8.13 -10.23
C ARG A 37 0.68 9.20 -10.02
N LEU A 38 -0.58 8.80 -10.08
CA LEU A 38 -1.68 9.74 -10.02
C LEU A 38 -2.93 9.05 -9.51
N VAL A 39 -3.74 9.79 -8.78
CA VAL A 39 -5.01 9.29 -8.27
C VAL A 39 -6.16 10.06 -8.91
N GLU A 40 -7.11 9.33 -9.47
CA GLU A 40 -8.26 9.93 -10.13
C GLU A 40 -9.16 10.61 -9.09
N PRO A 41 -9.55 11.87 -9.34
CA PRO A 41 -10.28 12.71 -8.38
C PRO A 41 -11.57 12.07 -7.87
N GLY A 42 -12.18 11.23 -8.69
CA GLY A 42 -13.38 10.54 -8.27
C GLY A 42 -13.19 9.03 -8.28
N SER A 43 -12.18 8.55 -7.56
CA SER A 43 -11.91 7.12 -7.50
C SER A 43 -11.98 6.63 -6.06
N PRO A 44 -12.14 5.29 -5.87
CA PRO A 44 -12.06 4.66 -4.55
C PRO A 44 -10.68 4.82 -3.91
N ALA A 45 -9.69 5.12 -4.75
CA ALA A 45 -8.31 5.29 -4.28
C ALA A 45 -8.20 6.45 -3.29
N GLU A 46 -8.81 7.58 -3.62
CA GLU A 46 -8.75 8.74 -2.75
C GLU A 46 -9.56 8.51 -1.47
N LYS A 47 -10.58 7.67 -1.58
CA LYS A 47 -11.36 7.26 -0.40
C LYS A 47 -10.48 6.49 0.57
N ALA A 48 -9.69 5.57 0.01
CA ALA A 48 -8.83 4.72 0.80
C ALA A 48 -7.72 5.52 1.47
N GLY A 49 -7.33 6.63 0.86
CA GLY A 49 -6.30 7.48 1.43
C GLY A 49 -5.01 7.42 0.65
N LEU A 50 -5.04 6.64 -0.43
CA LEU A 50 -3.90 6.50 -1.32
C LEU A 50 -3.51 7.86 -1.94
N LEU A 51 -2.23 8.19 -1.88
CA LEU A 51 -1.73 9.43 -2.45
C LEU A 51 -0.82 9.14 -3.63
N ALA A 52 -0.55 10.16 -4.43
CA ALA A 52 0.21 9.99 -5.67
C ALA A 52 1.71 10.04 -5.42
N GLY A 53 2.15 9.35 -4.38
CA GLY A 53 3.56 9.26 -4.07
C GLY A 53 3.86 8.24 -2.99
N ASP A 54 2.92 7.32 -2.79
CA ASP A 54 3.06 6.31 -1.74
C ASP A 54 3.81 5.09 -2.25
N ARG A 55 4.46 4.39 -1.33
CA ARG A 55 5.12 3.14 -1.63
C ARG A 55 4.19 1.98 -1.33
N LEU A 56 3.79 1.27 -2.36
CA LEU A 56 2.95 0.09 -2.20
C LEU A 56 3.79 -1.07 -1.68
N VAL A 57 3.54 -1.46 -0.45
CA VAL A 57 4.33 -2.50 0.20
C VAL A 57 3.76 -3.88 -0.08
N GLU A 58 2.48 -4.07 0.26
CA GLU A 58 1.86 -5.36 0.07
C GLU A 58 0.42 -5.22 -0.42
N VAL A 59 -0.08 -6.28 -1.02
CA VAL A 59 -1.43 -6.31 -1.56
C VAL A 59 -2.20 -7.50 -1.00
N ASN A 60 -3.20 -7.20 -0.18
CA ASN A 60 -4.11 -8.23 0.35
C ASN A 60 -3.36 -9.30 1.14
N GLY A 61 -2.38 -8.90 1.94
CA GLY A 61 -1.75 -9.82 2.86
C GLY A 61 -0.37 -10.26 2.43
N GLU A 62 -0.03 -10.10 1.16
CA GLU A 62 1.26 -10.56 0.68
C GLU A 62 2.08 -9.40 0.11
N ASN A 63 3.38 -9.41 0.43
CA ASN A 63 4.30 -8.35 0.03
C ASN A 63 4.46 -8.35 -1.48
N VAL A 64 4.44 -7.16 -2.10
CA VAL A 64 4.50 -7.06 -3.54
C VAL A 64 5.59 -6.10 -4.03
N GLU A 65 6.23 -5.39 -3.12
CA GLU A 65 7.20 -4.38 -3.52
C GLU A 65 8.56 -5.00 -3.85
N LYS A 66 8.64 -6.32 -3.76
CA LYS A 66 9.83 -7.05 -4.20
C LYS A 66 9.51 -7.90 -5.42
N GLU A 67 8.31 -7.70 -5.97
CA GLU A 67 7.85 -8.44 -7.14
C GLU A 67 8.16 -7.69 -8.43
N THR A 68 7.77 -8.27 -9.55
CA THR A 68 7.88 -7.57 -10.82
C THR A 68 6.74 -6.58 -10.94
N HIS A 69 6.89 -5.57 -11.78
CA HIS A 69 5.82 -4.58 -11.99
C HIS A 69 4.53 -5.29 -12.41
N GLN A 70 4.69 -6.31 -13.26
CA GLN A 70 3.56 -7.07 -13.77
C GLN A 70 2.84 -7.81 -12.65
N GLN A 71 3.61 -8.45 -11.77
CA GLN A 71 3.04 -9.24 -10.68
C GLN A 71 2.25 -8.36 -9.72
N VAL A 72 2.77 -7.17 -9.45
CA VAL A 72 2.12 -6.23 -8.55
C VAL A 72 0.74 -5.84 -9.09
N VAL A 73 0.72 -5.40 -10.35
CA VAL A 73 -0.52 -4.94 -10.98
C VAL A 73 -1.55 -6.05 -11.06
N SER A 74 -1.09 -7.25 -11.37
CA SER A 74 -1.97 -8.41 -11.50
C SER A 74 -2.70 -8.70 -10.19
N ARG A 75 -1.97 -8.66 -9.08
CA ARG A 75 -2.54 -8.94 -7.77
C ARG A 75 -3.55 -7.89 -7.35
N ILE A 76 -3.28 -6.62 -7.68
CA ILE A 76 -4.19 -5.53 -7.35
C ILE A 76 -5.51 -5.70 -8.11
N ARG A 77 -5.41 -5.96 -9.40
CA ARG A 77 -6.59 -6.09 -10.25
C ARG A 77 -7.41 -7.33 -9.89
N ALA A 78 -6.73 -8.32 -9.31
CA ALA A 78 -7.35 -9.62 -9.01
C ALA A 78 -8.48 -9.51 -7.99
N ALA A 79 -8.52 -8.41 -7.25
CA ALA A 79 -9.59 -8.21 -6.27
C ALA A 79 -10.92 -7.98 -6.98
N LEU A 80 -11.93 -8.74 -6.57
CA LEU A 80 -13.21 -8.73 -7.26
C LEU A 80 -14.15 -7.66 -6.71
N ASN A 81 -13.90 -7.21 -5.50
CA ASN A 81 -14.77 -6.21 -4.88
C ASN A 81 -13.96 -5.13 -4.17
N ALA A 82 -12.98 -5.53 -3.39
CA ALA A 82 -12.17 -4.58 -2.65
C ALA A 82 -10.79 -5.16 -2.35
N VAL A 83 -9.76 -4.35 -2.54
CA VAL A 83 -8.40 -4.80 -2.30
C VAL A 83 -7.74 -3.92 -1.24
N ARG A 84 -6.99 -4.54 -0.34
CA ARG A 84 -6.31 -3.79 0.69
C ARG A 84 -4.85 -3.59 0.31
N LEU A 85 -4.52 -2.35 0.00
CA LEU A 85 -3.16 -1.99 -0.38
C LEU A 85 -2.47 -1.32 0.80
N LEU A 86 -1.37 -1.90 1.26
CA LEU A 86 -0.62 -1.29 2.34
C LEU A 86 0.39 -0.30 1.78
N VAL A 87 0.30 0.93 2.22
CA VAL A 87 1.16 1.99 1.70
C VAL A 87 1.71 2.85 2.82
N VAL A 88 2.88 3.42 2.58
CA VAL A 88 3.54 4.28 3.54
C VAL A 88 4.37 5.33 2.80
N ASP A 89 4.59 6.48 3.43
CA ASP A 89 5.47 7.50 2.88
C ASP A 89 6.89 6.97 2.88
N PRO A 90 7.56 6.97 1.70
CA PRO A 90 8.93 6.45 1.55
C PRO A 90 9.91 7.15 2.48
N GLU A 91 9.58 8.39 2.85
CA GLU A 91 10.38 9.16 3.77
C GLU A 91 10.25 8.60 5.20
N THR A 92 9.02 8.28 5.57
CA THR A 92 8.74 7.64 6.85
C THR A 92 9.20 6.18 6.83
N ASP A 93 9.22 5.59 5.64
CA ASP A 93 9.59 4.20 5.44
C ASP A 93 11.00 3.92 5.94
N GLU A 94 11.92 4.83 5.63
CA GLU A 94 13.30 4.70 6.11
C GLU A 94 13.34 4.68 7.64
N GLN A 95 12.52 5.54 8.25
CA GLN A 95 12.42 5.58 9.70
C GLN A 95 11.87 4.26 10.23
N LEU A 96 10.91 3.70 9.52
CA LEU A 96 10.30 2.45 9.93
C LEU A 96 11.33 1.33 9.96
N GLN A 97 12.16 1.28 8.92
CA GLN A 97 13.26 0.32 8.85
C GLN A 97 14.24 0.53 9.99
N LYS A 98 14.41 1.80 10.38
CA LYS A 98 15.29 2.15 11.49
C LYS A 98 14.75 1.60 12.81
N LEU A 99 13.44 1.72 13.02
CA LEU A 99 12.83 1.26 14.27
C LEU A 99 12.71 -0.26 14.29
N GLY A 100 12.35 -0.83 13.14
CA GLY A 100 12.39 -2.27 12.97
C GLY A 100 11.17 -2.98 13.53
N VAL A 101 10.23 -2.23 14.10
CA VAL A 101 9.03 -2.80 14.70
C VAL A 101 8.15 -3.44 13.63
N GLN A 102 7.61 -4.62 13.94
CA GLN A 102 6.79 -5.38 13.01
C GLN A 102 5.37 -4.83 12.98
N VAL A 103 5.26 -3.54 12.70
CA VAL A 103 3.98 -2.83 12.73
C VAL A 103 3.20 -3.03 11.43
N ARG A 104 3.78 -3.72 10.46
CA ARG A 104 3.17 -3.80 9.14
C ARG A 104 1.92 -4.68 9.12
N GLU A 105 1.99 -5.85 9.72
CA GLU A 105 0.95 -6.86 9.53
C GLU A 105 0.06 -7.05 10.75
N GLU A 106 0.64 -7.46 11.88
CA GLU A 106 -0.14 -7.77 13.06
C GLU A 106 -0.83 -6.54 13.62
N LEU A 107 -0.25 -5.36 13.40
CA LEU A 107 -0.87 -4.11 13.81
C LEU A 107 -2.13 -3.86 12.99
N LEU A 108 -2.13 -4.36 11.75
CA LEU A 108 -3.31 -4.29 10.90
C LEU A 108 -4.39 -5.23 11.41
N ARG A 109 -4.00 -6.14 12.29
CA ARG A 109 -4.92 -7.09 12.88
C ARG A 109 -5.28 -6.69 14.30
N ALA A 110 -4.90 -5.44 14.61
CA ALA A 110 -5.10 -4.85 15.93
C ALA A 110 -4.25 -5.54 16.99
N GLN A 111 -4.29 -5.01 18.21
CA GLN A 111 -3.48 -5.54 19.30
C GLN A 111 -4.13 -6.75 19.95
N GLU A 112 -3.55 -7.16 21.08
CA GLU A 112 -3.94 -8.36 21.81
C GLU A 112 -3.69 -9.61 20.95
N ALA A 113 -2.73 -10.41 21.38
CA ALA A 113 -2.36 -11.63 20.67
C ALA A 113 -3.54 -12.58 20.59
N PRO A 114 -3.93 -12.96 19.36
CA PRO A 114 -5.04 -13.88 19.13
C PRO A 114 -4.81 -15.24 19.79
N GLY A 115 -5.38 -15.41 20.98
CA GLY A 115 -5.26 -16.66 21.69
C GLY A 115 -6.49 -17.53 21.50
N GLN A 116 -6.26 -18.81 21.23
CA GLN A 116 -7.36 -19.74 20.99
C GLN A 116 -7.92 -20.28 22.30
N ALA A 117 -8.30 -19.35 23.18
CA ALA A 117 -8.83 -19.67 24.51
C ALA A 117 -7.76 -20.35 25.37
N GLN B 1 5.64 3.39 -18.56
CA GLN B 1 5.59 2.46 -17.41
C GLN B 1 4.72 3.05 -16.29
N ASP B 2 3.47 3.35 -16.64
CA ASP B 2 2.54 3.99 -15.72
C ASP B 2 1.17 3.34 -15.82
N THR B 3 1.15 2.04 -15.63
CA THR B 3 -0.05 1.22 -15.79
C THR B 3 -1.19 1.68 -14.88
N ARG B 4 -2.41 1.72 -15.41
CA ARG B 4 -3.57 2.10 -14.62
C ARG B 4 -4.15 0.89 -13.90
N LEU B 5 -4.55 1.09 -12.66
CA LEU B 5 -5.24 0.06 -11.90
C LEU B 5 -6.74 0.35 -11.90
N GLY A 1 16.80 5.31 23.52
CA GLY A 1 17.26 5.27 22.11
C GLY A 1 16.20 4.71 21.19
N ILE A 2 16.63 4.25 20.01
CA ILE A 2 15.76 3.70 18.95
C ILE A 2 14.50 4.56 18.72
N ASP A 3 13.56 4.02 17.97
CA ASP A 3 12.32 4.71 17.66
C ASP A 3 11.14 3.78 17.84
N PRO A 4 10.11 4.25 18.55
CA PRO A 4 8.85 3.50 18.72
C PRO A 4 8.21 3.19 17.39
N PHE A 5 7.15 2.40 17.40
CA PHE A 5 6.50 2.05 16.14
C PHE A 5 5.71 3.23 15.61
N THR A 6 6.40 4.00 14.78
CA THR A 6 5.90 5.24 14.23
C THR A 6 4.91 5.01 13.09
N MET A 7 4.06 6.01 12.86
CA MET A 7 3.21 6.09 11.67
C MET A 7 2.03 5.13 11.73
N LEU A 8 2.34 3.84 11.89
CA LEU A 8 1.34 2.78 11.77
C LEU A 8 0.88 2.69 10.31
N PRO A 9 1.46 1.73 9.56
CA PRO A 9 1.20 1.59 8.13
C PRO A 9 -0.28 1.52 7.80
N ARG A 10 -0.69 2.29 6.81
CA ARG A 10 -2.09 2.39 6.47
C ARG A 10 -2.49 1.28 5.50
N LEU A 11 -3.54 0.57 5.85
CA LEU A 11 -4.09 -0.45 4.97
C LEU A 11 -5.21 0.18 4.15
N CYS A 12 -5.03 0.23 2.85
CA CYS A 12 -5.99 0.87 1.99
C CYS A 12 -6.81 -0.17 1.25
N CYS A 13 -8.07 -0.29 1.61
CA CYS A 13 -8.97 -1.17 0.91
C CYS A 13 -9.55 -0.45 -0.30
N LEU A 14 -9.10 -0.83 -1.47
CA LEU A 14 -9.52 -0.18 -2.69
C LEU A 14 -10.80 -0.82 -3.23
N GLU A 15 -11.76 0.03 -3.53
CA GLU A 15 -13.06 -0.41 -4.02
C GLU A 15 -13.07 -0.41 -5.53
N LYS A 16 -13.55 -1.51 -6.11
CA LYS A 16 -13.65 -1.62 -7.56
C LYS A 16 -14.69 -0.64 -8.10
N GLY A 17 -14.19 0.45 -8.66
CA GLY A 17 -15.07 1.44 -9.23
C GLY A 17 -15.42 1.13 -10.68
N PRO A 18 -15.11 2.03 -11.61
CA PRO A 18 -15.41 1.85 -13.04
C PRO A 18 -14.85 0.53 -13.58
N ASN A 19 -13.54 0.38 -13.55
CA ASN A 19 -12.90 -0.86 -13.94
C ASN A 19 -11.62 -1.04 -13.15
N GLY A 20 -11.55 -0.35 -12.03
CA GLY A 20 -10.32 -0.28 -11.25
C GLY A 20 -10.53 0.43 -9.94
N TYR A 21 -9.55 1.23 -9.55
CA TYR A 21 -9.56 1.85 -8.22
C TYR A 21 -9.28 3.35 -8.30
N GLY A 22 -8.68 3.79 -9.39
CA GLY A 22 -8.54 5.22 -9.63
C GLY A 22 -7.15 5.77 -9.37
N PHE A 23 -6.14 4.94 -9.54
CA PHE A 23 -4.76 5.41 -9.45
C PHE A 23 -3.90 4.65 -10.44
N HIS A 24 -2.76 5.20 -10.79
CA HIS A 24 -1.87 4.54 -11.72
C HIS A 24 -0.49 4.33 -11.11
N LEU A 25 0.01 3.12 -11.30
CA LEU A 25 1.25 2.68 -10.69
C LEU A 25 2.37 2.77 -11.73
N HIS A 26 3.40 3.54 -11.42
CA HIS A 26 4.56 3.63 -12.30
C HIS A 26 5.73 2.93 -11.63
N GLY A 27 6.54 2.25 -12.42
CA GLY A 27 7.62 1.47 -11.86
C GLY A 27 8.93 1.70 -12.58
N GLU A 28 10.00 1.20 -11.97
CA GLU A 28 11.31 1.24 -12.59
C GLU A 28 11.61 -0.09 -13.27
N LYS A 29 12.55 -0.09 -14.20
CA LYS A 29 12.81 -1.25 -15.05
C LYS A 29 13.49 -2.37 -14.27
N GLY A 30 12.69 -3.16 -13.57
CA GLY A 30 13.22 -4.28 -12.81
C GLY A 30 12.12 -5.05 -12.10
N LYS A 31 12.29 -5.23 -10.80
CA LYS A 31 11.29 -5.91 -9.98
C LYS A 31 10.75 -4.93 -8.95
N LEU A 32 11.64 -4.52 -8.05
CA LEU A 32 11.29 -3.58 -7.01
C LEU A 32 11.21 -2.17 -7.58
N GLY A 33 10.22 -1.43 -7.13
CA GLY A 33 10.07 -0.06 -7.59
C GLY A 33 8.63 0.25 -7.99
N GLN A 34 7.69 -0.12 -7.14
CA GLN A 34 6.28 0.18 -7.37
C GLN A 34 5.88 1.43 -6.60
N TYR A 35 5.52 2.48 -7.32
CA TYR A 35 5.15 3.75 -6.70
C TYR A 35 3.88 4.29 -7.34
N ILE A 36 3.00 4.81 -6.51
CA ILE A 36 1.79 5.47 -7.00
C ILE A 36 2.21 6.76 -7.69
N ARG A 37 1.85 6.91 -8.96
CA ARG A 37 2.24 8.08 -9.72
C ARG A 37 1.28 9.23 -9.48
N LEU A 38 -0.02 8.92 -9.47
CA LEU A 38 -1.05 9.91 -9.22
C LEU A 38 -2.37 9.24 -8.87
N VAL A 39 -3.09 9.84 -7.94
CA VAL A 39 -4.39 9.37 -7.52
C VAL A 39 -5.47 10.28 -8.11
N GLU A 40 -6.54 9.69 -8.61
CA GLU A 40 -7.62 10.44 -9.20
C GLU A 40 -8.54 10.98 -8.10
N PRO A 41 -8.86 12.28 -8.16
CA PRO A 41 -9.69 12.94 -7.15
C PRO A 41 -11.09 12.34 -7.03
N GLY A 42 -11.51 11.65 -8.09
CA GLY A 42 -12.81 11.01 -8.08
C GLY A 42 -12.68 9.49 -8.02
N SER A 43 -11.82 9.01 -7.14
CA SER A 43 -11.60 7.58 -7.00
C SER A 43 -11.68 7.18 -5.53
N PRO A 44 -11.97 5.89 -5.26
CA PRO A 44 -11.96 5.34 -3.90
C PRO A 44 -10.56 5.32 -3.29
N ALA A 45 -9.54 5.52 -4.13
CA ALA A 45 -8.17 5.55 -3.66
C ALA A 45 -7.94 6.69 -2.67
N GLU A 46 -8.46 7.87 -2.96
CA GLU A 46 -8.31 9.00 -2.07
C GLU A 46 -9.09 8.77 -0.77
N LYS A 47 -10.17 7.99 -0.86
CA LYS A 47 -10.91 7.56 0.33
C LYS A 47 -10.05 6.62 1.18
N ALA A 48 -9.39 5.68 0.49
CA ALA A 48 -8.59 4.66 1.15
C ALA A 48 -7.38 5.26 1.86
N GLY A 49 -7.00 6.45 1.43
CA GLY A 49 -5.90 7.15 2.08
C GLY A 49 -4.63 7.09 1.26
N LEU A 50 -4.74 6.51 0.08
CA LEU A 50 -3.61 6.38 -0.83
C LEU A 50 -3.19 7.73 -1.39
N LEU A 51 -1.89 7.99 -1.36
CA LEU A 51 -1.35 9.25 -1.87
C LEU A 51 -0.50 9.01 -3.12
N ALA A 52 -0.23 10.08 -3.85
CA ALA A 52 0.55 10.00 -5.08
C ALA A 52 2.03 9.92 -4.77
N GLY A 53 2.49 8.74 -4.39
CA GLY A 53 3.88 8.54 -4.06
C GLY A 53 4.09 7.34 -3.17
N ASP A 54 3.00 6.80 -2.63
CA ASP A 54 3.05 5.64 -1.75
C ASP A 54 3.76 4.46 -2.40
N ARG A 55 4.52 3.75 -1.58
CA ARG A 55 5.11 2.48 -1.97
C ARG A 55 4.13 1.36 -1.65
N LEU A 56 3.80 0.57 -2.65
CA LEU A 56 2.92 -0.57 -2.45
C LEU A 56 3.72 -1.70 -1.81
N VAL A 57 3.41 -1.99 -0.55
CA VAL A 57 4.19 -2.95 0.22
C VAL A 57 3.67 -4.37 0.02
N GLU A 58 2.39 -4.58 0.25
CA GLU A 58 1.82 -5.90 0.09
C GLU A 58 0.45 -5.86 -0.56
N VAL A 59 0.06 -6.98 -1.15
CA VAL A 59 -1.29 -7.14 -1.69
C VAL A 59 -1.91 -8.42 -1.13
N ASN A 60 -2.91 -8.24 -0.29
CA ASN A 60 -3.63 -9.35 0.33
C ASN A 60 -2.73 -10.28 1.15
N GLY A 61 -1.77 -9.70 1.87
CA GLY A 61 -1.01 -10.46 2.84
C GLY A 61 0.43 -10.71 2.46
N GLU A 62 0.72 -10.73 1.16
CA GLU A 62 2.05 -11.10 0.71
C GLU A 62 2.79 -9.90 0.13
N ASN A 63 4.09 -9.84 0.44
CA ASN A 63 4.96 -8.74 0.00
C ASN A 63 5.10 -8.74 -1.52
N VAL A 64 4.66 -7.67 -2.17
CA VAL A 64 4.64 -7.63 -3.63
C VAL A 64 5.74 -6.73 -4.19
N GLU A 65 6.53 -6.14 -3.31
CA GLU A 65 7.63 -5.27 -3.73
C GLU A 65 8.68 -6.07 -4.51
N LYS A 66 8.70 -7.37 -4.27
CA LYS A 66 9.73 -8.23 -4.85
C LYS A 66 9.22 -8.89 -6.14
N GLU A 67 7.97 -8.60 -6.48
CA GLU A 67 7.38 -9.11 -7.71
C GLU A 67 7.72 -8.19 -8.87
N THR A 68 7.56 -8.67 -10.09
CA THR A 68 7.77 -7.82 -11.26
C THR A 68 6.66 -6.79 -11.36
N HIS A 69 6.91 -5.67 -12.03
CA HIS A 69 5.91 -4.61 -12.13
C HIS A 69 4.61 -5.17 -12.71
N GLN A 70 4.74 -5.95 -13.77
CA GLN A 70 3.61 -6.58 -14.42
C GLN A 70 2.84 -7.49 -13.46
N GLN A 71 3.58 -8.27 -12.68
CA GLN A 71 2.96 -9.21 -11.74
C GLN A 71 2.19 -8.47 -10.65
N VAL A 72 2.77 -7.38 -10.16
CA VAL A 72 2.15 -6.58 -9.10
C VAL A 72 0.78 -6.06 -9.57
N VAL A 73 0.75 -5.49 -10.77
CA VAL A 73 -0.48 -4.93 -11.32
C VAL A 73 -1.53 -6.04 -11.51
N SER A 74 -1.08 -7.18 -11.99
CA SER A 74 -1.97 -8.32 -12.22
C SER A 74 -2.65 -8.76 -10.93
N ARG A 75 -1.91 -8.68 -9.82
CA ARG A 75 -2.45 -9.07 -8.50
C ARG A 75 -3.56 -8.12 -8.07
N ILE A 76 -3.34 -6.83 -8.28
CA ILE A 76 -4.29 -5.81 -7.85
C ILE A 76 -5.57 -5.90 -8.68
N ARG A 77 -5.41 -6.15 -9.98
CA ARG A 77 -6.54 -6.30 -10.88
C ARG A 77 -7.28 -7.61 -10.61
N ALA A 78 -6.57 -8.57 -10.02
CA ALA A 78 -7.15 -9.88 -9.70
C ALA A 78 -8.21 -9.77 -8.60
N ALA A 79 -8.17 -8.67 -7.85
CA ALA A 79 -9.15 -8.45 -6.79
C ALA A 79 -10.52 -8.17 -7.39
N LEU A 80 -11.54 -8.71 -6.73
CA LEU A 80 -12.91 -8.66 -7.23
C LEU A 80 -13.55 -7.31 -6.91
N ASN A 81 -13.89 -7.10 -5.65
CA ASN A 81 -14.58 -5.89 -5.23
C ASN A 81 -13.66 -4.99 -4.42
N ALA A 82 -12.99 -5.59 -3.44
CA ALA A 82 -12.11 -4.84 -2.56
C ALA A 82 -10.74 -5.52 -2.49
N VAL A 83 -9.70 -4.72 -2.53
CA VAL A 83 -8.35 -5.22 -2.41
C VAL A 83 -7.61 -4.49 -1.30
N ARG A 84 -6.90 -5.24 -0.46
CA ARG A 84 -6.13 -4.64 0.60
C ARG A 84 -4.73 -4.32 0.12
N LEU A 85 -4.45 -3.03 -0.01
CA LEU A 85 -3.14 -2.58 -0.40
C LEU A 85 -2.47 -1.85 0.74
N LEU A 86 -1.36 -2.39 1.21
CA LEU A 86 -0.59 -1.74 2.25
C LEU A 86 0.39 -0.78 1.60
N VAL A 87 0.38 0.45 2.07
CA VAL A 87 1.20 1.49 1.46
C VAL A 87 1.86 2.35 2.53
N VAL A 88 3.03 2.89 2.19
CA VAL A 88 3.74 3.82 3.05
C VAL A 88 4.44 4.86 2.19
N ASP A 89 4.55 6.08 2.71
CA ASP A 89 5.30 7.12 2.04
C ASP A 89 6.78 6.73 2.01
N PRO A 90 7.51 7.05 0.94
CA PRO A 90 8.94 6.72 0.84
C PRO A 90 9.72 7.19 2.08
N GLU A 91 9.42 8.40 2.54
CA GLU A 91 10.05 8.95 3.75
C GLU A 91 9.58 8.22 5.00
N THR A 92 8.36 7.71 4.98
CA THR A 92 7.80 7.00 6.13
C THR A 92 8.57 5.70 6.36
N ASP A 93 8.91 5.02 5.27
CA ASP A 93 9.67 3.78 5.34
C ASP A 93 11.02 4.01 6.01
N GLU A 94 11.64 5.15 5.71
CA GLU A 94 12.94 5.49 6.23
C GLU A 94 12.93 5.53 7.76
N GLN A 95 11.86 6.05 8.34
CA GLN A 95 11.69 6.02 9.79
C GLN A 95 11.33 4.60 10.25
N LEU A 96 10.38 3.99 9.56
CA LEU A 96 9.77 2.72 9.98
C LEU A 96 10.74 1.55 9.95
N GLN A 97 11.69 1.56 9.03
CA GLN A 97 12.68 0.49 8.94
C GLN A 97 13.47 0.34 10.24
N LYS A 98 13.70 1.46 10.93
CA LYS A 98 14.44 1.46 12.19
C LYS A 98 13.67 0.70 13.28
N LEU A 99 12.37 0.56 13.08
CA LEU A 99 11.50 -0.14 14.01
C LEU A 99 11.75 -1.64 13.97
N GLY A 100 11.11 -2.32 13.02
CA GLY A 100 11.23 -3.77 12.91
C GLY A 100 10.42 -4.50 13.96
N VAL A 101 9.65 -3.75 14.75
CA VAL A 101 8.86 -4.34 15.83
C VAL A 101 7.47 -4.74 15.33
N GLN A 102 7.44 -5.80 14.51
CA GLN A 102 6.19 -6.41 13.98
C GLN A 102 5.14 -5.37 13.57
N VAL A 103 5.58 -4.24 13.05
CA VAL A 103 4.68 -3.13 12.76
C VAL A 103 3.95 -3.35 11.42
N ARG A 104 4.23 -4.47 10.78
CA ARG A 104 3.77 -4.72 9.41
C ARG A 104 2.23 -4.75 9.30
N GLU A 105 1.57 -5.47 10.20
CA GLU A 105 0.14 -5.67 10.09
C GLU A 105 -0.52 -5.80 11.46
N GLU A 106 0.28 -6.17 12.46
CA GLU A 106 -0.25 -6.55 13.76
C GLU A 106 -1.04 -5.40 14.41
N LEU A 107 -0.55 -4.18 14.24
CA LEU A 107 -1.17 -3.01 14.86
C LEU A 107 -2.51 -2.67 14.20
N LEU A 108 -2.71 -3.14 12.98
CA LEU A 108 -3.95 -2.87 12.25
C LEU A 108 -5.14 -3.47 12.99
N ARG A 109 -4.93 -4.64 13.56
CA ARG A 109 -5.95 -5.31 14.34
C ARG A 109 -5.41 -5.75 15.69
N ALA A 110 -4.78 -4.81 16.37
CA ALA A 110 -4.26 -5.02 17.70
C ALA A 110 -5.23 -4.46 18.74
N GLN A 111 -4.81 -4.41 19.99
CA GLN A 111 -5.67 -3.88 21.03
C GLN A 111 -5.36 -2.41 21.31
N GLU A 112 -6.20 -1.83 22.14
CA GLU A 112 -6.19 -0.40 22.44
C GLU A 112 -6.58 0.40 21.21
N ALA A 113 -7.62 1.20 21.35
CA ALA A 113 -8.23 1.88 20.22
C ALA A 113 -7.76 3.31 20.11
N PRO A 114 -7.01 3.63 19.04
CA PRO A 114 -6.65 4.99 18.70
C PRO A 114 -7.66 5.63 17.75
N GLY A 115 -8.27 6.73 18.17
CA GLY A 115 -9.25 7.38 17.33
C GLY A 115 -9.87 8.58 18.01
N GLN A 116 -9.52 9.76 17.54
CA GLN A 116 -10.07 10.99 18.08
C GLN A 116 -11.29 11.43 17.29
N ALA A 117 -12.46 11.30 17.89
CA ALA A 117 -13.71 11.67 17.25
C ALA A 117 -14.82 11.74 18.29
N GLN B 1 4.42 1.48 -19.53
CA GLN B 1 5.25 1.94 -18.39
C GLN B 1 4.36 2.21 -17.19
N ASP B 2 3.59 3.29 -17.26
CA ASP B 2 2.63 3.63 -16.23
C ASP B 2 1.38 2.79 -16.40
N THR B 3 1.06 2.01 -15.38
CA THR B 3 -0.07 1.11 -15.44
C THR B 3 -1.20 1.60 -14.54
N ARG B 4 -2.32 1.99 -15.13
CA ARG B 4 -3.44 2.53 -14.37
C ARG B 4 -4.27 1.41 -13.79
N LEU B 5 -5.02 1.73 -12.75
CA LEU B 5 -5.93 0.80 -12.13
C LEU B 5 -7.33 1.38 -12.08
N GLY A 1 15.10 2.02 24.03
CA GLY A 1 15.43 2.26 22.61
C GLY A 1 14.19 2.61 21.81
N ILE A 2 14.11 2.05 20.60
CA ILE A 2 12.99 2.26 19.64
C ILE A 2 12.57 3.73 19.48
N ASP A 3 11.50 3.92 18.72
CA ASP A 3 11.01 5.25 18.38
C ASP A 3 9.60 5.44 18.91
N PRO A 4 9.09 6.69 18.87
CA PRO A 4 7.70 7.01 19.25
C PRO A 4 6.67 6.40 18.28
N PHE A 5 7.04 5.29 17.67
CA PHE A 5 6.26 4.67 16.60
C PHE A 5 6.00 5.66 15.48
N THR A 6 4.88 6.34 15.58
CA THR A 6 4.41 7.33 14.61
C THR A 6 4.39 6.81 13.17
N MET A 7 3.73 7.58 12.30
CA MET A 7 3.66 7.30 10.87
C MET A 7 3.21 5.87 10.59
N LEU A 8 2.23 5.40 11.36
CA LEU A 8 1.72 4.03 11.21
C LEU A 8 1.12 3.85 9.82
N PRO A 9 1.55 2.80 9.09
CA PRO A 9 1.12 2.56 7.71
C PRO A 9 -0.37 2.27 7.63
N ARG A 10 -0.99 2.79 6.58
CA ARG A 10 -2.43 2.65 6.41
C ARG A 10 -2.76 1.51 5.46
N LEU A 11 -3.64 0.62 5.93
CA LEU A 11 -4.15 -0.45 5.09
C LEU A 11 -5.35 0.08 4.33
N CYS A 12 -5.16 0.32 3.05
CA CYS A 12 -6.16 1.00 2.25
C CYS A 12 -7.00 0.00 1.48
N CYS A 13 -8.26 -0.15 1.86
CA CYS A 13 -9.16 -0.98 1.12
C CYS A 13 -9.67 -0.22 -0.10
N LEU A 14 -9.20 -0.59 -1.27
CA LEU A 14 -9.61 0.08 -2.49
C LEU A 14 -10.83 -0.60 -3.09
N GLU A 15 -11.72 0.23 -3.60
CA GLU A 15 -12.97 -0.23 -4.16
C GLU A 15 -12.90 -0.24 -5.68
N LYS A 16 -13.30 -1.36 -6.28
CA LYS A 16 -13.35 -1.48 -7.73
C LYS A 16 -14.47 -0.60 -8.28
N GLY A 17 -14.08 0.47 -8.93
CA GLY A 17 -15.05 1.35 -9.55
C GLY A 17 -15.36 0.91 -10.97
N PRO A 18 -15.85 1.83 -11.82
CA PRO A 18 -16.25 1.50 -13.18
C PRO A 18 -15.09 1.00 -14.04
N ASN A 19 -13.90 1.53 -13.79
CA ASN A 19 -12.75 1.23 -14.63
C ASN A 19 -11.49 0.98 -13.81
N GLY A 20 -11.66 0.38 -12.63
CA GLY A 20 -10.51 0.09 -11.80
C GLY A 20 -10.55 0.81 -10.47
N TYR A 21 -9.41 1.28 -10.02
CA TYR A 21 -9.29 1.91 -8.72
C TYR A 21 -8.96 3.39 -8.85
N GLY A 22 -8.34 3.74 -9.98
CA GLY A 22 -8.19 5.14 -10.32
C GLY A 22 -6.84 5.72 -9.96
N PHE A 23 -5.79 4.90 -9.94
CA PHE A 23 -4.46 5.43 -9.72
C PHE A 23 -3.49 4.84 -10.73
N HIS A 24 -2.40 5.53 -10.97
CA HIS A 24 -1.41 5.07 -11.91
C HIS A 24 -0.23 4.48 -11.14
N LEU A 25 0.09 3.24 -11.46
CA LEU A 25 1.17 2.56 -10.79
C LEU A 25 2.41 2.68 -11.66
N HIS A 26 3.46 3.22 -11.07
CA HIS A 26 4.69 3.49 -11.79
C HIS A 26 5.75 2.48 -11.38
N GLY A 27 6.50 1.99 -12.35
CA GLY A 27 7.46 0.96 -12.08
C GLY A 27 8.89 1.37 -12.39
N GLU A 28 9.83 0.66 -11.79
CA GLU A 28 11.24 0.86 -12.08
C GLU A 28 11.75 -0.29 -12.95
N LYS A 29 12.74 -0.01 -13.77
CA LYS A 29 13.24 -0.99 -14.72
C LYS A 29 14.26 -1.92 -14.07
N GLY A 30 13.77 -2.73 -13.17
CA GLY A 30 14.58 -3.76 -12.54
C GLY A 30 13.72 -4.94 -12.16
N LYS A 31 13.63 -5.21 -10.87
CA LYS A 31 12.70 -6.20 -10.37
C LYS A 31 11.58 -5.50 -9.63
N LEU A 32 11.96 -4.82 -8.55
CA LEU A 32 11.00 -4.16 -7.69
C LEU A 32 10.85 -2.70 -8.07
N GLY A 33 9.63 -2.22 -8.03
CA GLY A 33 9.36 -0.84 -8.41
C GLY A 33 7.88 -0.53 -8.39
N GLN A 34 7.32 -0.39 -7.20
CA GLN A 34 5.91 -0.04 -7.07
C GLN A 34 5.78 1.33 -6.41
N TYR A 35 5.27 2.29 -7.16
CA TYR A 35 5.04 3.63 -6.64
C TYR A 35 3.79 4.22 -7.25
N ILE A 36 3.02 4.94 -6.46
CA ILE A 36 1.85 5.65 -6.97
C ILE A 36 2.32 6.91 -7.68
N ARG A 37 2.09 6.97 -8.98
CA ARG A 37 2.56 8.09 -9.78
C ARG A 37 1.55 9.23 -9.76
N LEU A 38 0.28 8.85 -9.76
CA LEU A 38 -0.81 9.82 -9.77
C LEU A 38 -2.11 9.12 -9.42
N VAL A 39 -2.93 9.75 -8.59
CA VAL A 39 -4.23 9.20 -8.25
C VAL A 39 -5.35 10.17 -8.63
N GLU A 40 -6.39 9.64 -9.23
CA GLU A 40 -7.49 10.43 -9.73
C GLU A 40 -8.32 10.98 -8.56
N PRO A 41 -8.64 12.29 -8.61
CA PRO A 41 -9.40 12.96 -7.55
C PRO A 41 -10.79 12.38 -7.35
N GLY A 42 -11.27 11.67 -8.37
CA GLY A 42 -12.57 11.04 -8.29
C GLY A 42 -12.47 9.53 -8.30
N SER A 43 -11.51 9.00 -7.55
CA SER A 43 -11.30 7.56 -7.49
C SER A 43 -11.51 7.05 -6.07
N PRO A 44 -11.80 5.75 -5.91
CA PRO A 44 -11.91 5.12 -4.60
C PRO A 44 -10.55 4.99 -3.90
N ALA A 45 -9.48 5.16 -4.68
CA ALA A 45 -8.13 5.07 -4.14
C ALA A 45 -7.87 6.17 -3.12
N GLU A 46 -8.19 7.40 -3.49
CA GLU A 46 -7.98 8.54 -2.60
C GLU A 46 -8.90 8.47 -1.39
N LYS A 47 -10.07 7.84 -1.55
CA LYS A 47 -10.98 7.60 -0.43
C LYS A 47 -10.30 6.73 0.62
N ALA A 48 -9.63 5.68 0.15
CA ALA A 48 -8.97 4.72 1.03
C ALA A 48 -7.81 5.34 1.79
N GLY A 49 -7.28 6.42 1.26
CA GLY A 49 -6.15 7.08 1.89
C GLY A 49 -4.88 6.90 1.09
N LEU A 50 -5.00 6.23 -0.04
CA LEU A 50 -3.87 6.01 -0.93
C LEU A 50 -3.53 7.32 -1.64
N LEU A 51 -2.29 7.76 -1.48
CA LEU A 51 -1.87 9.04 -2.02
C LEU A 51 -0.79 8.86 -3.08
N ALA A 52 -0.60 9.89 -3.90
CA ALA A 52 0.40 9.85 -4.95
C ALA A 52 1.78 10.10 -4.36
N GLY A 53 2.54 9.03 -4.20
CA GLY A 53 3.85 9.13 -3.62
C GLY A 53 4.18 7.93 -2.75
N ASP A 54 3.14 7.19 -2.37
CA ASP A 54 3.29 6.02 -1.52
C ASP A 54 3.82 4.84 -2.33
N ARG A 55 4.53 3.95 -1.67
CA ARG A 55 4.98 2.71 -2.28
C ARG A 55 4.15 1.55 -1.75
N LEU A 56 3.90 0.58 -2.60
CA LEU A 56 3.06 -0.56 -2.23
C LEU A 56 3.92 -1.68 -1.68
N VAL A 57 3.56 -2.16 -0.50
CA VAL A 57 4.33 -3.23 0.15
C VAL A 57 3.62 -4.58 0.07
N GLU A 58 2.32 -4.59 0.30
CA GLU A 58 1.58 -5.84 0.31
C GLU A 58 0.28 -5.70 -0.49
N VAL A 59 -0.19 -6.82 -1.04
CA VAL A 59 -1.49 -6.87 -1.70
C VAL A 59 -2.36 -7.93 -1.04
N ASN A 60 -3.42 -7.49 -0.34
CA ASN A 60 -4.38 -8.39 0.32
C ASN A 60 -3.78 -9.15 1.50
N GLY A 61 -2.47 -9.35 1.50
CA GLY A 61 -1.82 -10.06 2.58
C GLY A 61 -0.46 -10.60 2.17
N GLU A 62 -0.22 -10.68 0.86
CA GLU A 62 1.05 -11.16 0.35
C GLU A 62 1.99 -9.99 0.06
N ASN A 63 3.27 -10.20 0.33
CA ASN A 63 4.27 -9.17 0.11
C ASN A 63 4.63 -9.07 -1.36
N VAL A 64 4.49 -7.87 -1.90
CA VAL A 64 4.71 -7.67 -3.33
C VAL A 64 5.84 -6.69 -3.60
N GLU A 65 6.64 -6.40 -2.57
CA GLU A 65 7.75 -5.46 -2.69
C GLU A 65 8.75 -5.90 -3.74
N LYS A 66 9.04 -7.19 -3.77
CA LYS A 66 10.12 -7.70 -4.61
C LYS A 66 9.59 -8.28 -5.92
N GLU A 67 8.30 -8.07 -6.17
CA GLU A 67 7.68 -8.55 -7.38
C GLU A 67 7.87 -7.53 -8.49
N THR A 68 7.56 -7.93 -9.72
CA THR A 68 7.73 -7.05 -10.85
C THR A 68 6.57 -6.09 -10.97
N HIS A 69 6.72 -5.07 -11.80
CA HIS A 69 5.68 -4.09 -12.01
C HIS A 69 4.41 -4.77 -12.52
N GLN A 70 4.58 -5.64 -13.50
CA GLN A 70 3.46 -6.35 -14.10
C GLN A 70 2.80 -7.33 -13.11
N GLN A 71 3.63 -7.96 -12.28
CA GLN A 71 3.13 -8.92 -11.28
C GLN A 71 2.18 -8.25 -10.30
N VAL A 72 2.61 -7.12 -9.77
CA VAL A 72 1.86 -6.39 -8.76
C VAL A 72 0.53 -5.89 -9.31
N VAL A 73 0.58 -5.26 -10.47
CA VAL A 73 -0.62 -4.70 -11.09
C VAL A 73 -1.66 -5.79 -11.35
N SER A 74 -1.19 -6.95 -11.81
CA SER A 74 -2.06 -8.06 -12.14
C SER A 74 -2.82 -8.54 -10.90
N ARG A 75 -2.12 -8.63 -9.77
CA ARG A 75 -2.72 -9.12 -8.53
C ARG A 75 -3.75 -8.15 -7.98
N ILE A 76 -3.49 -6.86 -8.12
CA ILE A 76 -4.42 -5.84 -7.63
C ILE A 76 -5.69 -5.82 -8.47
N ARG A 77 -5.53 -5.91 -9.79
CA ARG A 77 -6.66 -5.92 -10.71
C ARG A 77 -7.51 -7.17 -10.53
N ALA A 78 -6.89 -8.23 -10.00
CA ALA A 78 -7.56 -9.50 -9.77
C ALA A 78 -8.75 -9.36 -8.83
N ALA A 79 -8.73 -8.32 -8.01
CA ALA A 79 -9.81 -8.07 -7.06
C ALA A 79 -11.11 -7.75 -7.78
N LEU A 80 -12.19 -8.32 -7.29
CA LEU A 80 -13.50 -8.18 -7.90
C LEU A 80 -14.17 -6.89 -7.44
N ASN A 81 -14.00 -6.55 -6.18
CA ASN A 81 -14.61 -5.34 -5.63
C ASN A 81 -13.72 -4.68 -4.58
N ALA A 82 -13.32 -5.45 -3.58
CA ALA A 82 -12.47 -4.91 -2.52
C ALA A 82 -11.10 -5.55 -2.53
N VAL A 83 -10.08 -4.72 -2.38
CA VAL A 83 -8.70 -5.17 -2.37
C VAL A 83 -7.91 -4.40 -1.32
N ARG A 84 -7.00 -5.07 -0.62
CA ARG A 84 -6.25 -4.41 0.44
C ARG A 84 -4.92 -3.89 -0.10
N LEU A 85 -4.81 -2.59 -0.20
CA LEU A 85 -3.58 -1.96 -0.63
C LEU A 85 -2.85 -1.38 0.56
N LEU A 86 -1.78 -2.03 0.98
CA LEU A 86 -0.98 -1.50 2.08
C LEU A 86 0.13 -0.65 1.51
N VAL A 87 0.15 0.60 1.91
CA VAL A 87 1.05 1.58 1.30
C VAL A 87 1.81 2.35 2.36
N VAL A 88 2.99 2.80 2.00
CA VAL A 88 3.82 3.59 2.89
C VAL A 88 4.69 4.55 2.08
N ASP A 89 4.81 5.79 2.55
CA ASP A 89 5.74 6.74 1.95
C ASP A 89 7.16 6.21 2.09
N PRO A 90 8.02 6.44 1.09
CA PRO A 90 9.44 6.10 1.19
C PRO A 90 10.08 6.83 2.38
N GLU A 91 9.56 8.02 2.65
CA GLU A 91 9.99 8.82 3.79
C GLU A 91 9.47 8.19 5.09
N THR A 92 8.20 7.80 5.07
CA THR A 92 7.56 7.18 6.22
C THR A 92 8.22 5.84 6.56
N ASP A 93 8.49 5.05 5.52
CA ASP A 93 9.11 3.73 5.69
C ASP A 93 10.47 3.85 6.38
N GLU A 94 11.19 4.92 6.05
CA GLU A 94 12.50 5.16 6.64
C GLU A 94 12.39 5.29 8.15
N GLN A 95 11.40 6.05 8.58
CA GLN A 95 11.11 6.20 10.00
C GLN A 95 10.67 4.87 10.60
N LEU A 96 9.81 4.16 9.87
CA LEU A 96 9.29 2.87 10.31
C LEU A 96 10.40 1.84 10.48
N GLN A 97 11.45 1.96 9.66
CA GLN A 97 12.62 1.10 9.79
C GLN A 97 13.27 1.28 11.16
N LYS A 98 13.23 2.50 11.68
CA LYS A 98 13.69 2.77 13.05
C LYS A 98 12.83 2.00 14.05
N LEU A 99 11.54 1.95 13.78
CA LEU A 99 10.60 1.19 14.60
C LEU A 99 10.93 -0.28 14.58
N GLY A 100 10.65 -0.92 13.45
CA GLY A 100 10.92 -2.33 13.29
C GLY A 100 9.91 -3.23 13.99
N VAL A 101 9.12 -2.65 14.88
CA VAL A 101 8.20 -3.42 15.72
C VAL A 101 6.92 -3.80 14.97
N GLN A 102 7.09 -4.50 13.86
CA GLN A 102 6.00 -5.11 13.09
C GLN A 102 4.84 -4.14 12.83
N VAL A 103 5.16 -2.88 12.59
CA VAL A 103 4.14 -1.86 12.36
C VAL A 103 3.42 -2.07 11.03
N ARG A 104 4.04 -2.84 10.15
CA ARG A 104 3.44 -3.12 8.85
C ARG A 104 2.30 -4.13 8.96
N GLU A 105 2.32 -4.95 10.01
CA GLU A 105 1.36 -6.05 10.11
C GLU A 105 0.79 -6.20 11.52
N GLU A 106 1.66 -6.39 12.50
CA GLU A 106 1.22 -6.61 13.88
C GLU A 106 0.50 -5.38 14.44
N LEU A 107 0.87 -4.21 13.93
CA LEU A 107 0.18 -2.97 14.31
C LEU A 107 -1.28 -3.04 13.85
N LEU A 108 -1.49 -3.57 12.65
CA LEU A 108 -2.84 -3.73 12.11
C LEU A 108 -3.59 -4.81 12.88
N ARG A 109 -2.82 -5.64 13.58
CA ARG A 109 -3.37 -6.71 14.40
C ARG A 109 -3.52 -6.24 15.85
N ALA A 110 -3.32 -4.95 16.04
CA ALA A 110 -3.31 -4.32 17.36
C ALA A 110 -2.10 -4.78 18.17
N GLN A 111 -1.36 -3.83 18.71
CA GLN A 111 -0.14 -4.13 19.46
C GLN A 111 -0.49 -4.85 20.76
N GLU A 112 0.47 -5.58 21.30
CA GLU A 112 0.28 -6.36 22.50
C GLU A 112 1.11 -5.80 23.65
N ALA A 113 0.42 -5.46 24.74
CA ALA A 113 1.08 -4.88 25.91
C ALA A 113 2.07 -5.86 26.52
N PRO A 114 3.28 -5.39 26.84
CA PRO A 114 4.33 -6.22 27.44
C PRO A 114 3.99 -6.65 28.86
N GLY A 115 3.56 -7.89 29.01
CA GLY A 115 3.26 -8.43 30.32
C GLY A 115 4.00 -9.73 30.56
N GLN A 116 3.36 -10.83 30.18
CA GLN A 116 3.94 -12.16 30.34
C GLN A 116 4.31 -12.42 31.79
N ALA A 117 3.30 -12.48 32.65
CA ALA A 117 3.51 -12.73 34.07
C ALA A 117 2.56 -13.81 34.56
N GLN B 1 3.69 -0.28 -19.14
CA GLN B 1 4.01 1.13 -18.83
C GLN B 1 3.48 1.49 -17.45
N ASP B 2 3.64 2.74 -17.06
CA ASP B 2 3.01 3.24 -15.84
C ASP B 2 1.51 3.34 -16.08
N THR B 3 0.78 2.39 -15.55
CA THR B 3 -0.59 2.16 -15.98
C THR B 3 -1.62 2.53 -14.92
N ARG B 4 -2.83 2.86 -15.37
CA ARG B 4 -3.95 3.14 -14.48
C ARG B 4 -4.58 1.84 -13.99
N LEU B 5 -4.65 1.69 -12.69
CA LEU B 5 -5.27 0.53 -12.08
C LEU B 5 -6.75 0.79 -11.85
N GLY A 1 15.57 -0.15 22.08
CA GLY A 1 14.99 -1.50 22.22
C GLY A 1 13.61 -1.59 21.61
N ILE A 2 12.72 -0.74 22.08
CA ILE A 2 11.38 -0.66 21.52
C ILE A 2 11.19 0.67 20.81
N ASP A 3 10.04 0.83 20.18
CA ASP A 3 9.74 2.03 19.43
C ASP A 3 8.34 2.53 19.80
N PRO A 4 8.06 3.82 19.60
CA PRO A 4 6.79 4.44 19.96
C PRO A 4 5.68 4.23 18.94
N PHE A 5 5.97 3.37 17.96
CA PHE A 5 5.06 3.10 16.85
C PHE A 5 4.60 4.41 16.20
N THR A 6 5.50 4.99 15.41
CA THR A 6 5.24 6.26 14.77
C THR A 6 5.20 6.10 13.26
N MET A 7 4.35 6.89 12.60
CA MET A 7 4.09 6.76 11.16
C MET A 7 3.58 5.36 10.85
N LEU A 8 2.35 5.13 11.25
CA LEU A 8 1.74 3.80 11.12
C LEU A 8 1.42 3.50 9.66
N PRO A 9 1.76 2.29 9.19
CA PRO A 9 1.47 1.86 7.82
C PRO A 9 -0.02 1.87 7.52
N ARG A 10 -0.37 2.36 6.35
CA ARG A 10 -1.76 2.55 5.98
C ARG A 10 -2.27 1.40 5.12
N LEU A 11 -3.39 0.81 5.54
CA LEU A 11 -4.01 -0.28 4.79
C LEU A 11 -5.29 0.23 4.14
N CYS A 12 -5.32 0.26 2.83
CA CYS A 12 -6.46 0.82 2.11
C CYS A 12 -7.20 -0.27 1.34
N CYS A 13 -8.50 -0.37 1.58
CA CYS A 13 -9.34 -1.28 0.83
C CYS A 13 -9.89 -0.57 -0.40
N LEU A 14 -9.34 -0.91 -1.55
CA LEU A 14 -9.72 -0.26 -2.80
C LEU A 14 -10.86 -1.00 -3.47
N GLU A 15 -11.88 -0.26 -3.85
CA GLU A 15 -13.01 -0.81 -4.57
C GLU A 15 -12.89 -0.49 -6.06
N LYS A 16 -13.08 -1.50 -6.89
CA LYS A 16 -13.00 -1.34 -8.33
C LYS A 16 -14.05 -0.35 -8.85
N GLY A 17 -13.58 0.61 -9.63
CA GLY A 17 -14.47 1.57 -10.23
C GLY A 17 -14.71 1.27 -11.69
N PRO A 18 -15.44 2.14 -12.41
CA PRO A 18 -15.80 1.91 -13.81
C PRO A 18 -14.60 1.56 -14.70
N ASN A 19 -13.54 2.35 -14.60
CA ASN A 19 -12.36 2.12 -15.42
C ASN A 19 -11.14 1.80 -14.56
N GLY A 20 -11.38 1.46 -13.30
CA GLY A 20 -10.29 1.14 -12.41
C GLY A 20 -10.46 1.73 -11.03
N TYR A 21 -9.43 1.60 -10.21
CA TYR A 21 -9.44 2.12 -8.86
C TYR A 21 -9.16 3.61 -8.87
N GLY A 22 -8.41 4.06 -9.87
CA GLY A 22 -8.26 5.47 -10.09
C GLY A 22 -6.84 5.98 -9.96
N PHE A 23 -5.87 5.09 -9.94
CA PHE A 23 -4.48 5.52 -9.87
C PHE A 23 -3.64 4.69 -10.83
N HIS A 24 -2.53 5.24 -11.28
CA HIS A 24 -1.65 4.50 -12.15
C HIS A 24 -0.32 4.26 -11.46
N LEU A 25 0.15 3.03 -11.56
CA LEU A 25 1.37 2.60 -10.92
C LEU A 25 2.47 2.64 -11.95
N HIS A 26 3.54 3.36 -11.65
CA HIS A 26 4.63 3.48 -12.59
C HIS A 26 5.81 2.66 -12.08
N GLY A 27 6.36 1.84 -12.95
CA GLY A 27 7.45 0.97 -12.55
C GLY A 27 8.71 1.25 -13.32
N GLU A 28 9.83 1.07 -12.65
CA GLU A 28 11.13 1.25 -13.27
C GLU A 28 11.91 -0.06 -13.22
N LYS A 29 12.91 -0.17 -14.08
CA LYS A 29 13.60 -1.44 -14.30
C LYS A 29 14.36 -1.89 -13.05
N GLY A 30 14.11 -3.13 -12.66
CA GLY A 30 14.74 -3.71 -11.50
C GLY A 30 13.89 -4.82 -10.93
N LYS A 31 13.70 -4.82 -9.63
CA LYS A 31 12.76 -5.73 -9.00
C LYS A 31 11.66 -4.94 -8.32
N LEU A 32 12.03 -4.29 -7.23
CA LEU A 32 11.09 -3.50 -6.46
C LEU A 32 11.14 -2.04 -6.86
N GLY A 33 9.98 -1.42 -6.95
CA GLY A 33 9.90 -0.04 -7.38
C GLY A 33 8.49 0.35 -7.75
N GLN A 34 7.56 0.09 -6.86
CA GLN A 34 6.15 0.40 -7.10
C GLN A 34 5.80 1.71 -6.44
N TYR A 35 5.42 2.70 -7.24
CA TYR A 35 5.11 4.02 -6.71
C TYR A 35 3.85 4.58 -7.34
N ILE A 36 2.98 5.12 -6.50
CA ILE A 36 1.82 5.86 -6.98
C ILE A 36 2.28 7.24 -7.37
N ARG A 37 2.15 7.59 -8.64
CA ARG A 37 2.68 8.86 -9.10
C ARG A 37 1.58 9.89 -9.33
N LEU A 38 0.35 9.41 -9.45
CA LEU A 38 -0.79 10.30 -9.61
C LEU A 38 -2.09 9.56 -9.31
N VAL A 39 -2.97 10.20 -8.55
CA VAL A 39 -4.26 9.64 -8.19
C VAL A 39 -5.38 10.53 -8.71
N GLU A 40 -6.42 9.92 -9.25
CA GLU A 40 -7.57 10.65 -9.77
C GLU A 40 -8.39 11.22 -8.61
N PRO A 41 -8.77 12.51 -8.69
CA PRO A 41 -9.55 13.17 -7.64
C PRO A 41 -10.92 12.56 -7.46
N GLY A 42 -11.40 11.85 -8.49
CA GLY A 42 -12.69 11.22 -8.43
C GLY A 42 -12.58 9.70 -8.39
N SER A 43 -11.64 9.19 -7.62
CA SER A 43 -11.43 7.76 -7.51
C SER A 43 -11.53 7.32 -6.06
N PRO A 44 -11.96 6.06 -5.82
CA PRO A 44 -12.02 5.48 -4.48
C PRO A 44 -10.64 5.36 -3.85
N ALA A 45 -9.59 5.53 -4.65
CA ALA A 45 -8.21 5.43 -4.17
C ALA A 45 -7.92 6.49 -3.12
N GLU A 46 -8.19 7.75 -3.44
CA GLU A 46 -7.94 8.84 -2.50
C GLU A 46 -8.93 8.76 -1.34
N LYS A 47 -10.11 8.22 -1.62
CA LYS A 47 -11.12 7.99 -0.60
C LYS A 47 -10.64 6.95 0.41
N ALA A 48 -9.91 5.95 -0.08
CA ALA A 48 -9.33 4.92 0.79
C ALA A 48 -8.20 5.50 1.62
N GLY A 49 -7.58 6.56 1.13
CA GLY A 49 -6.49 7.20 1.85
C GLY A 49 -5.21 7.18 1.06
N LEU A 50 -5.21 6.40 -0.02
CA LEU A 50 -4.06 6.27 -0.89
C LEU A 50 -3.71 7.60 -1.53
N LEU A 51 -2.46 7.97 -1.40
CA LEU A 51 -1.96 9.25 -1.85
C LEU A 51 -0.98 9.06 -3.00
N ALA A 52 -0.92 10.03 -3.89
CA ALA A 52 0.01 10.02 -5.00
C ALA A 52 1.45 10.13 -4.49
N GLY A 53 2.00 8.99 -4.10
CA GLY A 53 3.33 8.94 -3.54
C GLY A 53 3.54 7.69 -2.70
N ASP A 54 2.45 6.98 -2.42
CA ASP A 54 2.50 5.78 -1.60
C ASP A 54 3.27 4.66 -2.28
N ARG A 55 4.04 3.94 -1.48
CA ARG A 55 4.68 2.71 -1.90
C ARG A 55 3.83 1.53 -1.49
N LEU A 56 3.55 0.63 -2.43
CA LEU A 56 2.76 -0.55 -2.12
C LEU A 56 3.64 -1.61 -1.49
N VAL A 57 3.30 -2.01 -0.27
CA VAL A 57 4.09 -2.96 0.49
C VAL A 57 3.60 -4.40 0.26
N GLU A 58 2.32 -4.62 0.48
CA GLU A 58 1.75 -5.95 0.32
C GLU A 58 0.24 -5.89 0.09
N VAL A 59 -0.28 -6.95 -0.50
CA VAL A 59 -1.68 -7.01 -0.88
C VAL A 59 -2.43 -8.03 -0.04
N ASN A 60 -3.42 -7.54 0.70
CA ASN A 60 -4.28 -8.35 1.56
C ASN A 60 -3.49 -8.97 2.71
N GLY A 61 -2.69 -9.97 2.42
CA GLY A 61 -1.93 -10.63 3.47
C GLY A 61 -0.58 -11.13 3.01
N GLU A 62 -0.24 -10.89 1.75
CA GLU A 62 1.01 -11.41 1.20
C GLU A 62 1.85 -10.27 0.63
N ASN A 63 3.15 -10.33 0.88
CA ASN A 63 4.04 -9.24 0.51
C ASN A 63 4.31 -9.23 -0.98
N VAL A 64 4.29 -8.03 -1.57
CA VAL A 64 4.44 -7.87 -3.00
C VAL A 64 5.57 -6.90 -3.36
N GLU A 65 6.26 -6.41 -2.33
CA GLU A 65 7.24 -5.34 -2.54
C GLU A 65 8.55 -5.87 -3.14
N LYS A 66 8.61 -7.15 -3.48
CA LYS A 66 9.86 -7.72 -3.98
C LYS A 66 9.75 -8.12 -5.44
N GLU A 67 8.54 -8.16 -5.98
CA GLU A 67 8.34 -8.65 -7.34
C GLU A 67 8.17 -7.51 -8.33
N THR A 68 7.97 -7.85 -9.60
CA THR A 68 8.06 -6.88 -10.68
C THR A 68 6.88 -5.93 -10.72
N HIS A 69 6.96 -4.94 -11.60
CA HIS A 69 5.86 -4.01 -11.83
C HIS A 69 4.63 -4.77 -12.30
N GLN A 70 4.83 -5.69 -13.22
CA GLN A 70 3.73 -6.46 -13.80
C GLN A 70 3.06 -7.35 -12.74
N GLN A 71 3.89 -8.00 -11.94
CA GLN A 71 3.40 -8.93 -10.93
C GLN A 71 2.49 -8.24 -9.92
N VAL A 72 2.96 -7.10 -9.43
CA VAL A 72 2.23 -6.34 -8.42
C VAL A 72 0.88 -5.85 -8.93
N VAL A 73 0.87 -5.30 -10.14
CA VAL A 73 -0.37 -4.77 -10.72
C VAL A 73 -1.40 -5.88 -10.90
N SER A 74 -0.93 -7.05 -11.32
CA SER A 74 -1.79 -8.19 -11.56
C SER A 74 -2.51 -8.59 -10.28
N ARG A 75 -1.83 -8.46 -9.15
CA ARG A 75 -2.41 -8.83 -7.86
C ARG A 75 -3.56 -7.90 -7.47
N ILE A 76 -3.35 -6.60 -7.66
CA ILE A 76 -4.38 -5.62 -7.31
C ILE A 76 -5.61 -5.81 -8.19
N ARG A 77 -5.36 -6.13 -9.46
CA ARG A 77 -6.43 -6.39 -10.42
C ARG A 77 -7.10 -7.74 -10.15
N ALA A 78 -6.39 -8.64 -9.51
CA ALA A 78 -6.90 -9.99 -9.23
C ALA A 78 -8.01 -9.97 -8.19
N ALA A 79 -8.18 -8.82 -7.55
CA ALA A 79 -9.25 -8.66 -6.57
C ALA A 79 -10.61 -8.71 -7.25
N LEU A 80 -11.53 -9.43 -6.63
CA LEU A 80 -12.86 -9.66 -7.18
C LEU A 80 -13.68 -8.36 -7.21
N ASN A 81 -13.33 -7.42 -6.33
CA ASN A 81 -14.00 -6.12 -6.28
C ASN A 81 -13.27 -5.19 -5.32
N ALA A 82 -12.97 -5.69 -4.14
CA ALA A 82 -12.25 -4.91 -3.14
C ALA A 82 -10.92 -5.57 -2.80
N VAL A 83 -9.88 -4.76 -2.73
CA VAL A 83 -8.54 -5.25 -2.42
C VAL A 83 -7.93 -4.42 -1.28
N ARG A 84 -7.39 -5.10 -0.28
CA ARG A 84 -6.73 -4.41 0.80
C ARG A 84 -5.26 -4.26 0.47
N LEU A 85 -4.83 -3.06 0.21
CA LEU A 85 -3.44 -2.83 -0.14
C LEU A 85 -2.75 -1.96 0.88
N LEU A 86 -1.64 -2.45 1.40
CA LEU A 86 -0.88 -1.75 2.41
C LEU A 86 0.11 -0.81 1.75
N VAL A 87 0.06 0.44 2.13
CA VAL A 87 0.87 1.47 1.50
C VAL A 87 1.55 2.35 2.54
N VAL A 88 2.71 2.90 2.18
CA VAL A 88 3.45 3.81 3.05
C VAL A 88 4.16 4.85 2.20
N ASP A 89 4.24 6.07 2.71
CA ASP A 89 5.01 7.12 2.06
C ASP A 89 6.50 6.77 2.15
N PRO A 90 7.31 7.14 1.14
CA PRO A 90 8.75 6.90 1.16
C PRO A 90 9.40 7.23 2.51
N GLU A 91 8.95 8.34 3.12
CA GLU A 91 9.51 8.79 4.38
C GLU A 91 9.07 7.89 5.52
N THR A 92 7.87 7.34 5.39
CA THR A 92 7.30 6.49 6.43
C THR A 92 8.12 5.21 6.55
N ASP A 93 8.34 4.55 5.42
CA ASP A 93 9.14 3.32 5.39
C ASP A 93 10.54 3.56 5.91
N GLU A 94 11.11 4.70 5.54
CA GLU A 94 12.46 5.05 5.94
C GLU A 94 12.58 5.09 7.46
N GLN A 95 11.56 5.66 8.10
CA GLN A 95 11.51 5.68 9.55
C GLN A 95 11.21 4.28 10.10
N LEU A 96 10.32 3.56 9.42
CA LEU A 96 9.88 2.24 9.87
C LEU A 96 11.04 1.24 9.88
N GLN A 97 11.97 1.41 8.95
CA GLN A 97 13.17 0.57 8.90
C GLN A 97 13.97 0.66 10.19
N LYS A 98 13.98 1.86 10.77
CA LYS A 98 14.68 2.11 12.01
C LYS A 98 13.98 1.42 13.18
N LEU A 99 12.69 1.15 12.99
CA LEU A 99 11.89 0.49 14.02
C LEU A 99 11.98 -1.02 13.84
N GLY A 100 11.40 -1.50 12.76
CA GLY A 100 11.56 -2.90 12.36
C GLY A 100 10.68 -3.88 13.09
N VAL A 101 10.47 -3.66 14.39
CA VAL A 101 9.81 -4.63 15.26
C VAL A 101 8.29 -4.76 14.98
N GLN A 102 7.97 -5.53 13.94
CA GLN A 102 6.60 -5.95 13.63
C GLN A 102 5.64 -4.78 13.43
N VAL A 103 6.19 -3.63 13.05
CA VAL A 103 5.37 -2.50 12.65
C VAL A 103 4.93 -2.68 11.19
N ARG A 104 5.38 -3.78 10.61
CA ARG A 104 5.16 -4.08 9.20
C ARG A 104 3.68 -4.26 8.85
N GLU A 105 2.99 -5.06 9.65
CA GLU A 105 1.59 -5.38 9.37
C GLU A 105 0.87 -5.78 10.65
N GLU A 106 1.62 -6.41 11.56
CA GLU A 106 1.08 -6.84 12.85
C GLU A 106 0.47 -5.66 13.60
N LEU A 107 1.05 -4.48 13.39
CA LEU A 107 0.58 -3.25 14.02
C LEU A 107 -0.87 -2.96 13.67
N LEU A 108 -1.26 -3.28 12.44
CA LEU A 108 -2.63 -3.03 11.97
C LEU A 108 -3.63 -3.88 12.76
N ARG A 109 -3.17 -5.03 13.21
CA ARG A 109 -4.02 -5.97 13.93
C ARG A 109 -3.64 -6.04 15.40
N ALA A 110 -3.15 -4.94 15.92
CA ALA A 110 -2.70 -4.88 17.29
C ALA A 110 -3.50 -3.85 18.07
N GLN A 111 -3.56 -4.02 19.39
CA GLN A 111 -4.28 -3.09 20.24
C GLN A 111 -3.53 -1.77 20.32
N GLU A 112 -4.25 -0.72 20.67
CA GLU A 112 -3.71 0.63 20.62
C GLU A 112 -4.28 1.49 21.75
N ALA A 113 -3.92 2.75 21.75
CA ALA A 113 -4.44 3.70 22.72
C ALA A 113 -5.30 4.73 22.01
N PRO A 114 -6.54 4.93 22.47
CA PRO A 114 -7.48 5.85 21.84
C PRO A 114 -7.10 7.32 22.05
N GLY A 115 -6.44 7.89 21.06
CA GLY A 115 -6.03 9.28 21.15
C GLY A 115 -4.52 9.43 21.12
N GLN A 116 -3.88 8.79 20.17
CA GLN A 116 -2.44 8.91 19.98
C GLN A 116 -2.14 9.41 18.58
N ALA A 117 -3.11 10.09 17.99
CA ALA A 117 -2.97 10.65 16.66
C ALA A 117 -3.00 12.16 16.72
N GLN B 1 1.74 7.40 -20.27
CA GLN B 1 0.87 6.74 -19.26
C GLN B 1 1.42 5.37 -18.90
N ASP B 2 1.27 4.99 -17.64
CA ASP B 2 1.71 3.67 -17.21
C ASP B 2 0.48 2.81 -16.94
N THR B 3 0.68 1.67 -16.29
CA THR B 3 -0.43 0.76 -16.01
C THR B 3 -1.41 1.39 -15.02
N ARG B 4 -2.66 1.51 -15.42
CA ARG B 4 -3.67 2.10 -14.56
C ARG B 4 -4.34 1.02 -13.71
N LEU B 5 -4.61 1.35 -12.46
CA LEU B 5 -5.25 0.44 -11.54
C LEU B 5 -6.69 0.84 -11.35
N GLY A 1 16.62 4.97 25.09
CA GLY A 1 16.92 4.93 23.64
C GLY A 1 15.87 4.16 22.87
N ILE A 2 14.99 4.90 22.21
CA ILE A 2 13.90 4.30 21.44
C ILE A 2 13.12 5.42 20.73
N ASP A 3 12.51 5.10 19.62
CA ASP A 3 11.63 6.03 18.93
C ASP A 3 10.22 5.46 18.92
N PRO A 4 9.23 6.28 19.34
CA PRO A 4 7.83 5.84 19.50
C PRO A 4 7.23 5.26 18.23
N PHE A 5 6.15 4.52 18.40
CA PHE A 5 5.45 3.90 17.28
C PHE A 5 4.68 4.96 16.50
N THR A 6 5.39 5.62 15.61
CA THR A 6 4.82 6.69 14.80
C THR A 6 4.80 6.30 13.34
N MET A 7 3.91 6.95 12.57
CA MET A 7 3.85 6.76 11.12
C MET A 7 3.58 5.30 10.77
N LEU A 8 2.64 4.72 11.49
CA LEU A 8 2.27 3.32 11.30
C LEU A 8 1.66 3.12 9.91
N PRO A 9 1.99 1.99 9.26
CA PRO A 9 1.56 1.69 7.89
C PRO A 9 0.03 1.65 7.74
N ARG A 10 -0.44 2.10 6.59
CA ARG A 10 -1.86 2.19 6.33
C ARG A 10 -2.28 1.21 5.24
N LEU A 11 -3.29 0.40 5.51
CA LEU A 11 -3.85 -0.44 4.47
C LEU A 11 -5.06 0.24 3.84
N CYS A 12 -5.12 0.20 2.53
CA CYS A 12 -6.19 0.85 1.81
C CYS A 12 -7.07 -0.17 1.14
N CYS A 13 -8.31 -0.28 1.60
CA CYS A 13 -9.26 -1.14 0.94
C CYS A 13 -9.81 -0.43 -0.29
N LEU A 14 -9.38 -0.88 -1.45
CA LEU A 14 -9.78 -0.25 -2.69
C LEU A 14 -11.04 -0.89 -3.22
N GLU A 15 -12.08 -0.08 -3.34
CA GLU A 15 -13.32 -0.51 -3.96
C GLU A 15 -13.21 -0.31 -5.46
N LYS A 16 -13.51 -1.34 -6.24
CA LYS A 16 -13.41 -1.22 -7.68
C LYS A 16 -14.55 -0.39 -8.23
N GLY A 17 -14.24 0.32 -9.30
CA GLY A 17 -15.22 1.14 -9.97
C GLY A 17 -15.63 0.54 -11.30
N PRO A 18 -15.96 1.37 -12.29
CA PRO A 18 -16.45 0.90 -13.58
C PRO A 18 -15.41 0.10 -14.38
N ASN A 19 -14.13 0.41 -14.20
CA ASN A 19 -13.07 -0.27 -14.97
C ASN A 19 -11.72 -0.23 -14.25
N GLY A 20 -11.73 -0.21 -12.93
CA GLY A 20 -10.48 -0.13 -12.20
C GLY A 20 -10.61 0.56 -10.86
N TYR A 21 -9.56 1.23 -10.42
CA TYR A 21 -9.52 1.85 -9.10
C TYR A 21 -9.22 3.35 -9.21
N GLY A 22 -8.41 3.72 -10.18
CA GLY A 22 -8.21 5.13 -10.48
C GLY A 22 -6.88 5.69 -10.02
N PHE A 23 -5.85 4.87 -9.94
CA PHE A 23 -4.53 5.39 -9.62
C PHE A 23 -3.48 4.82 -10.55
N HIS A 24 -2.42 5.58 -10.74
CA HIS A 24 -1.37 5.24 -11.68
C HIS A 24 -0.15 4.70 -10.95
N LEU A 25 0.29 3.50 -11.30
CA LEU A 25 1.43 2.90 -10.64
C LEU A 25 2.61 2.81 -11.61
N HIS A 26 3.74 3.38 -11.18
CA HIS A 26 4.97 3.35 -11.96
C HIS A 26 6.13 2.96 -11.05
N GLY A 27 6.96 2.06 -11.53
CA GLY A 27 8.11 1.64 -10.76
C GLY A 27 9.28 1.29 -11.65
N GLU A 28 10.45 1.80 -11.32
CA GLU A 28 11.64 1.55 -12.12
C GLU A 28 12.79 1.08 -11.25
N LYS A 29 13.25 -0.13 -11.50
CA LYS A 29 14.41 -0.68 -10.81
C LYS A 29 14.85 -1.98 -11.45
N GLY A 30 14.09 -3.04 -11.23
CA GLY A 30 14.42 -4.33 -11.77
C GLY A 30 13.37 -5.37 -11.44
N LYS A 31 13.38 -5.83 -10.20
CA LYS A 31 12.40 -6.80 -9.74
C LYS A 31 11.26 -6.06 -9.06
N LEU A 32 11.56 -5.49 -7.92
CA LEU A 32 10.58 -4.70 -7.22
C LEU A 32 10.56 -3.28 -7.75
N GLY A 33 9.37 -2.74 -7.95
CA GLY A 33 9.22 -1.44 -8.53
C GLY A 33 7.76 -1.03 -8.59
N GLN A 34 7.19 -0.76 -7.43
CA GLN A 34 5.81 -0.36 -7.34
C GLN A 34 5.66 0.93 -6.53
N TYR A 35 5.21 1.98 -7.21
CA TYR A 35 5.01 3.28 -6.58
C TYR A 35 3.78 3.93 -7.17
N ILE A 36 3.03 4.63 -6.34
CA ILE A 36 1.86 5.36 -6.80
C ILE A 36 2.29 6.74 -7.31
N ARG A 37 1.98 7.00 -8.56
CA ARG A 37 2.39 8.24 -9.21
C ARG A 37 1.33 9.31 -9.10
N LEU A 38 0.09 8.94 -9.38
CA LEU A 38 -1.01 9.89 -9.37
C LEU A 38 -2.31 9.18 -9.08
N VAL A 39 -3.13 9.78 -8.23
CA VAL A 39 -4.44 9.24 -7.92
C VAL A 39 -5.52 10.26 -8.28
N GLU A 40 -6.61 9.78 -8.85
CA GLU A 40 -7.70 10.65 -9.28
C GLU A 40 -8.68 10.87 -8.13
N PRO A 41 -9.05 12.15 -7.87
CA PRO A 41 -9.99 12.52 -6.82
C PRO A 41 -11.37 11.92 -7.04
N GLY A 42 -11.67 11.60 -8.28
CA GLY A 42 -12.96 11.03 -8.61
C GLY A 42 -12.94 9.52 -8.58
N SER A 43 -11.90 8.94 -8.00
CA SER A 43 -11.80 7.50 -7.89
C SER A 43 -11.55 7.09 -6.45
N PRO A 44 -12.13 5.96 -6.02
CA PRO A 44 -12.13 5.49 -4.63
C PRO A 44 -10.74 5.35 -3.99
N ALA A 45 -9.69 5.43 -4.80
CA ALA A 45 -8.34 5.28 -4.30
C ALA A 45 -7.99 6.36 -3.28
N GLU A 46 -8.47 7.58 -3.51
CA GLU A 46 -8.12 8.69 -2.63
C GLU A 46 -8.79 8.57 -1.25
N LYS A 47 -10.01 8.04 -1.22
CA LYS A 47 -10.73 7.88 0.04
C LYS A 47 -10.18 6.71 0.83
N ALA A 48 -9.52 5.79 0.13
CA ALA A 48 -8.90 4.64 0.78
C ALA A 48 -7.67 5.08 1.58
N GLY A 49 -7.26 6.32 1.36
CA GLY A 49 -6.11 6.86 2.07
C GLY A 49 -4.83 6.77 1.25
N LEU A 50 -4.96 6.25 0.05
CA LEU A 50 -3.83 6.09 -0.86
C LEU A 50 -3.37 7.46 -1.38
N LEU A 51 -2.08 7.71 -1.28
CA LEU A 51 -1.52 8.97 -1.73
C LEU A 51 -0.67 8.77 -2.97
N ALA A 52 -0.44 9.84 -3.71
CA ALA A 52 0.34 9.78 -4.94
C ALA A 52 1.84 9.79 -4.64
N GLY A 53 2.25 8.91 -3.74
CA GLY A 53 3.65 8.81 -3.39
C GLY A 53 3.90 7.67 -2.43
N ASP A 54 3.15 6.59 -2.60
CA ASP A 54 3.25 5.44 -1.70
C ASP A 54 3.94 4.27 -2.38
N ARG A 55 4.64 3.47 -1.59
CA ARG A 55 5.16 2.19 -2.05
C ARG A 55 4.27 1.07 -1.53
N LEU A 56 3.91 0.14 -2.39
CA LEU A 56 2.94 -0.89 -2.06
C LEU A 56 3.63 -2.08 -1.39
N VAL A 57 3.09 -2.50 -0.25
CA VAL A 57 3.68 -3.58 0.52
C VAL A 57 2.95 -4.91 0.29
N GLU A 58 1.63 -4.90 0.39
CA GLU A 58 0.85 -6.11 0.21
C GLU A 58 -0.33 -5.88 -0.72
N VAL A 59 -0.82 -6.97 -1.30
CA VAL A 59 -2.03 -6.95 -2.12
C VAL A 59 -2.97 -8.06 -1.68
N ASN A 60 -4.09 -7.65 -1.11
CA ASN A 60 -5.16 -8.57 -0.71
C ASN A 60 -4.64 -9.67 0.24
N GLY A 61 -3.89 -9.27 1.24
CA GLY A 61 -3.50 -10.21 2.28
C GLY A 61 -2.06 -10.65 2.19
N GLU A 62 -1.50 -10.68 0.99
CA GLU A 62 -0.16 -11.22 0.80
C GLU A 62 0.84 -10.14 0.41
N ASN A 63 2.02 -10.22 1.00
CA ASN A 63 3.11 -9.30 0.73
C ASN A 63 3.55 -9.40 -0.73
N VAL A 64 3.78 -8.25 -1.37
CA VAL A 64 4.13 -8.22 -2.78
C VAL A 64 5.28 -7.24 -3.08
N GLU A 65 5.99 -6.79 -2.05
CA GLU A 65 7.02 -5.77 -2.25
C GLU A 65 8.32 -6.38 -2.80
N LYS A 66 8.25 -7.62 -3.29
CA LYS A 66 9.35 -8.21 -4.04
C LYS A 66 8.87 -8.61 -5.43
N GLU A 67 7.59 -8.42 -5.69
CA GLU A 67 7.01 -8.78 -6.97
C GLU A 67 7.37 -7.76 -8.03
N THR A 68 7.31 -8.18 -9.29
CA THR A 68 7.63 -7.30 -10.39
C THR A 68 6.56 -6.24 -10.55
N HIS A 69 6.83 -5.24 -11.37
CA HIS A 69 5.86 -4.20 -11.63
C HIS A 69 4.57 -4.81 -12.17
N GLN A 70 4.72 -5.78 -13.06
CA GLN A 70 3.59 -6.46 -13.67
C GLN A 70 2.83 -7.31 -12.66
N GLN A 71 3.56 -8.10 -11.88
CA GLN A 71 2.94 -9.01 -10.92
C GLN A 71 2.07 -8.27 -9.93
N VAL A 72 2.61 -7.19 -9.37
CA VAL A 72 1.89 -6.40 -8.38
C VAL A 72 0.60 -5.83 -8.96
N VAL A 73 0.69 -5.23 -10.14
CA VAL A 73 -0.48 -4.63 -10.78
C VAL A 73 -1.50 -5.70 -11.16
N SER A 74 -1.01 -6.81 -11.69
CA SER A 74 -1.87 -7.93 -12.06
C SER A 74 -2.68 -8.42 -10.86
N ARG A 75 -2.03 -8.51 -9.70
CA ARG A 75 -2.67 -8.99 -8.48
C ARG A 75 -3.80 -8.04 -8.05
N ILE A 76 -3.54 -6.74 -8.14
CA ILE A 76 -4.54 -5.74 -7.75
C ILE A 76 -5.76 -5.83 -8.66
N ARG A 77 -5.51 -5.93 -9.96
CA ARG A 77 -6.58 -6.02 -10.96
C ARG A 77 -7.39 -7.30 -10.80
N ALA A 78 -6.78 -8.32 -10.19
CA ALA A 78 -7.42 -9.61 -10.01
C ALA A 78 -8.55 -9.57 -8.98
N ALA A 79 -8.61 -8.49 -8.20
CA ALA A 79 -9.66 -8.34 -7.20
C ALA A 79 -11.02 -8.11 -7.88
N LEU A 80 -12.05 -8.73 -7.31
CA LEU A 80 -13.39 -8.69 -7.89
C LEU A 80 -14.11 -7.41 -7.53
N ASN A 81 -13.81 -6.88 -6.36
CA ASN A 81 -14.35 -5.59 -5.94
C ASN A 81 -13.36 -4.86 -5.05
N ALA A 82 -13.10 -5.42 -3.88
CA ALA A 82 -12.25 -4.76 -2.92
C ALA A 82 -10.94 -5.50 -2.74
N VAL A 83 -9.87 -4.74 -2.58
CA VAL A 83 -8.54 -5.30 -2.41
C VAL A 83 -7.81 -4.55 -1.31
N ARG A 84 -6.97 -5.27 -0.56
CA ARG A 84 -6.17 -4.66 0.49
C ARG A 84 -4.86 -4.18 -0.10
N LEU A 85 -4.62 -2.89 -0.06
CA LEU A 85 -3.36 -2.35 -0.49
C LEU A 85 -2.67 -1.66 0.67
N LEU A 86 -1.65 -2.31 1.22
CA LEU A 86 -0.91 -1.71 2.31
C LEU A 86 0.16 -0.82 1.74
N VAL A 87 0.14 0.43 2.12
CA VAL A 87 1.01 1.42 1.51
C VAL A 87 1.71 2.24 2.58
N VAL A 88 2.89 2.73 2.22
CA VAL A 88 3.67 3.55 3.10
C VAL A 88 4.50 4.54 2.28
N ASP A 89 4.55 5.77 2.74
CA ASP A 89 5.41 6.78 2.12
C ASP A 89 6.85 6.34 2.30
N PRO A 90 7.69 6.47 1.27
CA PRO A 90 9.10 6.09 1.35
C PRO A 90 9.85 6.92 2.38
N GLU A 91 9.34 8.11 2.64
CA GLU A 91 9.85 8.95 3.73
C GLU A 91 9.39 8.39 5.07
N THR A 92 8.14 7.95 5.13
CA THR A 92 7.59 7.29 6.31
C THR A 92 8.33 5.98 6.57
N ASP A 93 8.65 5.29 5.48
CA ASP A 93 9.40 4.02 5.55
C ASP A 93 10.75 4.25 6.22
N GLU A 94 11.33 5.42 5.95
CA GLU A 94 12.60 5.80 6.53
C GLU A 94 12.48 5.88 8.06
N GLN A 95 11.38 6.48 8.51
CA GLN A 95 11.07 6.56 9.94
C GLN A 95 10.88 5.17 10.52
N LEU A 96 10.22 4.31 9.76
CA LEU A 96 9.94 2.95 10.19
C LEU A 96 11.22 2.15 10.36
N GLN A 97 12.21 2.45 9.53
CA GLN A 97 13.52 1.80 9.61
C GLN A 97 14.18 2.08 10.97
N LYS A 98 13.97 3.30 11.49
CA LYS A 98 14.48 3.65 12.82
C LYS A 98 13.77 2.83 13.90
N LEU A 99 12.53 2.46 13.65
CA LEU A 99 11.76 1.67 14.60
C LEU A 99 12.25 0.23 14.58
N GLY A 100 12.25 -0.37 13.39
CA GLY A 100 12.82 -1.69 13.21
C GLY A 100 11.92 -2.84 13.67
N VAL A 101 11.20 -2.62 14.76
CA VAL A 101 10.41 -3.67 15.39
C VAL A 101 9.10 -3.95 14.62
N GLN A 102 9.26 -4.43 13.39
CA GLN A 102 8.18 -4.96 12.54
C GLN A 102 6.84 -4.27 12.71
N VAL A 103 6.80 -2.99 12.39
CA VAL A 103 5.53 -2.26 12.35
C VAL A 103 4.81 -2.48 11.03
N ARG A 104 5.42 -3.22 10.12
CA ARG A 104 4.96 -3.28 8.73
C ARG A 104 3.56 -3.90 8.61
N GLU A 105 3.29 -4.98 9.33
CA GLU A 105 1.95 -5.57 9.29
C GLU A 105 1.54 -6.19 10.63
N GLU A 106 2.39 -6.09 11.63
CA GLU A 106 1.98 -6.46 12.98
C GLU A 106 1.01 -5.41 13.51
N LEU A 107 1.32 -4.14 13.21
CA LEU A 107 0.46 -3.03 13.58
C LEU A 107 -0.81 -3.05 12.71
N LEU A 108 -0.70 -3.73 11.58
CA LEU A 108 -1.82 -3.85 10.65
C LEU A 108 -3.00 -4.55 11.32
N ARG A 109 -2.69 -5.37 12.31
CA ARG A 109 -3.72 -6.01 13.13
C ARG A 109 -3.99 -5.09 14.34
N ALA A 110 -4.56 -3.93 14.05
CA ALA A 110 -4.64 -2.84 15.02
C ALA A 110 -5.75 -3.03 16.04
N GLN A 111 -5.45 -3.77 17.10
CA GLN A 111 -6.27 -3.74 18.29
C GLN A 111 -5.57 -2.97 19.39
N GLU A 112 -6.34 -2.16 20.10
CA GLU A 112 -5.76 -1.20 21.04
C GLU A 112 -5.68 -1.76 22.44
N ALA A 113 -5.60 -3.09 22.50
CA ALA A 113 -5.56 -3.83 23.77
C ALA A 113 -6.75 -3.47 24.64
N PRO A 114 -7.88 -4.19 24.49
CA PRO A 114 -9.13 -3.91 25.20
C PRO A 114 -9.02 -4.16 26.71
N GLY A 115 -8.42 -3.21 27.42
CA GLY A 115 -8.31 -3.29 28.85
C GLY A 115 -6.87 -3.33 29.31
N GLN A 116 -6.51 -2.43 30.22
CA GLN A 116 -5.16 -2.38 30.76
C GLN A 116 -5.01 -3.37 31.91
N ALA A 117 -4.29 -4.44 31.66
CA ALA A 117 -4.06 -5.46 32.68
C ALA A 117 -2.58 -5.81 32.74
N GLN B 1 3.89 7.04 -18.73
CA GLN B 1 4.66 5.78 -18.76
C GLN B 1 4.39 4.99 -17.48
N ASP B 2 3.14 4.66 -17.25
CA ASP B 2 2.73 4.00 -16.02
C ASP B 2 1.62 3.00 -16.28
N THR B 3 1.24 2.27 -15.25
CA THR B 3 0.16 1.32 -15.33
C THR B 3 -0.96 1.73 -14.39
N ARG B 4 -2.06 2.23 -14.95
CA ARG B 4 -3.16 2.67 -14.13
C ARG B 4 -4.01 1.48 -13.69
N LEU B 5 -4.39 1.46 -12.44
CA LEU B 5 -5.27 0.45 -11.91
C LEU B 5 -6.70 0.83 -12.22
N GLY A 1 14.27 14.14 24.66
CA GLY A 1 13.09 14.03 23.77
C GLY A 1 13.21 12.87 22.81
N ILE A 2 12.30 11.92 22.92
CA ILE A 2 12.29 10.79 22.02
C ILE A 2 11.22 10.97 20.94
N ASP A 3 11.28 10.14 19.91
CA ASP A 3 10.37 10.27 18.79
C ASP A 3 9.20 9.30 18.94
N PRO A 4 8.01 9.70 18.47
CA PRO A 4 6.84 8.83 18.45
C PRO A 4 6.96 7.81 17.34
N PHE A 5 6.30 6.67 17.52
CA PHE A 5 6.37 5.62 16.53
C PHE A 5 5.49 5.95 15.33
N THR A 6 6.13 6.42 14.28
CA THR A 6 5.46 6.79 13.04
C THR A 6 5.17 5.56 12.20
N MET A 7 5.43 4.42 12.79
CA MET A 7 5.32 3.14 12.12
C MET A 7 3.91 2.59 12.29
N LEU A 8 3.01 3.04 11.43
CA LEU A 8 1.63 2.59 11.45
C LEU A 8 1.02 2.71 10.04
N PRO A 9 1.56 1.95 9.08
CA PRO A 9 1.09 1.92 7.69
C PRO A 9 -0.40 1.69 7.58
N ARG A 10 -1.01 2.32 6.58
CA ARG A 10 -2.44 2.27 6.39
C ARG A 10 -2.84 1.19 5.41
N LEU A 11 -3.79 0.36 5.80
CA LEU A 11 -4.37 -0.61 4.89
C LEU A 11 -5.55 0.03 4.19
N CYS A 12 -5.40 0.30 2.91
CA CYS A 12 -6.42 0.99 2.14
C CYS A 12 -7.20 0.01 1.29
N CYS A 13 -8.49 -0.07 1.53
CA CYS A 13 -9.35 -0.94 0.74
C CYS A 13 -9.95 -0.14 -0.41
N LEU A 14 -9.46 -0.40 -1.61
CA LEU A 14 -9.92 0.30 -2.79
C LEU A 14 -11.10 -0.45 -3.41
N GLU A 15 -12.11 0.29 -3.83
CA GLU A 15 -13.31 -0.30 -4.36
C GLU A 15 -13.41 -0.07 -5.87
N LYS A 16 -13.78 -1.12 -6.59
CA LYS A 16 -13.94 -1.07 -8.04
C LYS A 16 -14.97 -0.03 -8.42
N GLY A 17 -14.49 1.12 -8.87
CA GLY A 17 -15.36 2.22 -9.22
C GLY A 17 -15.83 2.13 -10.66
N PRO A 18 -15.64 3.22 -11.45
CA PRO A 18 -16.07 3.26 -12.85
C PRO A 18 -15.45 2.15 -13.69
N ASN A 19 -14.12 2.11 -13.74
CA ASN A 19 -13.44 1.09 -14.52
C ASN A 19 -12.12 0.71 -13.88
N GLY A 20 -12.08 0.73 -12.57
CA GLY A 20 -10.83 0.48 -11.86
C GLY A 20 -10.84 1.10 -10.48
N TYR A 21 -9.71 1.65 -10.07
CA TYR A 21 -9.61 2.26 -8.75
C TYR A 21 -9.20 3.71 -8.87
N GLY A 22 -8.60 4.07 -10.00
CA GLY A 22 -8.34 5.46 -10.31
C GLY A 22 -6.96 5.93 -9.90
N PHE A 23 -5.98 5.05 -9.96
CA PHE A 23 -4.61 5.46 -9.67
C PHE A 23 -3.64 4.86 -10.68
N HIS A 24 -2.52 5.53 -10.85
CA HIS A 24 -1.45 5.04 -11.70
C HIS A 24 -0.32 4.51 -10.85
N LEU A 25 0.13 3.31 -11.15
CA LEU A 25 1.25 2.74 -10.43
C LEU A 25 2.38 2.45 -11.40
N HIS A 26 3.57 2.97 -11.11
CA HIS A 26 4.70 2.79 -12.00
C HIS A 26 5.75 1.90 -11.36
N GLY A 27 6.36 1.05 -12.17
CA GLY A 27 7.41 0.18 -11.70
C GLY A 27 8.60 0.25 -12.62
N GLU A 28 9.77 0.48 -12.07
CA GLU A 28 10.94 0.73 -12.88
C GLU A 28 12.11 -0.18 -12.51
N LYS A 29 12.52 -0.99 -13.50
CA LYS A 29 13.68 -1.91 -13.42
C LYS A 29 13.61 -2.91 -12.26
N GLY A 30 13.94 -4.16 -12.58
CA GLY A 30 13.97 -5.21 -11.58
C GLY A 30 12.59 -5.53 -11.03
N LYS A 31 12.51 -5.63 -9.72
CA LYS A 31 11.27 -5.98 -9.05
C LYS A 31 10.91 -4.91 -8.03
N LEU A 32 11.87 -4.60 -7.17
CA LEU A 32 11.66 -3.65 -6.08
C LEU A 32 11.45 -2.24 -6.63
N GLY A 33 10.29 -1.67 -6.36
CA GLY A 33 10.03 -0.31 -6.75
C GLY A 33 8.65 -0.11 -7.33
N GLN A 34 7.62 -0.31 -6.50
CA GLN A 34 6.25 -0.07 -6.90
C GLN A 34 5.76 1.21 -6.23
N TYR A 35 5.46 2.23 -7.02
CA TYR A 35 5.05 3.53 -6.47
C TYR A 35 3.84 4.06 -7.20
N ILE A 36 2.99 4.79 -6.48
CA ILE A 36 1.86 5.47 -7.07
C ILE A 36 2.35 6.72 -7.80
N ARG A 37 1.88 6.89 -9.02
CA ARG A 37 2.37 7.97 -9.88
C ARG A 37 1.37 9.13 -9.94
N LEU A 38 0.09 8.78 -10.01
CA LEU A 38 -0.95 9.79 -10.14
C LEU A 38 -2.27 9.23 -9.63
N VAL A 39 -3.06 10.08 -8.97
CA VAL A 39 -4.34 9.67 -8.44
C VAL A 39 -5.47 10.53 -8.99
N GLU A 40 -6.52 9.88 -9.46
CA GLU A 40 -7.69 10.55 -10.00
C GLU A 40 -8.49 11.22 -8.87
N PRO A 41 -8.97 12.45 -9.10
CA PRO A 41 -9.74 13.21 -8.11
C PRO A 41 -11.04 12.53 -7.71
N GLY A 42 -11.59 11.73 -8.61
CA GLY A 42 -12.83 11.03 -8.35
C GLY A 42 -12.62 9.56 -8.08
N SER A 43 -11.45 9.21 -7.57
CA SER A 43 -11.12 7.82 -7.33
C SER A 43 -11.38 7.43 -5.88
N PRO A 44 -11.80 6.18 -5.65
CA PRO A 44 -11.90 5.61 -4.30
C PRO A 44 -10.52 5.42 -3.69
N ALA A 45 -9.49 5.49 -4.53
CA ALA A 45 -8.12 5.34 -4.09
C ALA A 45 -7.72 6.46 -3.12
N GLU A 46 -7.97 7.71 -3.52
CA GLU A 46 -7.60 8.85 -2.70
C GLU A 46 -8.41 8.89 -1.42
N LYS A 47 -9.64 8.38 -1.48
CA LYS A 47 -10.51 8.31 -0.32
C LYS A 47 -10.08 7.17 0.61
N ALA A 48 -9.47 6.15 0.02
CA ALA A 48 -8.99 4.99 0.78
C ALA A 48 -7.78 5.37 1.64
N GLY A 49 -7.14 6.46 1.26
CA GLY A 49 -5.94 6.89 1.97
C GLY A 49 -4.70 6.77 1.13
N LEU A 50 -4.87 6.29 -0.09
CA LEU A 50 -3.78 6.14 -1.03
C LEU A 50 -3.33 7.52 -1.52
N LEU A 51 -2.04 7.80 -1.38
CA LEU A 51 -1.51 9.08 -1.82
C LEU A 51 -0.69 8.93 -3.10
N ALA A 52 -0.62 10.02 -3.86
CA ALA A 52 0.11 10.03 -5.12
C ALA A 52 1.62 10.03 -4.88
N GLY A 53 2.14 8.87 -4.52
CA GLY A 53 3.55 8.73 -4.26
C GLY A 53 3.86 7.60 -3.30
N ASP A 54 2.81 7.03 -2.70
CA ASP A 54 2.96 5.93 -1.75
C ASP A 54 3.56 4.71 -2.41
N ARG A 55 4.27 3.91 -1.63
CA ARG A 55 4.83 2.66 -2.09
C ARG A 55 3.98 1.49 -1.63
N LEU A 56 3.60 0.64 -2.57
CA LEU A 56 2.79 -0.53 -2.26
C LEU A 56 3.67 -1.63 -1.70
N VAL A 57 3.58 -1.86 -0.41
CA VAL A 57 4.42 -2.85 0.24
C VAL A 57 3.73 -4.22 0.23
N GLU A 58 2.45 -4.24 0.55
CA GLU A 58 1.73 -5.50 0.67
C GLU A 58 0.32 -5.39 0.10
N VAL A 59 -0.22 -6.51 -0.36
CA VAL A 59 -1.60 -6.56 -0.83
C VAL A 59 -2.36 -7.64 -0.06
N ASN A 60 -3.50 -7.24 0.51
CA ASN A 60 -4.32 -8.12 1.34
C ASN A 60 -3.60 -8.48 2.64
N GLY A 61 -2.52 -9.25 2.56
CA GLY A 61 -1.75 -9.59 3.74
C GLY A 61 -0.41 -10.21 3.42
N GLU A 62 0.07 -10.07 2.19
CA GLU A 62 1.39 -10.56 1.81
C GLU A 62 2.22 -9.45 1.16
N ASN A 63 3.51 -9.43 1.49
CA ASN A 63 4.42 -8.42 0.96
C ASN A 63 4.70 -8.66 -0.51
N VAL A 64 4.51 -7.64 -1.33
CA VAL A 64 4.61 -7.79 -2.77
C VAL A 64 5.68 -6.89 -3.38
N GLU A 65 6.52 -6.31 -2.53
CA GLU A 65 7.64 -5.50 -3.03
C GLU A 65 8.57 -6.34 -3.90
N LYS A 66 8.59 -7.63 -3.62
CA LYS A 66 9.54 -8.53 -4.26
C LYS A 66 8.99 -9.06 -5.57
N GLU A 67 7.73 -8.75 -5.85
CA GLU A 67 7.08 -9.15 -7.08
C GLU A 67 7.46 -8.20 -8.20
N THR A 68 7.36 -8.65 -9.43
CA THR A 68 7.60 -7.78 -10.56
C THR A 68 6.46 -6.79 -10.72
N HIS A 69 6.70 -5.69 -11.42
CA HIS A 69 5.66 -4.69 -11.61
C HIS A 69 4.41 -5.32 -12.21
N GLN A 70 4.61 -6.23 -13.16
CA GLN A 70 3.49 -6.94 -13.78
C GLN A 70 2.72 -7.75 -12.75
N GLN A 71 3.45 -8.49 -11.92
CA GLN A 71 2.84 -9.35 -10.90
C GLN A 71 2.02 -8.51 -9.93
N VAL A 72 2.61 -7.43 -9.44
CA VAL A 72 1.96 -6.56 -8.48
C VAL A 72 0.64 -5.99 -9.01
N VAL A 73 0.69 -5.47 -10.24
CA VAL A 73 -0.50 -4.88 -10.84
C VAL A 73 -1.58 -5.94 -11.09
N SER A 74 -1.15 -7.14 -11.46
CA SER A 74 -2.07 -8.25 -11.68
C SER A 74 -2.80 -8.61 -10.40
N ARG A 75 -2.11 -8.49 -9.26
CA ARG A 75 -2.72 -8.78 -7.96
C ARG A 75 -3.79 -7.76 -7.61
N ILE A 76 -3.55 -6.50 -7.96
CA ILE A 76 -4.52 -5.44 -7.73
C ILE A 76 -5.75 -5.65 -8.61
N ARG A 77 -5.49 -6.06 -9.85
CA ARG A 77 -6.55 -6.37 -10.79
C ARG A 77 -7.27 -7.66 -10.42
N ALA A 78 -6.57 -8.53 -9.68
CA ALA A 78 -7.12 -9.81 -9.23
C ALA A 78 -8.34 -9.60 -8.35
N ALA A 79 -8.43 -8.44 -7.73
CA ALA A 79 -9.59 -8.10 -6.91
C ALA A 79 -10.74 -7.64 -7.80
N LEU A 80 -11.83 -8.39 -7.76
CA LEU A 80 -12.98 -8.11 -8.61
C LEU A 80 -13.70 -6.84 -8.16
N ASN A 81 -13.86 -6.67 -6.86
CA ASN A 81 -14.56 -5.49 -6.35
C ASN A 81 -13.71 -4.72 -5.35
N ALA A 82 -13.30 -5.35 -4.26
CA ALA A 82 -12.54 -4.64 -3.24
C ALA A 82 -11.12 -5.19 -3.13
N VAL A 83 -10.14 -4.29 -3.05
CA VAL A 83 -8.75 -4.69 -2.94
C VAL A 83 -8.08 -3.95 -1.78
N ARG A 84 -7.41 -4.70 -0.92
CA ARG A 84 -6.77 -4.11 0.24
C ARG A 84 -5.29 -3.90 -0.02
N LEU A 85 -4.88 -2.65 -0.13
CA LEU A 85 -3.50 -2.31 -0.42
C LEU A 85 -2.84 -1.73 0.82
N LEU A 86 -1.73 -2.32 1.25
CA LEU A 86 -0.97 -1.77 2.35
C LEU A 86 0.10 -0.83 1.81
N VAL A 87 0.07 0.40 2.27
CA VAL A 87 0.92 1.44 1.72
C VAL A 87 1.55 2.30 2.81
N VAL A 88 2.70 2.88 2.50
CA VAL A 88 3.39 3.74 3.44
C VAL A 88 4.15 4.83 2.69
N ASP A 89 4.19 6.03 3.27
CA ASP A 89 4.93 7.14 2.70
C ASP A 89 6.40 6.81 2.62
N PRO A 90 7.01 6.96 1.43
CA PRO A 90 8.44 6.71 1.21
C PRO A 90 9.31 7.54 2.13
N GLU A 91 8.81 8.71 2.51
CA GLU A 91 9.51 9.59 3.44
C GLU A 91 9.50 8.99 4.85
N THR A 92 8.33 8.52 5.26
CA THR A 92 8.14 7.98 6.60
C THR A 92 8.83 6.63 6.74
N ASP A 93 8.88 5.86 5.65
CA ASP A 93 9.44 4.50 5.69
C ASP A 93 10.90 4.51 6.12
N GLU A 94 11.64 5.52 5.70
CA GLU A 94 13.05 5.65 6.07
C GLU A 94 13.19 5.73 7.59
N GLN A 95 12.26 6.44 8.21
CA GLN A 95 12.20 6.53 9.67
C GLN A 95 11.74 5.20 10.27
N LEU A 96 10.80 4.56 9.58
CA LEU A 96 10.17 3.34 10.07
C LEU A 96 11.14 2.18 10.18
N GLN A 97 12.05 2.08 9.21
CA GLN A 97 13.04 1.00 9.21
C GLN A 97 13.85 1.01 10.50
N LYS A 98 14.14 2.20 11.00
CA LYS A 98 14.90 2.37 12.23
C LYS A 98 14.08 1.98 13.47
N LEU A 99 12.76 1.98 13.32
CA LEU A 99 11.88 1.65 14.43
C LEU A 99 11.81 0.13 14.61
N GLY A 100 11.69 -0.57 13.49
CA GLY A 100 11.78 -2.02 13.50
C GLY A 100 10.57 -2.72 14.08
N VAL A 101 9.51 -1.98 14.30
CA VAL A 101 8.29 -2.56 14.85
C VAL A 101 7.52 -3.32 13.75
N GLN A 102 7.13 -4.55 14.04
CA GLN A 102 6.42 -5.38 13.07
C GLN A 102 4.95 -4.94 12.93
N VAL A 103 4.76 -3.71 12.52
CA VAL A 103 3.42 -3.14 12.42
C VAL A 103 2.73 -3.55 11.13
N ARG A 104 3.50 -4.06 10.17
CA ARG A 104 2.97 -4.35 8.85
C ARG A 104 1.88 -5.42 8.89
N GLU A 105 2.12 -6.48 9.65
CA GLU A 105 1.12 -7.53 9.78
C GLU A 105 0.67 -7.72 11.22
N GLU A 106 1.62 -7.73 12.14
CA GLU A 106 1.31 -8.06 13.53
C GLU A 106 0.37 -7.03 14.14
N LEU A 107 0.61 -5.76 13.84
CA LEU A 107 -0.26 -4.69 14.31
C LEU A 107 -1.51 -4.57 13.45
N LEU A 108 -1.32 -4.65 12.13
CA LEU A 108 -2.43 -4.52 11.19
C LEU A 108 -3.44 -5.64 11.39
N ARG A 109 -2.92 -6.84 11.66
CA ARG A 109 -3.76 -7.99 11.88
C ARG A 109 -3.70 -8.42 13.33
N ALA A 110 -3.97 -7.47 14.22
CA ALA A 110 -4.08 -7.74 15.65
C ALA A 110 -5.44 -8.34 15.97
N GLN A 111 -6.07 -8.89 14.95
CA GLN A 111 -7.38 -9.50 15.05
C GLN A 111 -7.52 -10.51 13.92
N GLU A 112 -8.75 -10.99 13.70
CA GLU A 112 -9.05 -11.95 12.65
C GLU A 112 -8.41 -13.31 12.93
N ALA A 113 -9.11 -14.37 12.53
CA ALA A 113 -8.65 -15.75 12.75
C ALA A 113 -8.33 -16.01 14.21
N PRO A 114 -9.36 -16.08 15.08
CA PRO A 114 -9.18 -16.33 16.51
C PRO A 114 -8.87 -17.79 16.80
N GLY A 115 -7.80 -18.30 16.18
CA GLY A 115 -7.44 -19.69 16.33
C GLY A 115 -8.27 -20.59 15.44
N GLN A 116 -8.24 -20.33 14.15
CA GLN A 116 -9.01 -21.11 13.18
C GLN A 116 -8.36 -22.46 12.91
N ALA A 117 -8.59 -23.40 13.81
CA ALA A 117 -8.11 -24.76 13.64
C ALA A 117 -9.29 -25.70 13.47
N GLN B 1 6.13 1.82 -18.48
CA GLN B 1 6.58 1.97 -17.08
C GLN B 1 5.39 2.27 -16.17
N ASP B 2 4.35 2.88 -16.76
CA ASP B 2 3.22 3.37 -16.00
C ASP B 2 1.93 2.72 -16.48
N THR B 3 0.94 2.63 -15.60
CA THR B 3 -0.35 2.07 -15.95
C THR B 3 -1.42 2.56 -14.98
N ARG B 4 -2.66 2.62 -15.45
CA ARG B 4 -3.76 3.07 -14.63
C ARG B 4 -4.59 1.87 -14.17
N LEU B 5 -4.88 1.84 -12.88
CA LEU B 5 -5.74 0.80 -12.33
C LEU B 5 -7.17 1.29 -12.35
N GLY A 1 15.99 10.69 22.22
CA GLY A 1 15.40 11.52 21.14
C GLY A 1 13.91 11.29 21.02
N ILE A 2 13.24 12.16 20.28
CA ILE A 2 11.80 12.08 20.16
C ILE A 2 11.40 11.36 18.88
N ASP A 3 10.64 10.29 19.05
CA ASP A 3 9.99 9.61 17.95
C ASP A 3 8.51 9.44 18.29
N PRO A 4 7.61 9.74 17.34
CA PRO A 4 6.16 9.76 17.62
C PRO A 4 5.53 8.38 17.65
N PHE A 5 6.39 7.36 17.67
CA PHE A 5 5.95 5.98 17.50
C PHE A 5 5.25 5.83 16.15
N THR A 6 5.61 6.71 15.24
CA THR A 6 5.07 6.70 13.90
C THR A 6 5.48 5.42 13.20
N MET A 7 4.52 4.83 12.49
CA MET A 7 4.69 3.54 11.83
C MET A 7 3.31 2.99 11.51
N LEU A 8 2.35 3.45 12.30
CA LEU A 8 0.97 3.02 12.20
C LEU A 8 0.39 3.32 10.83
N PRO A 9 0.22 2.28 9.99
CA PRO A 9 -0.26 2.43 8.64
C PRO A 9 -1.77 2.34 8.55
N ARG A 10 -2.30 2.39 7.35
CA ARG A 10 -3.73 2.28 7.16
C ARG A 10 -4.05 1.25 6.09
N LEU A 11 -5.05 0.43 6.35
CA LEU A 11 -5.46 -0.59 5.42
C LEU A 11 -6.42 0.03 4.42
N CYS A 12 -6.06 0.01 3.16
CA CYS A 12 -6.81 0.73 2.15
C CYS A 12 -7.54 -0.24 1.24
N CYS A 13 -8.86 -0.28 1.37
CA CYS A 13 -9.67 -1.10 0.50
C CYS A 13 -10.08 -0.29 -0.71
N LEU A 14 -9.48 -0.57 -1.85
CA LEU A 14 -9.81 0.14 -3.07
C LEU A 14 -10.90 -0.61 -3.84
N GLU A 15 -12.00 0.08 -4.06
CA GLU A 15 -13.14 -0.48 -4.77
C GLU A 15 -13.01 -0.15 -6.26
N LYS A 16 -13.38 -1.09 -7.10
CA LYS A 16 -13.35 -0.87 -8.53
C LYS A 16 -14.56 -0.03 -8.92
N GLY A 17 -14.31 1.24 -9.19
CA GLY A 17 -15.36 2.16 -9.54
C GLY A 17 -15.72 2.07 -11.01
N PRO A 18 -15.63 3.19 -11.75
CA PRO A 18 -16.01 3.23 -13.16
C PRO A 18 -15.27 2.20 -14.01
N ASN A 19 -13.96 2.35 -14.11
CA ASN A 19 -13.15 1.46 -14.93
C ASN A 19 -11.83 1.16 -14.25
N GLY A 20 -11.87 0.90 -12.94
CA GLY A 20 -10.66 0.69 -12.20
C GLY A 20 -10.72 1.27 -10.81
N TYR A 21 -9.57 1.55 -10.23
CA TYR A 21 -9.51 2.05 -8.85
C TYR A 21 -9.18 3.53 -8.83
N GLY A 22 -8.45 3.99 -9.83
CA GLY A 22 -8.28 5.40 -10.05
C GLY A 22 -6.90 5.92 -9.71
N PHE A 23 -5.88 5.08 -9.80
CA PHE A 23 -4.53 5.53 -9.54
C PHE A 23 -3.56 4.97 -10.56
N HIS A 24 -2.45 5.65 -10.74
CA HIS A 24 -1.43 5.19 -11.66
C HIS A 24 -0.21 4.75 -10.88
N LEU A 25 0.11 3.47 -10.96
CA LEU A 25 1.28 2.94 -10.27
C LEU A 25 2.38 2.70 -11.29
N HIS A 26 3.51 3.34 -11.10
CA HIS A 26 4.60 3.21 -12.06
C HIS A 26 5.72 2.39 -11.43
N GLY A 27 6.34 1.56 -12.24
CA GLY A 27 7.39 0.72 -11.75
C GLY A 27 8.68 0.91 -12.50
N GLU A 28 9.78 0.82 -11.79
CA GLU A 28 11.09 0.89 -12.40
C GLU A 28 11.44 -0.48 -12.96
N LYS A 29 12.19 -0.51 -14.05
CA LYS A 29 12.44 -1.76 -14.75
C LYS A 29 13.48 -2.61 -14.02
N GLY A 30 12.99 -3.33 -13.03
CA GLY A 30 13.80 -4.30 -12.30
C GLY A 30 12.92 -5.35 -11.68
N LYS A 31 13.06 -5.55 -10.38
CA LYS A 31 12.19 -6.46 -9.66
C LYS A 31 11.24 -5.65 -8.79
N LEU A 32 11.80 -5.04 -7.75
CA LEU A 32 11.01 -4.24 -6.83
C LEU A 32 11.06 -2.77 -7.22
N GLY A 33 9.92 -2.12 -7.09
CA GLY A 33 9.81 -0.73 -7.49
C GLY A 33 8.36 -0.31 -7.63
N GLN A 34 7.61 -0.43 -6.54
CA GLN A 34 6.19 -0.13 -6.55
C GLN A 34 5.96 1.28 -6.01
N TYR A 35 5.47 2.18 -6.86
CA TYR A 35 5.22 3.55 -6.45
C TYR A 35 3.98 4.11 -7.13
N ILE A 36 3.16 4.77 -6.33
CA ILE A 36 2.00 5.48 -6.87
C ILE A 36 2.46 6.81 -7.43
N ARG A 37 1.99 7.16 -8.60
CA ARG A 37 2.41 8.41 -9.23
C ARG A 37 1.31 9.46 -9.15
N LEU A 38 0.08 9.07 -9.45
CA LEU A 38 -1.03 10.01 -9.46
C LEU A 38 -2.33 9.34 -9.04
N VAL A 39 -3.13 10.07 -8.27
CA VAL A 39 -4.44 9.59 -7.84
C VAL A 39 -5.51 10.58 -8.28
N GLU A 40 -6.58 10.07 -8.88
CA GLU A 40 -7.64 10.91 -9.37
C GLU A 40 -8.61 11.27 -8.24
N PRO A 41 -9.02 12.55 -8.17
CA PRO A 41 -9.94 13.04 -7.14
C PRO A 41 -11.30 12.36 -7.19
N GLY A 42 -11.61 11.78 -8.34
CA GLY A 42 -12.87 11.08 -8.52
C GLY A 42 -12.71 9.58 -8.53
N SER A 43 -11.87 9.06 -7.64
CA SER A 43 -11.62 7.64 -7.58
C SER A 43 -11.71 7.13 -6.14
N PRO A 44 -12.03 5.84 -5.96
CA PRO A 44 -12.04 5.21 -4.64
C PRO A 44 -10.65 5.13 -4.01
N ALA A 45 -9.63 5.38 -4.81
CA ALA A 45 -8.26 5.37 -4.33
C ALA A 45 -8.03 6.43 -3.26
N GLU A 46 -8.49 7.65 -3.52
CA GLU A 46 -8.23 8.77 -2.62
C GLU A 46 -8.99 8.63 -1.30
N LYS A 47 -10.17 8.05 -1.36
CA LYS A 47 -10.98 7.86 -0.15
C LYS A 47 -10.44 6.71 0.69
N ALA A 48 -9.76 5.78 0.05
CA ALA A 48 -9.17 4.65 0.76
C ALA A 48 -7.97 5.10 1.59
N GLY A 49 -7.51 6.30 1.30
CA GLY A 49 -6.36 6.84 2.02
C GLY A 49 -5.07 6.72 1.25
N LEU A 50 -5.16 6.20 0.03
CA LEU A 50 -4.00 5.99 -0.82
C LEU A 50 -3.54 7.34 -1.40
N LEU A 51 -2.24 7.60 -1.30
CA LEU A 51 -1.68 8.87 -1.75
C LEU A 51 -0.89 8.68 -3.05
N ALA A 52 -0.60 9.80 -3.72
CA ALA A 52 0.01 9.77 -5.04
C ALA A 52 1.54 9.73 -4.95
N GLY A 53 2.07 8.95 -4.02
CA GLY A 53 3.50 8.81 -3.90
C GLY A 53 3.91 7.68 -2.96
N ASP A 54 2.97 6.82 -2.62
CA ASP A 54 3.22 5.78 -1.63
C ASP A 54 3.93 4.58 -2.25
N ARG A 55 4.60 3.83 -1.39
CA ARG A 55 5.16 2.54 -1.78
C ARG A 55 4.17 1.45 -1.41
N LEU A 56 4.01 0.46 -2.27
CA LEU A 56 3.11 -0.64 -1.98
C LEU A 56 3.87 -1.77 -1.30
N VAL A 57 3.49 -2.06 -0.06
CA VAL A 57 4.17 -3.07 0.73
C VAL A 57 3.55 -4.45 0.49
N GLU A 58 2.24 -4.53 0.64
CA GLU A 58 1.55 -5.78 0.42
C GLU A 58 0.17 -5.53 -0.19
N VAL A 59 -0.37 -6.56 -0.81
CA VAL A 59 -1.68 -6.48 -1.44
C VAL A 59 -2.49 -7.73 -1.11
N ASN A 60 -3.66 -7.53 -0.51
CA ASN A 60 -4.58 -8.62 -0.18
C ASN A 60 -3.93 -9.65 0.74
N GLY A 61 -3.02 -9.20 1.60
CA GLY A 61 -2.44 -10.07 2.60
C GLY A 61 -1.13 -10.68 2.16
N GLU A 62 -0.79 -10.59 0.88
CA GLU A 62 0.43 -11.18 0.39
C GLU A 62 1.49 -10.10 0.19
N ASN A 63 2.72 -10.41 0.59
CA ASN A 63 3.81 -9.45 0.58
C ASN A 63 4.40 -9.32 -0.81
N VAL A 64 4.33 -8.11 -1.37
CA VAL A 64 4.73 -7.88 -2.76
C VAL A 64 5.88 -6.90 -2.84
N GLU A 65 6.81 -7.01 -1.89
CA GLU A 65 7.94 -6.08 -1.82
C GLU A 65 9.10 -6.50 -2.73
N LYS A 66 9.08 -7.75 -3.21
CA LYS A 66 10.20 -8.24 -4.00
C LYS A 66 9.78 -8.76 -5.37
N GLU A 67 8.49 -8.78 -5.66
CA GLU A 67 8.04 -9.27 -6.96
C GLU A 67 7.95 -8.13 -7.97
N THR A 68 7.90 -8.46 -9.25
CA THR A 68 8.05 -7.47 -10.30
C THR A 68 6.88 -6.49 -10.34
N HIS A 69 7.07 -5.37 -11.03
CA HIS A 69 6.03 -4.39 -11.18
C HIS A 69 4.79 -5.02 -11.81
N GLN A 70 5.00 -5.83 -12.84
CA GLN A 70 3.92 -6.49 -13.54
C GLN A 70 3.16 -7.44 -12.60
N GLN A 71 3.90 -8.19 -11.79
CA GLN A 71 3.30 -9.11 -10.84
C GLN A 71 2.43 -8.36 -9.85
N VAL A 72 2.96 -7.27 -9.31
CA VAL A 72 2.24 -6.46 -8.32
C VAL A 72 0.92 -5.92 -8.88
N VAL A 73 0.95 -5.41 -10.10
CA VAL A 73 -0.27 -4.89 -10.72
C VAL A 73 -1.28 -6.03 -10.91
N SER A 74 -0.79 -7.21 -11.24
CA SER A 74 -1.63 -8.38 -11.41
C SER A 74 -2.31 -8.73 -10.08
N ARG A 75 -1.58 -8.54 -8.99
CA ARG A 75 -2.10 -8.77 -7.65
C ARG A 75 -3.32 -7.89 -7.38
N ILE A 76 -3.20 -6.64 -7.77
CA ILE A 76 -4.27 -5.66 -7.56
C ILE A 76 -5.49 -5.99 -8.40
N ARG A 77 -5.24 -6.33 -9.67
CA ARG A 77 -6.32 -6.64 -10.61
C ARG A 77 -7.01 -7.95 -10.24
N ALA A 78 -6.29 -8.83 -9.55
CA ALA A 78 -6.80 -10.14 -9.17
C ALA A 78 -7.91 -10.03 -8.13
N ALA A 79 -8.08 -8.84 -7.58
CA ALA A 79 -9.05 -8.61 -6.52
C ALA A 79 -10.45 -8.40 -7.08
N LEU A 80 -10.51 -8.10 -8.37
CA LEU A 80 -11.75 -7.91 -9.10
C LEU A 80 -12.45 -6.60 -8.71
N ASN A 81 -13.16 -6.61 -7.60
CA ASN A 81 -13.97 -5.47 -7.20
C ASN A 81 -13.39 -4.76 -5.98
N ALA A 82 -12.76 -5.50 -5.09
CA ALA A 82 -12.25 -4.94 -3.84
C ALA A 82 -10.88 -5.51 -3.50
N VAL A 83 -9.95 -4.63 -3.14
CA VAL A 83 -8.57 -5.03 -2.91
C VAL A 83 -7.98 -4.31 -1.70
N ARG A 84 -7.19 -5.03 -0.91
CA ARG A 84 -6.51 -4.43 0.24
C ARG A 84 -5.11 -3.99 -0.13
N LEU A 85 -4.89 -2.68 -0.05
CA LEU A 85 -3.61 -2.08 -0.38
C LEU A 85 -2.93 -1.57 0.87
N LEU A 86 -1.71 -2.00 1.12
CA LEU A 86 -0.93 -1.43 2.21
C LEU A 86 0.13 -0.50 1.64
N VAL A 87 0.08 0.76 2.06
CA VAL A 87 0.93 1.79 1.46
C VAL A 87 1.65 2.61 2.53
N VAL A 88 2.80 3.16 2.17
CA VAL A 88 3.59 3.97 3.09
C VAL A 88 4.37 5.04 2.31
N ASP A 89 4.52 6.22 2.91
CA ASP A 89 5.26 7.33 2.29
C ASP A 89 6.74 6.95 2.16
N PRO A 90 7.41 7.39 1.09
CA PRO A 90 8.83 7.06 0.84
C PRO A 90 9.74 7.50 1.98
N GLU A 91 9.50 8.69 2.51
CA GLU A 91 10.29 9.20 3.62
C GLU A 91 9.95 8.46 4.91
N THR A 92 8.67 8.28 5.14
CA THR A 92 8.19 7.60 6.33
C THR A 92 8.71 6.16 6.36
N ASP A 93 8.63 5.49 5.21
CA ASP A 93 9.04 4.09 5.07
C ASP A 93 10.51 3.91 5.47
N GLU A 94 11.33 4.85 5.03
CA GLU A 94 12.76 4.83 5.33
C GLU A 94 13.00 4.89 6.84
N GLN A 95 12.25 5.73 7.51
CA GLN A 95 12.34 5.84 8.95
C GLN A 95 11.72 4.62 9.62
N LEU A 96 10.59 4.16 9.07
CA LEU A 96 9.83 3.06 9.65
C LEU A 96 10.58 1.73 9.57
N GLN A 97 11.38 1.54 8.52
CA GLN A 97 12.17 0.33 8.40
C GLN A 97 13.20 0.25 9.53
N LYS A 98 13.68 1.42 9.96
CA LYS A 98 14.61 1.52 11.08
C LYS A 98 13.91 1.16 12.40
N LEU A 99 12.59 1.25 12.38
CA LEU A 99 11.79 0.87 13.54
C LEU A 99 11.40 -0.61 13.43
N GLY A 100 10.71 -0.92 12.33
CA GLY A 100 10.48 -2.29 11.91
C GLY A 100 9.94 -3.23 12.97
N VAL A 101 9.24 -2.70 13.96
CA VAL A 101 8.74 -3.52 15.05
C VAL A 101 7.33 -4.03 14.76
N GLN A 102 7.26 -5.11 13.97
CA GLN A 102 6.01 -5.85 13.71
C GLN A 102 4.95 -5.02 12.98
N VAL A 103 5.29 -3.81 12.58
CA VAL A 103 4.29 -2.86 12.13
C VAL A 103 3.87 -3.07 10.66
N ARG A 104 4.48 -4.05 10.00
CA ARG A 104 4.19 -4.26 8.58
C ARG A 104 2.89 -5.04 8.39
N GLU A 105 2.42 -5.68 9.44
CA GLU A 105 1.19 -6.48 9.36
C GLU A 105 0.63 -6.76 10.76
N GLU A 106 1.50 -7.24 11.66
CA GLU A 106 1.06 -7.66 12.99
C GLU A 106 0.57 -6.48 13.83
N LEU A 107 1.36 -5.40 13.87
CA LEU A 107 0.98 -4.24 14.66
C LEU A 107 -0.23 -3.55 14.02
N LEU A 108 -0.37 -3.71 12.71
CA LEU A 108 -1.55 -3.18 12.01
C LEU A 108 -2.81 -3.85 12.53
N ARG A 109 -2.68 -5.08 13.00
CA ARG A 109 -3.80 -5.82 13.57
C ARG A 109 -3.78 -5.72 15.09
N ALA A 110 -3.14 -4.68 15.59
CA ALA A 110 -3.02 -4.47 17.02
C ALA A 110 -2.87 -3.00 17.33
N GLN A 111 -3.55 -2.19 16.53
CA GLN A 111 -3.51 -0.75 16.68
C GLN A 111 -4.55 -0.28 17.69
N GLU A 112 -4.77 1.03 17.71
CA GLU A 112 -5.73 1.65 18.64
C GLU A 112 -5.28 1.43 20.07
N ALA A 113 -4.56 2.42 20.60
CA ALA A 113 -3.86 2.29 21.88
C ALA A 113 -2.86 1.13 21.80
N PRO A 114 -1.85 1.24 20.93
CA PRO A 114 -0.87 0.19 20.71
C PRO A 114 0.28 0.23 21.71
N GLY A 115 0.56 -0.91 22.32
CA GLY A 115 1.64 -0.98 23.28
C GLY A 115 1.14 -1.23 24.68
N GLN A 116 1.53 -0.36 25.60
CA GLN A 116 1.12 -0.50 26.99
C GLN A 116 -0.20 0.24 27.21
N ALA A 117 -1.30 -0.42 26.88
CA ALA A 117 -2.62 0.15 27.06
C ALA A 117 -3.63 -0.95 27.35
N GLN B 1 4.78 6.90 -18.86
CA GLN B 1 3.40 6.49 -18.53
C GLN B 1 3.34 4.99 -18.32
N ASP B 2 2.74 4.58 -17.20
CA ASP B 2 2.71 3.18 -16.81
C ASP B 2 1.28 2.64 -16.91
N THR B 3 0.93 1.71 -16.04
CA THR B 3 -0.38 1.09 -16.07
C THR B 3 -1.36 1.87 -15.21
N ARG B 4 -2.61 1.97 -15.67
CA ARG B 4 -3.65 2.60 -14.89
C ARG B 4 -4.38 1.55 -14.07
N LEU B 5 -4.55 1.83 -12.79
CA LEU B 5 -5.27 0.93 -11.90
C LEU B 5 -6.59 1.56 -11.52
#